data_7ZF5
#
_entry.id   7ZF5
#
_cell.length_a   95.492
_cell.length_b   156.014
_cell.length_c   122.089
_cell.angle_alpha   90.000
_cell.angle_beta   90.274
_cell.angle_gamma   90.000
#
_symmetry.space_group_name_H-M   'P 1 21 1'
#
loop_
_entity.id
_entity.type
_entity.pdbx_description
1 polymer 'Beta-54 heavy chain'
2 polymer 'Beta-54 light chain'
3 polymer 'Spike protein S1'
4 polymer 'Omi-12 heavy chain'
5 polymer 'Omi-12 light chain'
#
loop_
_entity_poly.entity_id
_entity_poly.type
_entity_poly.pdbx_seq_one_letter_code
_entity_poly.pdbx_strand_id
1 'polypeptide(L)'
;QVQLQESGPGLVKPSETLSLTCTVFGGSITSSNHYWVWIRQPPGKGLEWIGSMYYSGSTAYNPSLTNRVTISVDTSKNQF
SLKLSSVTAADTAVYYCARQIGPKRPSQVADWFDPWGQGTLVTVSSASTKGPSVFPLAPSSKSTSGGTAALGCLVKDYFP
EPVTVSWNSGALTSGVHTFPAVLQSSGLYSLSSVVTVPSSSLGTQTYICNVNHKPSNTKVDKKVEPKSCDK
;
H,B
2 'polypeptide(L)'
;DIQLTQSPSFLSASVGDRVTITCRASQGISSYLAWYQQKPGKAPKLLIYAASTLQSGVPSRFSGSGSGTEFTLTISSLQP
EDFATYYCQQLNSYPLTFGGGTKVEIKRTVAAPSVFIFPPSDEQLKSGTASVVCLLNNFYPREAKVQWKVDNALQSGNSQ
ESVTEQDSKDSTYSLSSTLTLSKADYEKHKVYACEVTHQGLSSPVTKSFNRGEC
;
L,C
3 'polypeptide(L)'
;HHHHHHTNLCPFDEVFNATRFASVYAWNRKRISNCVADYSVLYNLAPFFTFKCYGVSPTKLNDLCFTNVYADSFVIRGDE
VRQIAPGQTGNIADYNYKLPDDFTGCVIAWNSNKLDSKVSGNYNYLYRLFRKSNLKPFERDISTEIYQAGNKPCNGVAGF
NCYFPLRSYSFRPTYGVGHQPYRVVVLSFELLHAPATVCGKK
;
E,A
4 'polypeptide(L)'
;EVQLVESGPEVKKPGTSVKVSCKASGFSFSMSAMQWVRRARGQRLEWIGWIVPGSGNANYAQKFQERVTITRDESTNTGY
MELSSLRSEDTAVYYCAAPHCNKTNCYDAFDIWGQGTMVTVSSASTKGPSVFPLAPSSKSTSGGTAALGCLVKDYFPEPV
TVSWNSGALTSGVHTFPAVLQSSGLYSLSSVVTVPSSSLGTQTYICNVNHKPSNTKVDKRVEPKSCDK
;
D,G
5 'polypeptide(L)'
;AIRMTQSPGTLSLSPGERATLSCRASQSVRSSYLAWYQQKPGQAPRLLIYGASTRATGIPDRFSGSGSGTDFILTINRLE
PEDLAVYYCQQFGSSPWTFGQGTKVDIKRTVAAPSVFIFPPSDEQLKSGTASVVCLLNNFYPREAKVQWKVDNALQSGNS
QESVTEQDSKDSTYSLSSTLTLSKADYEKHKVYACEVTHQGLSSPVTKSFNRGEC
;
F,I
#
# COMPACT_ATOMS: atom_id res chain seq x y z
N GLN A 1 45.66 -13.40 21.63
CA GLN A 1 45.03 -13.91 20.41
C GLN A 1 43.59 -14.36 20.68
N VAL A 2 42.63 -13.65 20.09
CA VAL A 2 41.22 -13.97 20.29
C VAL A 2 40.87 -15.23 19.52
N GLN A 3 40.11 -16.13 20.17
CA GLN A 3 39.67 -17.37 19.55
C GLN A 3 38.16 -17.51 19.74
N LEU A 4 37.51 -18.15 18.77
CA LEU A 4 36.08 -18.42 18.83
C LEU A 4 35.84 -19.92 18.68
N GLN A 5 35.10 -20.48 19.62
CA GLN A 5 34.81 -21.92 19.66
C GLN A 5 33.29 -22.09 19.65
N GLU A 6 32.74 -22.46 18.50
CA GLU A 6 31.30 -22.63 18.43
C GLU A 6 30.89 -24.06 18.72
N SER A 7 29.61 -24.24 19.04
CA SER A 7 29.07 -25.53 19.42
C SER A 7 27.57 -25.52 19.16
N GLY A 8 26.98 -26.71 19.19
CA GLY A 8 25.57 -26.84 18.97
C GLY A 8 25.22 -28.04 18.12
N PRO A 9 23.95 -28.41 18.09
CA PRO A 9 23.53 -29.61 17.34
C PRO A 9 23.66 -29.40 15.84
N GLY A 10 24.18 -30.41 15.16
CA GLY A 10 24.27 -30.38 13.72
C GLY A 10 23.07 -30.92 12.99
N LEU A 11 22.00 -31.26 13.70
CA LEU A 11 20.79 -31.82 13.11
C LEU A 11 19.58 -31.12 13.69
N VAL A 12 18.74 -30.56 12.83
CA VAL A 12 17.52 -29.88 13.24
C VAL A 12 16.39 -30.34 12.32
N LYS A 13 15.28 -30.80 12.90
CA LYS A 13 14.16 -31.23 12.11
C LYS A 13 13.47 -30.02 11.47
N PRO A 14 12.77 -30.21 10.35
CA PRO A 14 12.09 -29.08 9.70
C PRO A 14 11.06 -28.44 10.61
N SER A 15 10.94 -27.12 10.47
CA SER A 15 10.01 -26.28 11.23
C SER A 15 10.45 -26.09 12.68
N GLU A 16 11.49 -26.79 13.10
CA GLU A 16 12.05 -26.60 14.44
C GLU A 16 12.94 -25.35 14.44
N THR A 17 13.73 -25.16 15.50
CA THR A 17 14.54 -23.96 15.65
C THR A 17 16.00 -24.35 15.79
N LEU A 18 16.83 -23.86 14.85
CA LEU A 18 18.27 -24.03 14.94
C LEU A 18 18.82 -23.19 16.08
N SER A 19 19.84 -23.71 16.77
CA SER A 19 20.43 -23.01 17.89
C SER A 19 21.92 -23.32 17.97
N LEU A 20 22.75 -22.29 17.96
CA LEU A 20 24.20 -22.44 18.03
C LEU A 20 24.77 -21.41 18.98
N THR A 21 25.91 -21.75 19.60
CA THR A 21 26.57 -20.91 20.58
C THR A 21 28.04 -20.77 20.23
N CYS A 22 28.60 -19.59 20.51
CA CYS A 22 30.00 -19.29 20.25
C CYS A 22 30.62 -18.75 21.54
N THR A 23 31.75 -19.34 21.95
CA THR A 23 32.44 -18.96 23.17
C THR A 23 33.75 -18.25 22.81
N VAL A 24 33.94 -17.06 23.36
CA VAL A 24 35.11 -16.23 23.05
C VAL A 24 36.22 -16.58 24.02
N PHE A 25 37.42 -16.79 23.49
CA PHE A 25 38.62 -17.06 24.29
C PHE A 25 39.68 -16.02 24.00
N GLY A 26 40.53 -15.76 24.99
CA GLY A 26 41.60 -14.80 24.82
C GLY A 26 41.14 -13.36 24.71
N GLY A 27 39.98 -13.04 25.25
CA GLY A 27 39.44 -11.69 25.17
C GLY A 27 38.01 -11.62 25.65
N SER A 28 37.60 -10.47 26.16
CA SER A 28 36.26 -10.32 26.69
C SER A 28 35.25 -10.01 25.59
N ILE A 29 34.01 -10.45 25.81
CA ILE A 29 32.96 -10.20 24.83
C ILE A 29 32.39 -8.80 24.95
N THR A 30 32.65 -8.10 26.06
CA THR A 30 32.21 -6.72 26.19
C THR A 30 33.20 -5.79 25.48
N SER A 31 33.49 -6.09 24.23
CA SER A 31 34.37 -5.25 23.43
C SER A 31 33.61 -4.02 22.96
N SER A 32 34.22 -2.84 23.12
CA SER A 32 33.59 -1.59 22.74
C SER A 32 33.82 -1.23 21.27
N ASN A 33 34.62 -2.00 20.54
CA ASN A 33 34.95 -1.68 19.16
C ASN A 33 34.79 -2.89 18.23
N HIS A 34 33.98 -3.87 18.63
CA HIS A 34 33.77 -5.06 17.82
C HIS A 34 32.32 -5.50 17.91
N TYR A 35 31.85 -6.12 16.83
CA TYR A 35 30.56 -6.78 16.79
C TYR A 35 30.77 -8.30 16.76
N TRP A 36 29.74 -9.03 17.17
CA TRP A 36 29.77 -10.49 17.19
C TRP A 36 28.71 -10.98 16.21
N VAL A 37 29.13 -11.75 15.22
CA VAL A 37 28.35 -11.98 14.02
C VAL A 37 28.18 -13.48 13.77
N TRP A 38 27.28 -13.80 12.84
CA TRP A 38 27.07 -15.14 12.33
C TRP A 38 27.03 -15.09 10.81
N ILE A 39 27.68 -16.06 10.17
CA ILE A 39 27.74 -16.17 8.72
C ILE A 39 27.56 -17.64 8.36
N ARG A 40 26.80 -17.90 7.29
CA ARG A 40 26.52 -19.27 6.89
C ARG A 40 26.90 -19.46 5.43
N GLN A 41 27.21 -20.72 5.09
CA GLN A 41 27.67 -21.08 3.75
C GLN A 41 26.99 -22.38 3.35
N PRO A 42 25.97 -22.32 2.50
CA PRO A 42 25.34 -23.55 2.01
C PRO A 42 26.36 -24.42 1.30
N PRO A 43 26.23 -25.74 1.40
CA PRO A 43 27.22 -26.64 0.77
C PRO A 43 27.32 -26.39 -0.72
N GLY A 44 28.54 -26.06 -1.16
CA GLY A 44 28.79 -25.74 -2.55
C GLY A 44 28.40 -24.35 -2.97
N LYS A 45 28.05 -23.47 -2.04
CA LYS A 45 27.60 -22.12 -2.34
C LYS A 45 28.50 -21.10 -1.65
N GLY A 46 28.16 -19.83 -1.80
CA GLY A 46 28.92 -18.74 -1.26
C GLY A 46 28.56 -18.41 0.18
N LEU A 47 28.99 -17.22 0.60
CA LEU A 47 28.81 -16.77 1.97
C LEU A 47 27.64 -15.81 2.08
N GLU A 48 26.84 -15.96 3.14
CA GLU A 48 25.70 -15.09 3.40
C GLU A 48 25.80 -14.57 4.84
N TRP A 49 25.78 -13.26 4.99
CA TRP A 49 25.84 -12.64 6.31
C TRP A 49 24.48 -12.75 6.99
N ILE A 50 24.49 -13.23 8.24
CA ILE A 50 23.24 -13.44 8.97
C ILE A 50 22.91 -12.24 9.86
N GLY A 51 23.85 -11.83 10.70
CA GLY A 51 23.58 -10.73 11.60
C GLY A 51 24.81 -10.39 12.42
N SER A 52 24.76 -9.19 13.02
CA SER A 52 25.83 -8.66 13.84
C SER A 52 25.24 -8.07 15.12
N MET A 53 26.04 -8.06 16.19
CA MET A 53 25.52 -7.66 17.50
C MET A 53 26.60 -6.97 18.32
N TYR A 54 26.20 -5.90 19.00
CA TYR A 54 27.00 -5.25 20.03
C TYR A 54 26.65 -5.86 21.39
N TYR A 55 27.65 -5.92 22.28
CA TYR A 55 27.48 -6.64 23.53
C TYR A 55 26.30 -6.10 24.35
N SER A 56 26.00 -4.81 24.22
CA SER A 56 24.97 -4.20 25.04
C SER A 56 23.56 -4.42 24.51
N GLY A 57 23.41 -5.09 23.36
CA GLY A 57 22.08 -5.47 22.92
C GLY A 57 21.75 -5.24 21.45
N SER A 58 22.21 -4.12 20.88
CA SER A 58 21.80 -3.74 19.54
C SER A 58 22.19 -4.79 18.52
N THR A 59 21.31 -5.01 17.54
CA THR A 59 21.52 -6.01 16.50
C THR A 59 21.30 -5.39 15.13
N ALA A 60 21.84 -6.08 14.12
CA ALA A 60 21.54 -5.80 12.72
C ALA A 60 21.43 -7.14 12.01
N TYR A 61 20.26 -7.43 11.46
CA TYR A 61 19.99 -8.71 10.81
C TYR A 61 19.89 -8.53 9.30
N ASN A 62 20.08 -9.64 8.60
CA ASN A 62 19.92 -9.63 7.14
C ASN A 62 18.44 -9.62 6.82
N PRO A 63 17.93 -8.62 6.08
CA PRO A 63 16.52 -8.64 5.69
C PRO A 63 16.12 -9.84 4.84
N SER A 64 17.08 -10.62 4.34
CA SER A 64 16.77 -11.81 3.55
C SER A 64 16.38 -12.99 4.42
N LEU A 65 16.54 -12.89 5.74
CA LEU A 65 16.18 -13.95 6.67
C LEU A 65 14.92 -13.62 7.45
N THR A 66 14.07 -12.73 6.91
CA THR A 66 12.84 -12.26 7.54
C THR A 66 13.01 -12.02 9.05
N ASN A 67 12.00 -12.37 9.83
CA ASN A 67 12.03 -12.19 11.28
C ASN A 67 12.22 -13.51 12.02
N ARG A 68 13.02 -14.42 11.47
CA ARG A 68 13.26 -15.71 12.10
C ARG A 68 14.69 -15.82 12.63
N VAL A 69 15.40 -14.69 12.76
CA VAL A 69 16.76 -14.67 13.27
C VAL A 69 16.79 -13.90 14.57
N THR A 70 17.38 -14.52 15.60
CA THR A 70 17.67 -13.85 16.85
C THR A 70 19.09 -14.17 17.26
N ILE A 71 19.87 -13.14 17.55
CA ILE A 71 21.20 -13.27 18.14
C ILE A 71 21.10 -12.75 19.57
N SER A 72 21.91 -13.34 20.45
CA SER A 72 21.88 -12.96 21.85
C SER A 72 23.29 -13.06 22.42
N VAL A 73 23.52 -12.37 23.52
CA VAL A 73 24.82 -12.33 24.17
C VAL A 73 24.65 -12.67 25.66
N ASP A 74 25.55 -13.51 26.17
CA ASP A 74 25.65 -13.84 27.59
C ASP A 74 27.00 -13.32 28.06
N THR A 75 27.03 -12.06 28.53
CA THR A 75 28.29 -11.47 28.97
C THR A 75 28.91 -12.26 30.11
N SER A 76 28.07 -12.79 31.01
CA SER A 76 28.57 -13.51 32.17
C SER A 76 29.20 -14.86 31.82
N LYS A 77 29.06 -15.32 30.58
CA LYS A 77 29.67 -16.57 30.15
C LYS A 77 30.55 -16.38 28.92
N ASN A 78 30.77 -15.14 28.49
CA ASN A 78 31.61 -14.85 27.32
C ASN A 78 31.11 -15.56 26.07
N GLN A 79 29.79 -15.60 25.91
CA GLN A 79 29.16 -16.32 24.82
C GLN A 79 28.19 -15.42 24.07
N PHE A 80 27.97 -15.74 22.80
CA PHE A 80 26.86 -15.20 22.05
C PHE A 80 26.28 -16.32 21.18
N SER A 81 24.98 -16.23 20.92
CA SER A 81 24.22 -17.36 20.36
C SER A 81 23.44 -16.93 19.13
N LEU A 82 23.02 -17.92 18.36
CA LEU A 82 22.19 -17.73 17.17
C LEU A 82 20.99 -18.65 17.25
N LYS A 83 19.81 -18.10 16.94
CA LYS A 83 18.59 -18.88 16.89
C LYS A 83 17.85 -18.57 15.60
N LEU A 84 17.68 -19.59 14.75
CA LEU A 84 16.99 -19.48 13.48
C LEU A 84 15.75 -20.38 13.54
N SER A 85 14.57 -19.78 13.49
CA SER A 85 13.33 -20.50 13.68
C SER A 85 12.71 -20.89 12.34
N SER A 86 11.83 -21.89 12.40
CA SER A 86 11.08 -22.37 11.22
C SER A 86 12.03 -22.72 10.07
N VAL A 87 13.00 -23.57 10.36
CA VAL A 87 14.04 -23.88 9.37
C VAL A 87 13.48 -24.80 8.29
N THR A 88 14.00 -24.64 7.08
CA THR A 88 13.73 -25.52 5.95
C THR A 88 15.05 -26.09 5.45
N ALA A 89 14.97 -26.97 4.44
CA ALA A 89 16.19 -27.49 3.81
C ALA A 89 17.06 -26.39 3.24
N ALA A 90 16.49 -25.24 2.89
CA ALA A 90 17.26 -24.10 2.42
C ALA A 90 18.14 -23.50 3.51
N ASP A 91 18.02 -23.96 4.75
CA ASP A 91 18.84 -23.48 5.85
C ASP A 91 19.99 -24.42 6.17
N THR A 92 20.10 -25.54 5.47
CA THR A 92 21.22 -26.47 5.65
C THR A 92 22.49 -25.78 5.17
N ALA A 93 23.41 -25.51 6.10
CA ALA A 93 24.64 -24.82 5.75
C ALA A 93 25.64 -24.99 6.88
N VAL A 94 26.90 -24.70 6.56
CA VAL A 94 27.93 -24.56 7.59
C VAL A 94 27.82 -23.16 8.17
N TYR A 95 27.53 -23.08 9.46
CA TYR A 95 27.36 -21.79 10.14
C TYR A 95 28.65 -21.43 10.86
N TYR A 96 29.11 -20.20 10.65
CA TYR A 96 30.29 -19.67 11.33
C TYR A 96 29.87 -18.54 12.27
N CYS A 97 30.51 -18.49 13.43
CA CYS A 97 30.56 -17.26 14.20
C CYS A 97 31.87 -16.55 13.90
N ALA A 98 31.84 -15.21 13.98
CA ALA A 98 33.02 -14.42 13.69
C ALA A 98 32.96 -13.12 14.47
N ARG A 99 34.08 -12.41 14.48
CA ARG A 99 34.21 -11.11 15.10
C ARG A 99 34.33 -10.06 14.00
N GLN A 100 33.48 -9.04 14.05
CA GLN A 100 33.48 -7.94 13.10
C GLN A 100 34.01 -6.69 13.80
N ILE A 101 34.97 -6.03 13.18
CA ILE A 101 35.50 -4.77 13.72
C ILE A 101 34.54 -3.64 13.33
N GLY A 102 34.20 -2.81 14.30
CA GLY A 102 33.31 -1.70 14.07
C GLY A 102 34.08 -0.41 13.87
N PRO A 103 33.45 0.56 13.22
CA PRO A 103 34.10 1.86 13.03
C PRO A 103 34.12 2.67 14.32
N LYS A 104 35.18 3.44 14.50
CA LYS A 104 35.27 4.37 15.62
C LYS A 104 34.87 5.79 15.24
N ARG A 105 34.88 6.12 13.96
CA ARG A 105 34.54 7.42 13.42
C ARG A 105 33.50 7.26 12.32
N PRO A 106 32.76 8.32 12.02
CA PRO A 106 31.83 8.29 10.88
C PRO A 106 32.59 8.11 9.58
N SER A 107 32.11 7.16 8.76
CA SER A 107 32.70 6.88 7.45
C SER A 107 34.15 6.38 7.58
N GLN A 108 34.39 5.52 8.57
CA GLN A 108 35.67 4.85 8.71
C GLN A 108 35.56 3.43 8.17
N VAL A 109 36.62 2.98 7.49
CA VAL A 109 36.59 1.65 6.88
C VAL A 109 36.70 0.61 7.98
N ALA A 110 35.65 -0.18 8.17
CA ALA A 110 35.65 -1.28 9.13
C ALA A 110 34.84 -2.44 8.57
N ASP A 111 34.17 -3.19 9.45
CA ASP A 111 33.15 -4.17 9.09
C ASP A 111 33.70 -5.39 8.37
N TRP A 112 34.99 -5.71 8.54
CA TRP A 112 35.52 -6.98 8.08
C TRP A 112 35.55 -7.97 9.24
N PHE A 113 35.75 -9.24 8.92
CA PHE A 113 35.58 -10.33 9.87
C PHE A 113 36.92 -11.00 10.16
N ASP A 114 37.29 -11.04 11.44
CA ASP A 114 38.54 -11.63 11.94
C ASP A 114 38.52 -11.62 13.46
N PRO A 115 38.61 -12.78 14.13
CA PRO A 115 38.72 -14.12 13.55
C PRO A 115 37.37 -14.81 13.36
N TRP A 116 37.42 -16.07 12.92
CA TRP A 116 36.23 -16.86 12.66
C TRP A 116 36.22 -18.10 13.55
N GLY A 117 35.04 -18.58 13.87
CA GLY A 117 34.90 -19.92 14.39
C GLY A 117 35.28 -20.96 13.35
N GLN A 118 35.38 -22.21 13.79
CA GLN A 118 35.78 -23.27 12.88
C GLN A 118 34.67 -23.71 11.96
N GLY A 119 33.42 -23.37 12.25
CA GLY A 119 32.31 -23.77 11.41
C GLY A 119 31.59 -25.01 11.90
N THR A 120 30.26 -24.96 11.93
CA THR A 120 29.45 -26.09 12.35
C THR A 120 28.41 -26.36 11.27
N LEU A 121 28.43 -27.58 10.72
CA LEU A 121 27.41 -27.96 9.75
C LEU A 121 26.11 -28.29 10.47
N VAL A 122 25.04 -27.64 10.04
CA VAL A 122 23.70 -27.93 10.54
C VAL A 122 22.87 -28.44 9.38
N THR A 123 22.36 -29.66 9.51
CA THR A 123 21.56 -30.29 8.47
C THR A 123 20.10 -30.27 8.89
N VAL A 124 19.25 -29.67 8.07
CA VAL A 124 17.82 -29.64 8.31
C VAL A 124 17.22 -30.90 7.70
N SER A 125 16.76 -31.81 8.55
CA SER A 125 16.21 -33.08 8.10
C SER A 125 15.43 -33.72 9.25
N SER A 126 14.40 -34.47 8.89
CA SER A 126 13.62 -35.22 9.87
C SER A 126 14.18 -36.61 10.13
N ALA A 127 14.59 -36.94 9.00
CA ALA A 127 15.17 -38.26 9.14
C ALA A 127 15.84 -38.41 10.50
N SER A 128 15.89 -39.64 10.99
CA SER A 128 16.46 -39.92 12.30
C SER A 128 17.98 -40.03 12.22
N THR A 129 18.61 -39.96 13.39
CA THR A 129 20.06 -40.04 13.48
C THR A 129 20.52 -41.49 13.49
N LYS A 130 21.57 -41.78 12.72
CA LYS A 130 22.18 -43.10 12.70
C LYS A 130 23.69 -42.96 12.70
N GLY A 131 24.35 -43.73 13.56
CA GLY A 131 25.79 -43.76 13.62
C GLY A 131 26.36 -44.73 12.59
N PRO A 132 27.63 -44.56 12.26
CA PRO A 132 28.21 -45.33 11.16
C PRO A 132 28.67 -46.71 11.60
N SER A 133 28.89 -47.56 10.59
CA SER A 133 29.63 -48.80 10.74
C SER A 133 30.99 -48.62 10.06
N VAL A 134 32.04 -49.07 10.71
CA VAL A 134 33.40 -48.88 10.22
C VAL A 134 33.96 -50.24 9.80
N PHE A 135 34.22 -50.38 8.51
CA PHE A 135 34.82 -51.58 7.96
C PHE A 135 36.22 -51.29 7.45
N PRO A 136 37.16 -52.20 7.61
CA PRO A 136 38.54 -51.95 7.15
C PRO A 136 38.65 -52.09 5.64
N LEU A 137 39.55 -51.29 5.08
CA LEU A 137 39.99 -51.42 3.69
C LEU A 137 41.44 -51.90 3.75
N ALA A 138 41.62 -53.22 3.73
CA ALA A 138 42.90 -53.84 4.00
C ALA A 138 43.87 -53.69 2.83
N PRO A 139 45.17 -53.55 3.11
CA PRO A 139 46.16 -53.48 2.03
C PRO A 139 46.24 -54.80 1.29
N SER A 140 46.37 -54.71 -0.04
CA SER A 140 46.39 -55.90 -0.87
C SER A 140 47.58 -56.78 -0.52
N SER A 141 47.35 -58.10 -0.53
CA SER A 141 48.41 -59.04 -0.20
C SER A 141 49.54 -58.97 -1.23
N LYS A 142 49.20 -58.81 -2.51
CA LYS A 142 50.19 -58.69 -3.56
C LYS A 142 51.12 -57.51 -3.28
N SER A 143 50.61 -56.30 -3.42
CA SER A 143 51.34 -55.06 -3.08
C SER A 143 52.65 -55.04 -3.87
N THR A 144 53.74 -54.61 -3.25
CA THR A 144 55.05 -54.59 -3.89
C THR A 144 56.08 -55.13 -2.90
N SER A 145 57.32 -55.23 -3.35
CA SER A 145 58.39 -55.71 -2.47
C SER A 145 58.77 -54.66 -1.45
N GLY A 146 59.09 -53.45 -1.90
CA GLY A 146 59.45 -52.37 -1.00
C GLY A 146 58.97 -51.02 -1.48
N GLY A 147 57.79 -50.99 -2.09
CA GLY A 147 57.23 -49.75 -2.59
C GLY A 147 56.26 -49.11 -1.63
N THR A 148 55.06 -48.78 -2.11
CA THR A 148 54.04 -48.14 -1.30
C THR A 148 52.71 -48.85 -1.48
N ALA A 149 52.02 -49.09 -0.37
CA ALA A 149 50.71 -49.70 -0.36
C ALA A 149 49.68 -48.73 0.18
N ALA A 150 48.41 -49.07 -0.02
CA ALA A 150 47.31 -48.22 0.42
C ALA A 150 46.37 -49.02 1.30
N LEU A 151 45.84 -48.35 2.32
CA LEU A 151 44.86 -48.95 3.22
C LEU A 151 43.91 -47.84 3.68
N GLY A 152 42.79 -48.24 4.27
CA GLY A 152 41.85 -47.24 4.71
C GLY A 152 40.70 -47.82 5.49
N CYS A 153 39.72 -46.96 5.75
CA CYS A 153 38.52 -47.31 6.49
C CYS A 153 37.28 -46.88 5.72
N LEU A 154 36.28 -47.75 5.70
CA LEU A 154 35.00 -47.45 5.07
C LEU A 154 34.00 -47.08 6.16
N VAL A 155 33.52 -45.85 6.13
CA VAL A 155 32.55 -45.32 7.10
C VAL A 155 31.21 -45.24 6.39
N LYS A 156 30.31 -46.17 6.70
CA LYS A 156 29.11 -46.39 5.89
C LYS A 156 27.84 -46.24 6.71
N ASP A 157 26.80 -45.69 6.06
CA ASP A 157 25.43 -45.69 6.57
C ASP A 157 25.30 -44.92 7.89
N TYR A 158 25.50 -43.60 7.79
CA TYR A 158 25.34 -42.70 8.93
C TYR A 158 24.57 -41.46 8.49
N PHE A 159 24.02 -40.74 9.47
CA PHE A 159 23.23 -39.56 9.19
C PHE A 159 23.02 -38.86 10.53
N PRO A 160 23.17 -37.53 10.60
CA PRO A 160 23.54 -36.69 9.46
C PRO A 160 25.04 -36.49 9.34
N GLU A 161 25.45 -35.57 8.48
CA GLU A 161 26.83 -35.13 8.46
C GLU A 161 27.13 -34.31 9.72
N PRO A 162 28.41 -34.25 10.14
CA PRO A 162 29.55 -34.94 9.56
C PRO A 162 30.10 -36.05 10.46
N VAL A 163 31.09 -36.76 9.95
CA VAL A 163 31.98 -37.58 10.77
C VAL A 163 33.38 -37.02 10.63
N THR A 164 34.21 -37.30 11.63
CA THR A 164 35.62 -36.95 11.59
C THR A 164 36.44 -38.22 11.66
N VAL A 165 37.48 -38.30 10.84
CA VAL A 165 38.38 -39.43 10.79
C VAL A 165 39.80 -38.93 11.01
N SER A 166 40.50 -39.56 11.94
CA SER A 166 41.94 -39.39 12.12
C SER A 166 42.58 -40.76 12.16
N TRP A 167 43.90 -40.80 11.99
CA TRP A 167 44.65 -42.06 11.99
C TRP A 167 45.68 -42.03 13.11
N ASN A 168 45.75 -43.12 13.87
CA ASN A 168 46.71 -43.27 14.97
C ASN A 168 46.65 -42.08 15.92
N SER A 169 45.42 -41.73 16.31
CA SER A 169 45.16 -40.66 17.28
C SER A 169 45.78 -39.33 16.84
N GLY A 170 45.86 -39.11 15.53
CA GLY A 170 46.44 -37.90 15.00
C GLY A 170 47.90 -37.98 14.64
N ALA A 171 48.57 -39.09 14.92
CA ALA A 171 50.00 -39.24 14.63
C ALA A 171 50.27 -39.65 13.19
N LEU A 172 49.24 -39.89 12.39
CA LEU A 172 49.39 -40.22 10.98
C LEU A 172 48.55 -39.27 10.15
N THR A 173 49.21 -38.34 9.44
CA THR A 173 48.51 -37.39 8.60
C THR A 173 49.11 -37.36 7.20
N SER A 174 50.40 -37.67 7.09
CA SER A 174 51.07 -37.64 5.79
C SER A 174 50.51 -38.71 4.88
N GLY A 175 49.99 -38.31 3.73
CA GLY A 175 49.43 -39.24 2.78
C GLY A 175 47.98 -39.62 3.00
N VAL A 176 47.30 -38.98 3.93
CA VAL A 176 45.92 -39.32 4.26
C VAL A 176 44.98 -38.55 3.34
N HIS A 177 43.96 -39.24 2.85
CA HIS A 177 42.87 -38.62 2.11
C HIS A 177 41.55 -39.11 2.68
N THR A 178 40.78 -38.21 3.29
CA THR A 178 39.43 -38.50 3.73
C THR A 178 38.46 -37.90 2.72
N PHE A 179 37.71 -38.75 2.04
CA PHE A 179 36.91 -38.28 0.92
C PHE A 179 35.62 -37.64 1.40
N PRO A 180 35.10 -36.66 0.67
CA PRO A 180 33.77 -36.13 0.96
C PRO A 180 32.74 -37.25 0.94
N ALA A 181 31.81 -37.19 1.89
CA ALA A 181 30.75 -38.18 1.95
C ALA A 181 29.85 -38.08 0.72
N VAL A 182 29.33 -39.23 0.30
CA VAL A 182 28.32 -39.28 -0.75
C VAL A 182 27.02 -39.73 -0.11
N LEU A 183 25.92 -39.15 -0.55
CA LEU A 183 24.59 -39.51 -0.05
C LEU A 183 24.09 -40.69 -0.88
N GLN A 184 23.99 -41.85 -0.23
CA GLN A 184 23.53 -43.05 -0.93
C GLN A 184 22.02 -42.95 -1.18
N SER A 185 21.54 -43.84 -2.05
CA SER A 185 20.11 -43.87 -2.36
C SER A 185 19.26 -44.19 -1.13
N SER A 186 19.86 -44.80 -0.11
CA SER A 186 19.16 -45.11 1.13
C SER A 186 18.93 -43.88 1.99
N GLY A 187 19.40 -42.70 1.58
CA GLY A 187 19.31 -41.51 2.40
C GLY A 187 20.40 -41.37 3.44
N LEU A 188 21.25 -42.37 3.61
CA LEU A 188 22.34 -42.33 4.56
C LEU A 188 23.65 -41.99 3.84
N TYR A 189 24.55 -41.33 4.56
CA TYR A 189 25.83 -40.95 3.99
C TYR A 189 26.82 -42.09 4.09
N SER A 190 27.89 -41.98 3.30
CA SER A 190 28.97 -42.96 3.33
C SER A 190 30.24 -42.29 2.82
N LEU A 191 31.37 -42.61 3.44
CA LEU A 191 32.66 -42.12 2.97
C LEU A 191 33.74 -43.12 3.30
N SER A 192 34.90 -42.93 2.68
CA SER A 192 36.09 -43.71 2.97
C SER A 192 37.24 -42.76 3.27
N SER A 193 38.14 -43.20 4.14
CA SER A 193 39.36 -42.48 4.46
C SER A 193 40.53 -43.42 4.21
N VAL A 194 41.47 -42.99 3.36
CA VAL A 194 42.57 -43.83 2.95
C VAL A 194 43.90 -43.14 3.26
N VAL A 195 44.97 -43.93 3.25
CA VAL A 195 46.32 -43.43 3.49
C VAL A 195 47.29 -44.38 2.78
N THR A 196 48.33 -43.80 2.18
CA THR A 196 49.39 -44.56 1.54
C THR A 196 50.59 -44.65 2.47
N VAL A 197 51.05 -45.86 2.72
CA VAL A 197 52.20 -46.11 3.60
C VAL A 197 53.17 -47.01 2.86
N PRO A 198 54.42 -47.07 3.31
CA PRO A 198 55.36 -48.01 2.70
C PRO A 198 54.96 -49.45 2.95
N SER A 199 55.23 -50.30 1.95
CA SER A 199 54.86 -51.70 2.03
C SER A 199 55.62 -52.44 3.13
N SER A 200 56.85 -52.02 3.41
CA SER A 200 57.66 -52.71 4.41
C SER A 200 57.12 -52.55 5.82
N SER A 201 56.35 -51.49 6.09
CA SER A 201 55.84 -51.24 7.43
C SER A 201 54.60 -52.05 7.76
N LEU A 202 54.03 -52.78 6.80
CA LEU A 202 52.72 -53.40 6.99
C LEU A 202 52.74 -54.45 8.10
N GLY A 203 53.89 -55.03 8.41
CA GLY A 203 53.92 -56.03 9.45
C GLY A 203 54.37 -55.49 10.79
N THR A 204 55.04 -54.34 10.78
CA THR A 204 55.67 -53.81 11.98
C THR A 204 54.99 -52.56 12.53
N GLN A 205 54.17 -51.88 11.75
CA GLN A 205 53.50 -50.66 12.17
C GLN A 205 52.00 -50.88 12.17
N THR A 206 51.35 -50.54 13.28
CA THR A 206 49.90 -50.68 13.39
C THR A 206 49.21 -49.44 12.83
N TYR A 207 48.00 -49.64 12.32
CA TYR A 207 47.22 -48.55 11.73
C TYR A 207 45.79 -48.64 12.24
N ILE A 208 45.37 -47.62 12.99
CA ILE A 208 44.02 -47.53 13.51
C ILE A 208 43.40 -46.24 12.99
N CYS A 209 42.18 -46.33 12.49
CA CYS A 209 41.42 -45.15 12.08
C CYS A 209 40.45 -44.79 13.19
N ASN A 210 40.40 -43.52 13.55
CA ASN A 210 39.58 -43.02 14.66
C ASN A 210 38.39 -42.29 14.07
N VAL A 211 37.21 -42.91 14.19
CA VAL A 211 35.99 -42.41 13.57
C VAL A 211 35.11 -41.82 14.67
N ASN A 212 34.73 -40.56 14.51
CA ASN A 212 33.89 -39.85 15.46
C ASN A 212 32.67 -39.30 14.73
N HIS A 213 31.49 -39.56 15.28
CA HIS A 213 30.22 -39.06 14.73
C HIS A 213 29.42 -38.48 15.89
N LYS A 214 29.62 -37.19 16.14
CA LYS A 214 29.00 -36.54 17.29
C LYS A 214 27.49 -36.65 17.34
N PRO A 215 26.73 -36.50 16.24
CA PRO A 215 25.27 -36.59 16.34
C PRO A 215 24.75 -37.88 16.96
N SER A 216 25.50 -38.98 16.89
CA SER A 216 25.06 -40.24 17.48
C SER A 216 25.94 -40.70 18.63
N ASN A 217 26.81 -39.84 19.16
CA ASN A 217 27.69 -40.17 20.29
C ASN A 217 28.50 -41.43 20.01
N THR A 218 28.96 -41.57 18.77
CA THR A 218 29.67 -42.76 18.32
C THR A 218 31.15 -42.47 18.20
N LYS A 219 31.97 -43.35 18.78
CA LYS A 219 33.42 -43.33 18.66
C LYS A 219 33.90 -44.75 18.38
N VAL A 220 34.50 -44.96 17.21
CA VAL A 220 34.96 -46.28 16.79
C VAL A 220 36.44 -46.19 16.44
N ASP A 221 37.23 -47.05 17.06
CA ASP A 221 38.64 -47.23 16.73
C ASP A 221 38.79 -48.59 16.05
N LYS A 222 39.20 -48.58 14.78
CA LYS A 222 39.25 -49.78 13.96
C LYS A 222 40.67 -50.02 13.49
N LYS A 223 41.21 -51.19 13.82
CA LYS A 223 42.53 -51.58 13.35
C LYS A 223 42.42 -52.11 11.92
N VAL A 224 43.40 -51.75 11.10
CA VAL A 224 43.43 -52.14 9.69
C VAL A 224 44.72 -52.92 9.46
N GLU A 225 44.62 -54.25 9.45
CA GLU A 225 45.73 -55.16 9.27
C GLU A 225 45.70 -55.75 7.87
N PRO A 226 46.82 -56.29 7.39
CA PRO A 226 46.78 -57.08 6.15
C PRO A 226 45.94 -58.33 6.36
N LYS A 227 45.12 -58.64 5.34
CA LYS A 227 44.21 -59.76 5.46
C LYS A 227 44.96 -61.08 5.46
N SER A 228 44.51 -62.01 6.32
CA SER A 228 45.12 -63.32 6.44
C SER A 228 44.32 -64.35 5.67
N CYS A 229 45.02 -65.28 5.04
CA CYS A 229 44.39 -66.28 4.18
C CYS A 229 44.67 -67.70 4.65
N ASP B 1 20.41 -3.23 -1.80
CA ASP B 1 21.37 -4.32 -1.69
C ASP B 1 22.51 -4.19 -2.68
N ILE B 2 23.72 -4.15 -2.16
CA ILE B 2 24.90 -4.07 -3.00
C ILE B 2 25.30 -5.48 -3.42
N GLN B 3 25.36 -5.71 -4.73
CA GLN B 3 25.75 -6.98 -5.29
C GLN B 3 27.18 -6.93 -5.80
N LEU B 4 27.94 -7.96 -5.49
CA LEU B 4 29.34 -8.08 -5.91
C LEU B 4 29.47 -9.22 -6.91
N THR B 5 30.04 -8.93 -8.07
CA THR B 5 30.22 -9.90 -9.14
C THR B 5 31.71 -10.21 -9.27
N GLN B 6 32.06 -11.47 -9.06
CA GLN B 6 33.45 -11.91 -9.08
C GLN B 6 33.72 -12.66 -10.39
N SER B 7 34.74 -12.22 -11.12
CA SER B 7 35.16 -12.87 -12.35
C SER B 7 36.64 -13.19 -12.28
N PRO B 8 37.05 -14.39 -12.74
CA PRO B 8 36.15 -15.43 -13.24
C PRO B 8 35.57 -16.28 -12.11
N SER B 9 34.68 -17.22 -12.45
CA SER B 9 34.18 -18.15 -11.45
C SER B 9 35.26 -19.17 -11.07
N PHE B 10 36.00 -19.66 -12.07
CA PHE B 10 37.09 -20.60 -11.86
C PHE B 10 38.31 -20.14 -12.65
N LEU B 11 39.48 -20.55 -12.19
CA LEU B 11 40.69 -20.37 -12.98
C LEU B 11 41.72 -21.40 -12.55
N SER B 12 42.61 -21.74 -13.47
CA SER B 12 43.65 -22.73 -13.24
C SER B 12 44.97 -22.17 -13.74
N ALA B 13 45.91 -21.96 -12.83
CA ALA B 13 47.20 -21.37 -13.16
C ALA B 13 48.33 -22.26 -12.65
N SER B 14 49.51 -22.05 -13.22
CA SER B 14 50.70 -22.81 -12.84
C SER B 14 51.41 -22.15 -11.67
N VAL B 15 52.23 -22.95 -10.98
CA VAL B 15 53.04 -22.42 -9.89
C VAL B 15 54.04 -21.43 -10.46
N GLY B 16 54.12 -20.25 -9.84
CA GLY B 16 54.94 -19.16 -10.34
C GLY B 16 54.21 -18.18 -11.23
N ASP B 17 53.02 -18.53 -11.72
CA ASP B 17 52.25 -17.62 -12.54
C ASP B 17 51.72 -16.45 -11.72
N ARG B 18 51.38 -15.38 -12.42
CA ARG B 18 50.76 -14.20 -11.83
C ARG B 18 49.26 -14.30 -12.06
N VAL B 19 48.49 -14.30 -10.97
CA VAL B 19 47.05 -14.49 -11.01
C VAL B 19 46.36 -13.18 -10.64
N THR B 20 45.26 -12.88 -11.33
CA THR B 20 44.50 -11.67 -11.09
C THR B 20 43.01 -12.00 -11.06
N ILE B 21 42.35 -11.61 -9.97
CA ILE B 21 40.93 -11.85 -9.75
C ILE B 21 40.22 -10.51 -9.65
N THR B 22 39.06 -10.39 -10.29
CA THR B 22 38.31 -9.15 -10.36
C THR B 22 37.03 -9.25 -9.53
N CYS B 23 36.69 -8.17 -8.85
CA CYS B 23 35.43 -8.04 -8.11
C CYS B 23 34.80 -6.71 -8.49
N ARG B 24 33.61 -6.75 -9.08
CA ARG B 24 32.93 -5.56 -9.58
C ARG B 24 31.66 -5.33 -8.79
N ALA B 25 31.55 -4.16 -8.16
CA ALA B 25 30.39 -3.83 -7.35
C ALA B 25 29.30 -3.17 -8.19
N SER B 26 28.05 -3.45 -7.82
CA SER B 26 26.92 -2.89 -8.55
C SER B 26 26.84 -1.37 -8.40
N GLN B 27 27.46 -0.79 -7.37
CA GLN B 27 27.56 0.64 -7.23
C GLN B 27 28.99 0.97 -6.81
N GLY B 28 29.33 2.26 -6.73
CA GLY B 28 30.68 2.61 -6.27
C GLY B 28 30.79 2.71 -4.76
N ILE B 29 31.65 1.88 -4.15
CA ILE B 29 31.78 1.83 -2.70
C ILE B 29 33.16 2.29 -2.27
N SER B 30 33.75 3.20 -3.04
CA SER B 30 35.03 3.81 -2.74
C SER B 30 36.10 2.74 -2.53
N SER B 31 36.59 2.59 -1.29
CA SER B 31 37.60 1.60 -0.94
C SER B 31 37.12 0.66 0.16
N TYR B 32 35.80 0.48 0.26
CA TYR B 32 35.21 -0.34 1.32
C TYR B 32 35.09 -1.79 0.84
N LEU B 33 36.25 -2.42 0.65
CA LEU B 33 36.29 -3.79 0.16
C LEU B 33 37.35 -4.58 0.90
N ALA B 34 37.06 -5.86 1.13
CA ALA B 34 37.99 -6.79 1.73
C ALA B 34 38.03 -8.08 0.92
N TRP B 35 39.15 -8.79 1.03
CA TRP B 35 39.36 -10.05 0.33
C TRP B 35 39.57 -11.17 1.34
N TYR B 36 39.00 -12.34 1.05
CA TYR B 36 39.13 -13.51 1.91
C TYR B 36 39.63 -14.69 1.10
N GLN B 37 40.35 -15.59 1.78
CA GLN B 37 40.83 -16.83 1.22
C GLN B 37 40.23 -17.98 2.02
N GLN B 38 39.54 -18.89 1.34
CA GLN B 38 38.92 -20.04 2.00
C GLN B 38 39.49 -21.32 1.41
N LYS B 39 40.23 -22.05 2.21
CA LYS B 39 40.72 -23.36 1.81
C LYS B 39 39.71 -24.44 2.22
N PRO B 40 39.72 -25.58 1.54
CA PRO B 40 38.69 -26.60 1.79
C PRO B 40 38.58 -26.97 3.26
N GLY B 41 37.33 -27.02 3.75
CA GLY B 41 37.06 -27.39 5.12
C GLY B 41 37.43 -26.36 6.16
N LYS B 42 37.96 -25.21 5.77
CA LYS B 42 38.39 -24.18 6.70
C LYS B 42 37.49 -22.95 6.58
N ALA B 43 37.46 -22.17 7.65
CA ALA B 43 36.78 -20.89 7.61
C ALA B 43 37.55 -19.94 6.69
N PRO B 44 36.86 -18.94 6.14
CA PRO B 44 37.58 -17.93 5.34
C PRO B 44 38.58 -17.16 6.18
N LYS B 45 39.70 -16.80 5.56
CA LYS B 45 40.78 -16.09 6.21
C LYS B 45 40.95 -14.72 5.58
N LEU B 46 41.01 -13.68 6.42
CA LEU B 46 41.15 -12.32 5.92
C LEU B 46 42.52 -12.13 5.28
N LEU B 47 42.52 -11.60 4.05
CA LEU B 47 43.76 -11.29 3.34
C LEU B 47 43.98 -9.78 3.24
N ILE B 48 43.04 -9.07 2.64
CA ILE B 48 43.14 -7.63 2.41
C ILE B 48 41.90 -6.96 2.97
N TYR B 49 42.07 -5.77 3.54
CA TYR B 49 40.96 -4.92 3.92
C TYR B 49 41.25 -3.51 3.43
N ALA B 50 40.20 -2.69 3.34
CA ALA B 50 40.29 -1.34 2.77
C ALA B 50 40.90 -1.38 1.37
N ALA B 51 40.51 -2.41 0.60
CA ALA B 51 40.88 -2.58 -0.80
C ALA B 51 42.34 -2.97 -1.00
N SER B 52 43.27 -2.34 -0.27
CA SER B 52 44.68 -2.55 -0.54
C SER B 52 45.55 -2.76 0.69
N THR B 53 45.01 -2.76 1.90
CA THR B 53 45.81 -2.93 3.10
C THR B 53 45.95 -4.42 3.41
N LEU B 54 47.18 -4.92 3.36
CA LEU B 54 47.43 -6.33 3.61
C LEU B 54 47.32 -6.63 5.10
N GLN B 55 46.66 -7.76 5.42
CA GLN B 55 46.47 -8.16 6.80
C GLN B 55 47.77 -8.71 7.38
N SER B 56 48.03 -8.36 8.64
CA SER B 56 49.24 -8.82 9.32
C SER B 56 49.28 -10.34 9.36
N GLY B 57 50.32 -10.91 8.76
CA GLY B 57 50.47 -12.35 8.67
C GLY B 57 50.08 -12.97 7.35
N VAL B 58 49.97 -12.18 6.29
CA VAL B 58 49.64 -12.64 4.95
C VAL B 58 50.88 -12.48 4.08
N PRO B 59 51.24 -13.48 3.27
CA PRO B 59 52.43 -13.35 2.41
C PRO B 59 52.36 -12.12 1.52
N SER B 60 53.53 -11.52 1.27
CA SER B 60 53.61 -10.30 0.48
C SER B 60 53.25 -10.51 -0.98
N ARG B 61 53.20 -11.76 -1.45
CA ARG B 61 52.80 -12.01 -2.83
C ARG B 61 51.33 -11.69 -3.07
N PHE B 62 50.54 -11.57 -2.01
CA PHE B 62 49.16 -11.11 -2.12
C PHE B 62 49.11 -9.59 -2.11
N SER B 63 48.18 -9.04 -2.89
CA SER B 63 48.02 -7.59 -2.95
C SER B 63 46.65 -7.28 -3.52
N GLY B 64 46.06 -6.20 -3.03
CA GLY B 64 44.80 -5.71 -3.56
C GLY B 64 44.91 -4.30 -4.06
N SER B 65 44.05 -3.91 -5.00
CA SER B 65 44.03 -2.55 -5.50
C SER B 65 42.66 -2.29 -6.13
N GLY B 66 42.39 -1.01 -6.38
CA GLY B 66 41.12 -0.63 -6.95
C GLY B 66 40.37 0.40 -6.14
N SER B 67 39.43 1.08 -6.78
CA SER B 67 38.63 2.11 -6.13
C SER B 67 37.38 2.32 -6.95
N GLY B 68 36.26 2.53 -6.27
CA GLY B 68 34.99 2.78 -6.95
C GLY B 68 34.20 1.48 -7.16
N THR B 69 34.17 1.00 -8.40
CA THR B 69 33.35 -0.15 -8.77
C THR B 69 34.14 -1.42 -9.06
N GLU B 70 35.39 -1.31 -9.50
CA GLU B 70 36.17 -2.47 -9.91
C GLU B 70 37.39 -2.62 -9.01
N PHE B 71 37.60 -3.83 -8.50
CA PHE B 71 38.72 -4.13 -7.62
C PHE B 71 39.38 -5.43 -8.07
N THR B 72 40.69 -5.53 -7.85
CA THR B 72 41.46 -6.69 -8.27
C THR B 72 42.31 -7.22 -7.13
N LEU B 73 42.35 -8.54 -7.00
CA LEU B 73 43.27 -9.24 -6.11
C LEU B 73 44.32 -9.94 -6.95
N THR B 74 45.59 -9.74 -6.61
CA THR B 74 46.71 -10.24 -7.40
C THR B 74 47.62 -11.12 -6.56
N ILE B 75 47.91 -12.31 -7.06
CA ILE B 75 48.91 -13.19 -6.49
C ILE B 75 50.10 -13.18 -7.46
N SER B 76 51.19 -12.53 -7.04
CA SER B 76 52.30 -12.30 -7.95
C SER B 76 53.01 -13.58 -8.35
N SER B 77 53.09 -14.56 -7.44
CA SER B 77 53.75 -15.83 -7.73
C SER B 77 52.94 -16.93 -7.05
N LEU B 78 52.14 -17.64 -7.85
CA LEU B 78 51.23 -18.63 -7.31
C LEU B 78 52.00 -19.81 -6.73
N GLN B 79 51.63 -20.21 -5.52
CA GLN B 79 52.23 -21.34 -4.81
C GLN B 79 51.22 -22.47 -4.67
N PRO B 80 51.69 -23.71 -4.48
CA PRO B 80 50.73 -24.83 -4.35
C PRO B 80 49.75 -24.66 -3.20
N GLU B 81 50.20 -24.07 -2.08
CA GLU B 81 49.33 -23.88 -0.94
C GLU B 81 48.26 -22.81 -1.18
N ASP B 82 48.36 -22.04 -2.26
CA ASP B 82 47.40 -20.99 -2.56
C ASP B 82 46.12 -21.51 -3.20
N PHE B 83 45.95 -22.83 -3.30
CA PHE B 83 44.71 -23.40 -3.80
C PHE B 83 43.57 -23.10 -2.85
N ALA B 84 42.60 -22.31 -3.30
CA ALA B 84 41.50 -21.89 -2.44
C ALA B 84 40.42 -21.23 -3.29
N THR B 85 39.31 -20.90 -2.63
CA THR B 85 38.26 -20.06 -3.20
C THR B 85 38.36 -18.70 -2.53
N TYR B 86 38.55 -17.65 -3.33
CA TYR B 86 38.75 -16.30 -2.81
C TYR B 86 37.47 -15.50 -2.95
N TYR B 87 37.11 -14.79 -1.88
CA TYR B 87 35.87 -14.01 -1.83
C TYR B 87 36.19 -12.54 -1.56
N CYS B 88 35.46 -11.65 -2.21
CA CYS B 88 35.47 -10.23 -1.86
C CYS B 88 34.24 -9.92 -1.02
N GLN B 89 34.36 -8.86 -0.22
CA GLN B 89 33.26 -8.41 0.63
C GLN B 89 33.22 -6.90 0.66
N GLN B 90 32.02 -6.33 0.49
CA GLN B 90 31.81 -4.90 0.63
C GLN B 90 31.54 -4.56 2.09
N LEU B 91 32.18 -3.50 2.58
CA LEU B 91 32.10 -3.08 3.97
C LEU B 91 31.71 -1.61 4.08
N ASN B 92 30.62 -1.25 3.41
CA ASN B 92 30.18 0.14 3.36
C ASN B 92 28.72 0.26 3.75
N SER B 93 27.92 -0.72 3.39
CA SER B 93 26.48 -0.63 3.46
C SER B 93 25.90 -1.94 3.99
N TYR B 94 24.79 -1.83 4.69
CA TYR B 94 24.09 -3.02 5.17
C TYR B 94 22.92 -3.35 4.26
N PRO B 95 22.64 -4.64 4.02
CA PRO B 95 23.30 -5.80 4.63
C PRO B 95 24.67 -6.10 4.04
N LEU B 96 25.56 -6.64 4.85
CA LEU B 96 26.90 -7.00 4.37
C LEU B 96 26.80 -8.17 3.41
N THR B 97 27.52 -8.05 2.28
CA THR B 97 27.40 -8.99 1.18
C THR B 97 28.78 -9.39 0.69
N PHE B 98 28.87 -10.61 0.16
CA PHE B 98 30.09 -11.16 -0.41
C PHE B 98 29.94 -11.35 -1.91
N GLY B 99 31.06 -11.46 -2.60
CA GLY B 99 31.06 -11.90 -3.97
C GLY B 99 30.83 -13.40 -4.06
N GLY B 100 30.71 -13.88 -5.30
CA GLY B 100 30.43 -15.29 -5.53
C GLY B 100 31.60 -16.22 -5.36
N GLY B 101 32.82 -15.68 -5.29
CA GLY B 101 34.02 -16.48 -5.11
C GLY B 101 34.69 -16.90 -6.41
N THR B 102 36.01 -16.99 -6.37
CA THR B 102 36.81 -17.45 -7.50
C THR B 102 37.63 -18.64 -7.03
N LYS B 103 37.33 -19.83 -7.56
CA LYS B 103 38.06 -21.03 -7.18
C LYS B 103 39.34 -21.11 -8.01
N VAL B 104 40.48 -21.16 -7.33
CA VAL B 104 41.79 -21.15 -7.98
C VAL B 104 42.37 -22.55 -7.88
N GLU B 105 42.49 -23.21 -9.03
CA GLU B 105 43.15 -24.51 -9.11
C GLU B 105 44.62 -24.32 -9.52
N ILE B 106 45.45 -25.28 -9.15
CA ILE B 106 46.86 -25.30 -9.51
C ILE B 106 47.04 -26.21 -10.71
N ARG B 108 49.30 -27.63 -12.62
CA ARG B 108 50.64 -28.16 -12.52
C ARG B 108 50.87 -29.21 -13.60
N THR B 109 51.98 -29.91 -13.52
CA THR B 109 52.24 -30.92 -14.54
C THR B 109 51.28 -32.10 -14.39
N VAL B 110 50.99 -32.76 -15.52
CA VAL B 110 50.13 -33.92 -15.49
C VAL B 110 50.72 -35.00 -14.61
N ALA B 111 49.88 -35.63 -13.79
CA ALA B 111 50.29 -36.68 -12.88
C ALA B 111 49.32 -37.84 -12.99
N ALA B 112 49.84 -39.02 -13.34
CA ALA B 112 49.01 -40.20 -13.46
C ALA B 112 48.55 -40.65 -12.07
N PRO B 113 47.40 -41.32 -11.98
CA PRO B 113 46.94 -41.82 -10.68
C PRO B 113 47.50 -43.18 -10.33
N SER B 114 47.77 -43.37 -9.04
CA SER B 114 47.99 -44.72 -8.52
C SER B 114 46.64 -45.34 -8.22
N VAL B 115 46.44 -46.58 -8.64
CA VAL B 115 45.15 -47.24 -8.55
C VAL B 115 45.24 -48.40 -7.57
N PHE B 116 44.26 -48.50 -6.68
CA PHE B 116 44.12 -49.60 -5.75
C PHE B 116 42.67 -50.06 -5.74
N ILE B 117 42.47 -51.35 -5.47
CA ILE B 117 41.13 -51.93 -5.39
C ILE B 117 41.02 -52.69 -4.07
N PHE B 118 39.89 -52.53 -3.39
CA PHE B 118 39.69 -53.11 -2.07
C PHE B 118 38.45 -54.01 -2.09
N PRO B 119 38.58 -55.27 -1.71
CA PRO B 119 37.40 -56.14 -1.63
C PRO B 119 36.54 -55.76 -0.44
N PRO B 120 35.27 -56.19 -0.42
CA PRO B 120 34.46 -55.97 0.77
C PRO B 120 34.96 -56.84 1.92
N SER B 121 35.10 -56.23 3.09
CA SER B 121 35.59 -56.96 4.25
C SER B 121 34.62 -58.06 4.65
N ASP B 122 35.15 -59.11 5.27
CA ASP B 122 34.31 -60.19 5.77
C ASP B 122 33.32 -59.68 6.81
N GLU B 123 33.67 -58.60 7.51
CA GLU B 123 32.74 -58.03 8.49
C GLU B 123 31.52 -57.42 7.81
N GLN B 124 31.71 -56.80 6.64
CA GLN B 124 30.58 -56.19 5.94
C GLN B 124 29.72 -57.25 5.26
N LEU B 125 30.34 -58.28 4.69
CA LEU B 125 29.57 -59.36 4.09
C LEU B 125 28.66 -60.04 5.10
N LYS B 126 29.04 -60.01 6.38
CA LYS B 126 28.17 -60.50 7.43
C LYS B 126 26.90 -59.67 7.57
N SER B 127 26.89 -58.45 7.02
CA SER B 127 25.75 -57.55 7.13
C SER B 127 24.80 -57.64 5.94
N GLY B 128 25.15 -58.38 4.89
CA GLY B 128 24.28 -58.53 3.75
C GLY B 128 24.54 -57.57 2.60
N THR B 129 25.47 -56.63 2.76
CA THR B 129 25.83 -55.68 1.71
C THR B 129 27.32 -55.78 1.44
N ALA B 130 27.70 -55.65 0.17
CA ALA B 130 29.09 -55.69 -0.25
C ALA B 130 29.47 -54.36 -0.88
N SER B 131 30.54 -53.76 -0.41
CA SER B 131 31.10 -52.54 -0.99
C SER B 131 32.48 -52.84 -1.54
N VAL B 132 32.71 -52.47 -2.79
CA VAL B 132 34.01 -52.60 -3.44
C VAL B 132 34.51 -51.20 -3.75
N VAL B 133 35.67 -50.85 -3.17
CA VAL B 133 36.22 -49.50 -3.28
C VAL B 133 37.42 -49.53 -4.21
N CYS B 134 37.47 -48.55 -5.11
CA CYS B 134 38.59 -48.35 -6.03
C CYS B 134 39.16 -46.95 -5.80
N LEU B 135 40.46 -46.88 -5.57
CA LEU B 135 41.12 -45.63 -5.20
C LEU B 135 42.02 -45.14 -6.34
N LEU B 136 41.84 -43.88 -6.72
CA LEU B 136 42.72 -43.19 -7.66
C LEU B 136 43.44 -42.10 -6.86
N ASN B 137 44.75 -42.24 -6.72
CA ASN B 137 45.50 -41.48 -5.73
C ASN B 137 46.48 -40.51 -6.41
N ASN B 138 46.41 -39.23 -6.01
CA ASN B 138 47.41 -38.21 -6.32
C ASN B 138 47.63 -38.08 -7.83
N PHE B 139 46.60 -37.57 -8.49
CA PHE B 139 46.63 -37.36 -9.93
C PHE B 139 46.23 -35.93 -10.26
N TYR B 140 46.68 -35.47 -11.43
CA TYR B 140 46.32 -34.17 -11.98
C TYR B 140 46.34 -34.33 -13.49
N PRO B 141 45.35 -33.76 -14.22
CA PRO B 141 44.24 -32.94 -13.70
C PRO B 141 43.09 -33.73 -13.07
N ARG B 142 42.02 -33.00 -12.74
CA ARG B 142 40.93 -33.57 -11.95
C ARG B 142 40.14 -34.62 -12.73
N GLU B 143 40.10 -34.53 -14.05
CA GLU B 143 39.23 -35.39 -14.84
C GLU B 143 39.80 -36.80 -14.90
N ALA B 144 38.99 -37.78 -14.52
CA ALA B 144 39.38 -39.18 -14.61
C ALA B 144 38.13 -40.02 -14.83
N LYS B 145 38.33 -41.20 -15.41
CA LYS B 145 37.22 -42.08 -15.80
C LYS B 145 37.43 -43.45 -15.19
N VAL B 146 36.42 -43.96 -14.50
CA VAL B 146 36.50 -45.23 -13.79
C VAL B 146 35.35 -46.11 -14.26
N GLN B 147 35.69 -47.25 -14.87
CA GLN B 147 34.72 -48.24 -15.30
C GLN B 147 34.81 -49.47 -14.40
N TRP B 148 33.65 -49.96 -13.98
CA TRP B 148 33.56 -51.16 -13.16
C TRP B 148 33.15 -52.35 -14.03
N LYS B 149 33.95 -53.41 -13.99
CA LYS B 149 33.67 -54.64 -14.71
C LYS B 149 33.55 -55.79 -13.71
N VAL B 150 32.47 -56.53 -13.80
CA VAL B 150 32.22 -57.69 -12.95
C VAL B 150 32.04 -58.88 -13.87
N ASP B 151 33.04 -59.75 -13.92
CA ASP B 151 33.11 -60.82 -14.92
C ASP B 151 33.09 -60.25 -16.34
N ASN B 152 33.88 -59.19 -16.55
CA ASN B 152 33.98 -58.46 -17.80
C ASN B 152 32.65 -57.83 -18.23
N ALA B 153 31.71 -57.71 -17.31
CA ALA B 153 30.43 -57.05 -17.58
C ALA B 153 30.50 -55.64 -17.01
N LEU B 154 30.50 -54.64 -17.90
CA LEU B 154 30.58 -53.25 -17.47
C LEU B 154 29.36 -52.89 -16.62
N GLN B 155 29.62 -52.35 -15.44
CA GLN B 155 28.57 -51.97 -14.51
C GLN B 155 28.18 -50.52 -14.72
N SER B 156 26.92 -50.21 -14.42
CA SER B 156 26.44 -48.84 -14.43
C SER B 156 25.20 -48.75 -13.54
N GLY B 157 25.08 -47.64 -12.81
CA GLY B 157 23.97 -47.41 -11.93
C GLY B 157 24.18 -47.86 -10.50
N ASN B 158 25.31 -48.50 -10.19
CA ASN B 158 25.56 -49.04 -8.86
C ASN B 158 26.88 -48.56 -8.28
N SER B 159 27.40 -47.42 -8.72
CA SER B 159 28.67 -46.91 -8.24
C SER B 159 28.58 -45.40 -8.04
N GLN B 160 29.22 -44.93 -6.98
CA GLN B 160 29.28 -43.49 -6.67
C GLN B 160 30.74 -43.09 -6.51
N GLU B 161 31.04 -41.85 -6.89
CA GLU B 161 32.39 -41.33 -6.84
C GLU B 161 32.49 -40.17 -5.86
N SER B 162 33.72 -39.87 -5.47
CA SER B 162 34.00 -38.78 -4.53
C SER B 162 35.44 -38.33 -4.76
N VAL B 163 35.63 -37.01 -4.86
CA VAL B 163 36.93 -36.44 -5.19
C VAL B 163 37.32 -35.45 -4.09
N THR B 164 38.56 -35.58 -3.60
CA THR B 164 39.05 -34.65 -2.60
C THR B 164 39.34 -33.29 -3.24
N GLU B 165 39.32 -32.25 -2.41
CA GLU B 165 39.80 -30.95 -2.86
C GLU B 165 41.29 -31.03 -3.16
N GLN B 166 41.78 -30.04 -3.90
CA GLN B 166 43.17 -30.06 -4.34
C GLN B 166 44.12 -30.07 -3.15
N ASP B 167 45.13 -30.92 -3.22
CA ASP B 167 46.05 -31.07 -2.10
C ASP B 167 46.92 -29.83 -1.96
N SER B 168 47.05 -29.34 -0.72
CA SER B 168 47.73 -28.07 -0.48
C SER B 168 49.25 -28.16 -0.60
N LYS B 169 49.81 -29.30 -0.97
CA LYS B 169 51.26 -29.46 -1.00
C LYS B 169 51.79 -29.94 -2.36
N ASP B 170 51.11 -30.88 -3.01
CA ASP B 170 51.49 -31.27 -4.37
C ASP B 170 50.44 -30.90 -5.42
N SER B 171 49.30 -30.35 -5.00
CA SER B 171 48.26 -29.84 -5.91
C SER B 171 47.58 -30.96 -6.70
N THR B 172 47.57 -32.18 -6.18
CA THR B 172 46.93 -33.30 -6.86
C THR B 172 45.53 -33.53 -6.32
N TYR B 173 44.83 -34.45 -6.98
CA TYR B 173 43.50 -34.88 -6.58
C TYR B 173 43.52 -36.37 -6.26
N SER B 174 42.50 -36.82 -5.52
CA SER B 174 42.28 -38.23 -5.30
C SER B 174 40.80 -38.52 -5.46
N LEU B 175 40.49 -39.71 -5.96
CA LEU B 175 39.12 -40.13 -6.24
C LEU B 175 38.90 -41.53 -5.69
N SER B 176 37.72 -41.75 -5.11
CA SER B 176 37.29 -43.07 -4.69
C SER B 176 35.98 -43.40 -5.37
N SER B 177 35.87 -44.62 -5.88
CA SER B 177 34.65 -45.13 -6.50
C SER B 177 34.20 -46.36 -5.74
N THR B 178 32.98 -46.34 -5.25
CA THR B 178 32.43 -47.42 -4.44
C THR B 178 31.38 -48.17 -5.25
N LEU B 179 31.58 -49.46 -5.43
CA LEU B 179 30.62 -50.33 -6.10
C LEU B 179 29.80 -51.05 -5.01
N THR B 180 28.49 -50.78 -4.99
CA THR B 180 27.61 -51.35 -3.98
C THR B 180 26.83 -52.52 -4.57
N LEU B 181 26.89 -53.65 -3.89
CA LEU B 181 26.19 -54.86 -4.32
C LEU B 181 25.55 -55.52 -3.12
N SER B 182 24.61 -56.43 -3.39
CA SER B 182 24.08 -57.28 -2.34
C SER B 182 25.02 -58.46 -2.12
N LYS B 183 24.99 -59.01 -0.90
CA LYS B 183 25.85 -60.15 -0.59
C LYS B 183 25.56 -61.30 -1.54
N ALA B 184 24.30 -61.50 -1.92
CA ALA B 184 23.95 -62.55 -2.86
C ALA B 184 24.53 -62.27 -4.24
N ASP B 185 24.32 -61.06 -4.76
CA ASP B 185 24.84 -60.71 -6.07
C ASP B 185 26.37 -60.71 -6.08
N TYR B 186 27.00 -60.35 -4.96
CA TYR B 186 28.46 -60.35 -4.89
C TYR B 186 29.01 -61.77 -5.01
N GLU B 187 28.33 -62.74 -4.42
CA GLU B 187 28.80 -64.12 -4.42
C GLU B 187 28.52 -64.85 -5.74
N LYS B 188 27.73 -64.25 -6.65
CA LYS B 188 27.43 -64.90 -7.93
C LYS B 188 28.54 -64.75 -8.95
N HIS B 189 29.37 -63.72 -8.85
CA HIS B 189 30.42 -63.44 -9.82
C HIS B 189 31.79 -63.55 -9.15
N LYS B 190 32.84 -63.60 -9.96
CA LYS B 190 34.20 -63.87 -9.48
C LYS B 190 35.13 -62.69 -9.67
N VAL B 191 35.41 -62.29 -10.91
CA VAL B 191 36.43 -61.28 -11.19
C VAL B 191 35.82 -59.90 -11.00
N TYR B 192 36.41 -59.10 -10.12
CA TYR B 192 36.02 -57.72 -9.90
C TYR B 192 37.19 -56.82 -10.29
N ALA B 193 36.90 -55.78 -11.08
CA ALA B 193 37.95 -54.91 -11.57
C ALA B 193 37.39 -53.50 -11.77
N CYS B 194 38.23 -52.51 -11.50
CA CYS B 194 37.98 -51.14 -11.94
C CYS B 194 39.05 -50.76 -12.96
N GLU B 195 38.61 -50.21 -14.09
CA GLU B 195 39.48 -49.81 -15.17
C GLU B 195 39.56 -48.29 -15.18
N VAL B 196 40.77 -47.75 -15.09
CA VAL B 196 40.99 -46.32 -14.92
C VAL B 196 41.65 -45.76 -16.17
N THR B 197 41.16 -44.63 -16.65
CA THR B 197 41.79 -43.89 -17.73
C THR B 197 41.96 -42.44 -17.30
N HIS B 198 43.03 -41.81 -17.81
CA HIS B 198 43.43 -40.49 -17.34
C HIS B 198 44.43 -39.92 -18.34
N GLN B 199 44.59 -38.59 -18.31
CA GLN B 199 45.53 -37.93 -19.21
C GLN B 199 46.95 -38.46 -19.03
N GLY B 200 47.33 -38.77 -17.79
CA GLY B 200 48.66 -39.27 -17.50
C GLY B 200 48.90 -40.73 -17.79
N LEU B 201 47.88 -41.46 -18.21
CA LEU B 201 48.00 -42.88 -18.52
C LEU B 201 47.95 -43.06 -20.03
N SER B 202 48.97 -43.71 -20.59
CA SER B 202 49.01 -43.97 -22.03
C SER B 202 48.10 -45.13 -22.43
N SER B 203 47.62 -45.90 -21.47
CA SER B 203 46.67 -46.99 -21.72
C SER B 203 45.97 -47.32 -20.41
N PRO B 204 44.77 -47.90 -20.46
CA PRO B 204 43.99 -48.09 -19.23
C PRO B 204 44.70 -48.97 -18.21
N VAL B 205 44.53 -48.63 -16.94
CA VAL B 205 45.06 -49.40 -15.82
C VAL B 205 43.90 -50.15 -15.17
N THR B 206 44.08 -51.46 -15.00
CA THR B 206 43.04 -52.31 -14.42
C THR B 206 43.60 -53.01 -13.18
N LYS B 207 43.05 -52.66 -12.02
CA LYS B 207 43.33 -53.37 -10.79
C LYS B 207 42.16 -54.29 -10.49
N SER B 208 42.45 -55.58 -10.28
CA SER B 208 41.41 -56.58 -10.14
C SER B 208 41.74 -57.53 -9.00
N PHE B 209 40.70 -58.17 -8.48
CA PHE B 209 40.85 -59.24 -7.51
C PHE B 209 39.81 -60.32 -7.82
N ASN B 210 40.06 -61.52 -7.31
CA ASN B 210 39.15 -62.65 -7.45
C ASN B 210 38.44 -62.87 -6.13
N ARG B 211 37.11 -62.87 -6.16
CA ARG B 211 36.32 -63.07 -4.95
C ARG B 211 36.69 -64.37 -4.27
N GLY B 212 37.18 -64.28 -3.04
CA GLY B 212 37.56 -65.46 -2.28
C GLY B 212 39.04 -65.75 -2.38
N GLU B 213 39.58 -65.74 -3.60
CA GLU B 213 41.00 -66.03 -3.78
C GLU B 213 41.85 -64.96 -3.11
N CYS B 214 42.78 -65.41 -2.28
CA CYS B 214 43.68 -64.53 -1.54
C CYS B 214 44.42 -63.53 -2.44
N GLN C 1 -22.75 -14.42 -17.26
CA GLN C 1 -22.73 -14.63 -15.82
C GLN C 1 -21.37 -14.27 -15.22
N VAL C 2 -21.35 -13.22 -14.40
CA VAL C 2 -20.10 -12.78 -13.79
C VAL C 2 -19.68 -13.75 -12.70
N GLN C 3 -18.39 -14.08 -12.67
CA GLN C 3 -17.82 -14.97 -11.66
C GLN C 3 -16.60 -14.30 -11.03
N LEU C 4 -16.37 -14.61 -9.76
CA LEU C 4 -15.22 -14.12 -9.02
C LEU C 4 -14.44 -15.30 -8.46
N GLN C 5 -13.14 -15.34 -8.76
CA GLN C 5 -12.25 -16.42 -8.33
C GLN C 5 -11.11 -15.80 -7.53
N GLU C 6 -11.17 -15.94 -6.21
CA GLU C 6 -10.12 -15.36 -5.39
C GLU C 6 -9.02 -16.37 -5.11
N SER C 7 -7.86 -15.85 -4.71
CA SER C 7 -6.67 -16.66 -4.47
C SER C 7 -5.77 -15.91 -3.50
N GLY C 8 -4.79 -16.62 -2.98
CA GLY C 8 -3.84 -16.04 -2.05
C GLY C 8 -3.50 -16.97 -0.91
N PRO C 9 -2.45 -16.64 -0.16
CA PRO C 9 -2.02 -17.53 0.93
C PRO C 9 -3.01 -17.54 2.07
N GLY C 10 -3.27 -18.73 2.60
CA GLY C 10 -4.13 -18.88 3.75
C GLY C 10 -3.43 -18.80 5.08
N LEU C 11 -2.14 -18.49 5.09
CA LEU C 11 -1.36 -18.41 6.32
C LEU C 11 -0.50 -17.14 6.29
N VAL C 12 -0.64 -16.32 7.32
CA VAL C 12 0.11 -15.07 7.45
C VAL C 12 0.63 -14.98 8.88
N LYS C 13 1.93 -14.77 9.03
CA LYS C 13 2.49 -14.63 10.37
C LYS C 13 2.06 -13.30 10.99
N PRO C 14 2.03 -13.22 12.33
CA PRO C 14 1.63 -11.95 12.97
C PRO C 14 2.55 -10.81 12.58
N SER C 15 1.95 -9.61 12.48
CA SER C 15 2.62 -8.36 12.13
C SER C 15 3.00 -8.30 10.66
N GLU C 16 2.84 -9.39 9.92
CA GLU C 16 3.08 -9.40 8.49
C GLU C 16 1.87 -8.77 7.78
N THR C 17 1.81 -8.91 6.46
CA THR C 17 0.76 -8.29 5.66
C THR C 17 -0.02 -9.34 4.89
N LEU C 18 -1.32 -9.42 5.15
CA LEU C 18 -2.21 -10.29 4.39
C LEU C 18 -2.37 -9.75 2.97
N SER C 19 -2.47 -10.65 2.00
CA SER C 19 -2.62 -10.25 0.61
C SER C 19 -3.47 -11.26 -0.13
N LEU C 20 -4.53 -10.79 -0.77
CA LEU C 20 -5.44 -11.66 -1.51
C LEU C 20 -5.81 -10.97 -2.83
N THR C 21 -6.11 -11.79 -3.84
CA THR C 21 -6.43 -11.32 -5.18
C THR C 21 -7.72 -11.96 -5.65
N CYS C 22 -8.52 -11.20 -6.41
CA CYS C 22 -9.78 -11.68 -6.98
C CYS C 22 -9.76 -11.43 -8.48
N THR C 23 -10.06 -12.47 -9.26
CA THR C 23 -10.07 -12.39 -10.71
C THR C 23 -11.51 -12.46 -11.22
N VAL C 24 -11.90 -11.49 -12.03
CA VAL C 24 -13.27 -11.40 -12.54
C VAL C 24 -13.37 -12.17 -13.84
N PHE C 25 -14.40 -13.01 -13.95
CA PHE C 25 -14.68 -13.77 -15.16
C PHE C 25 -16.07 -13.44 -15.68
N GLY C 26 -16.25 -13.57 -16.99
CA GLY C 26 -17.54 -13.30 -17.60
C GLY C 26 -17.95 -11.84 -17.57
N GLY C 27 -16.98 -10.93 -17.52
CA GLY C 27 -17.28 -9.51 -17.47
C GLY C 27 -16.04 -8.69 -17.15
N SER C 28 -16.02 -7.45 -17.63
CA SER C 28 -14.86 -6.59 -17.43
C SER C 28 -14.89 -5.91 -16.07
N ILE C 29 -13.70 -5.65 -15.53
CA ILE C 29 -13.60 -4.99 -14.24
C ILE C 29 -13.80 -3.48 -14.35
N THR C 30 -13.69 -2.92 -15.56
CA THR C 30 -13.95 -1.50 -15.75
C THR C 30 -15.46 -1.26 -15.85
N SER C 31 -16.22 -1.77 -14.87
CA SER C 31 -17.65 -1.55 -14.83
C SER C 31 -17.95 -0.15 -14.32
N SER C 32 -18.82 0.56 -15.02
CA SER C 32 -19.18 1.92 -14.64
C SER C 32 -20.30 2.00 -13.60
N ASN C 33 -20.89 0.86 -13.24
CA ASN C 33 -22.02 0.85 -12.31
C ASN C 33 -21.85 -0.17 -11.20
N HIS C 34 -20.61 -0.59 -10.91
CA HIS C 34 -20.35 -1.57 -9.88
C HIS C 34 -19.08 -1.21 -9.12
N TYR C 35 -19.04 -1.59 -7.85
CA TYR C 35 -17.85 -1.52 -7.02
C TYR C 35 -17.31 -2.92 -6.79
N TRP C 36 -16.03 -3.00 -6.46
CA TRP C 36 -15.36 -4.26 -6.17
C TRP C 36 -14.91 -4.23 -4.72
N VAL C 37 -15.39 -5.20 -3.94
CA VAL C 37 -15.39 -5.10 -2.47
C VAL C 37 -14.70 -6.32 -1.87
N TRP C 38 -14.43 -6.21 -0.57
CA TRP C 38 -13.93 -7.31 0.25
C TRP C 38 -14.74 -7.38 1.54
N ILE C 39 -15.09 -8.58 1.94
CA ILE C 39 -15.88 -8.84 3.15
C ILE C 39 -15.26 -10.03 3.86
N ARG C 40 -15.18 -9.96 5.19
CA ARG C 40 -14.57 -11.03 5.96
C ARG C 40 -15.52 -11.51 7.05
N GLN C 41 -15.34 -12.77 7.44
CA GLN C 41 -16.22 -13.44 8.40
C GLN C 41 -15.35 -14.24 9.36
N PRO C 42 -15.14 -13.75 10.57
CA PRO C 42 -14.38 -14.52 11.55
C PRO C 42 -15.08 -15.85 11.82
N PRO C 43 -14.32 -16.91 12.09
CA PRO C 43 -14.93 -18.23 12.30
C PRO C 43 -15.93 -18.20 13.46
N GLY C 44 -17.17 -18.56 13.13
CA GLY C 44 -18.25 -18.53 14.11
C GLY C 44 -18.85 -17.18 14.36
N LYS C 45 -18.51 -16.17 13.56
CA LYS C 45 -18.98 -14.81 13.76
C LYS C 45 -19.72 -14.33 12.51
N GLY C 46 -20.15 -13.07 12.54
CA GLY C 46 -20.90 -12.48 11.46
C GLY C 46 -20.03 -11.89 10.37
N LEU C 47 -20.63 -11.04 9.55
CA LEU C 47 -19.98 -10.46 8.38
C LEU C 47 -19.56 -9.03 8.69
N GLU C 48 -18.35 -8.67 8.23
CA GLU C 48 -17.81 -7.32 8.39
C GLU C 48 -17.35 -6.81 7.04
N TRP C 49 -17.86 -5.65 6.64
CA TRP C 49 -17.48 -5.05 5.37
C TRP C 49 -16.11 -4.40 5.51
N ILE C 50 -15.22 -4.70 4.56
CA ILE C 50 -13.85 -4.20 4.63
C ILE C 50 -13.69 -2.93 3.79
N GLY C 51 -14.08 -2.97 2.52
CA GLY C 51 -13.92 -1.82 1.67
C GLY C 51 -14.50 -2.08 0.29
N SER C 52 -14.70 -0.97 -0.43
CA SER C 52 -15.26 -0.99 -1.78
C SER C 52 -14.43 -0.07 -2.68
N MET C 53 -14.41 -0.37 -3.97
CA MET C 53 -13.53 0.33 -4.90
C MET C 53 -14.16 0.45 -6.28
N TYR C 54 -14.01 1.63 -6.87
CA TYR C 54 -14.31 1.88 -8.27
C TYR C 54 -13.05 1.64 -9.10
N TYR C 55 -13.25 1.16 -10.34
CA TYR C 55 -12.11 0.74 -11.15
C TYR C 55 -11.10 1.86 -11.36
N SER C 56 -11.56 3.10 -11.38
CA SER C 56 -10.68 4.22 -11.67
C SER C 56 -9.87 4.70 -10.48
N GLY C 57 -10.07 4.10 -9.29
CA GLY C 57 -9.21 4.40 -8.17
C GLY C 57 -9.87 4.65 -6.83
N SER C 58 -11.01 5.33 -6.83
CA SER C 58 -11.63 5.76 -5.57
C SER C 58 -11.97 4.57 -4.69
N THR C 59 -11.78 4.74 -3.38
CA THR C 59 -12.02 3.69 -2.40
C THR C 59 -12.90 4.22 -1.28
N ALA C 60 -13.51 3.27 -0.56
CA ALA C 60 -14.18 3.54 0.71
C ALA C 60 -13.86 2.39 1.64
N TYR C 61 -13.20 2.68 2.76
CA TYR C 61 -12.77 1.67 3.70
C TYR C 61 -13.59 1.74 4.99
N ASN C 62 -13.60 0.63 5.72
CA ASN C 62 -14.27 0.60 7.01
C ASN C 62 -13.42 1.33 8.03
N PRO C 63 -13.92 2.38 8.69
CA PRO C 63 -13.12 3.05 9.73
C PRO C 63 -12.76 2.15 10.90
N SER C 64 -13.35 0.95 11.00
CA SER C 64 -13.00 0.01 12.07
C SER C 64 -11.69 -0.74 11.79
N LEU C 65 -11.15 -0.62 10.58
CA LEU C 65 -9.90 -1.26 10.21
C LEU C 65 -8.75 -0.27 10.12
N THR C 66 -8.86 0.87 10.82
CA THR C 66 -7.87 1.95 10.81
C THR C 66 -7.29 2.19 9.41
N ASN C 67 -5.99 2.47 9.34
CA ASN C 67 -5.31 2.73 8.07
C ASN C 67 -4.43 1.57 7.64
N ARG C 68 -4.87 0.34 7.88
CA ARG C 68 -4.10 -0.85 7.50
C ARG C 68 -4.76 -1.62 6.37
N VAL C 69 -5.71 -1.00 5.67
CA VAL C 69 -6.42 -1.62 4.56
C VAL C 69 -6.08 -0.87 3.28
N THR C 70 -5.66 -1.61 2.26
CA THR C 70 -5.49 -1.08 0.91
C THR C 70 -6.12 -2.04 -0.08
N ILE C 71 -6.99 -1.51 -0.93
CA ILE C 71 -7.53 -2.25 -2.05
C ILE C 71 -6.94 -1.64 -3.32
N SER C 72 -6.76 -2.47 -4.34
CA SER C 72 -6.15 -2.02 -5.58
C SER C 72 -6.78 -2.77 -6.74
N VAL C 73 -6.67 -2.19 -7.93
CA VAL C 73 -7.26 -2.75 -9.14
C VAL C 73 -6.18 -2.84 -10.22
N ASP C 74 -6.15 -3.97 -10.93
CA ASP C 74 -5.29 -4.19 -12.09
C ASP C 74 -6.23 -4.39 -13.27
N THR C 75 -6.58 -3.28 -13.95
CA THR C 75 -7.50 -3.37 -15.08
C THR C 75 -6.94 -4.27 -16.18
N SER C 76 -5.63 -4.22 -16.40
CA SER C 76 -5.02 -5.00 -17.47
C SER C 76 -5.02 -6.49 -17.20
N LYS C 77 -5.38 -6.93 -15.99
CA LYS C 77 -5.46 -8.34 -15.68
C LYS C 77 -6.83 -8.73 -15.12
N ASN C 78 -7.80 -7.82 -15.14
CA ASN C 78 -9.15 -8.08 -14.65
C ASN C 78 -9.14 -8.55 -13.20
N GLN C 79 -8.29 -7.93 -12.39
CA GLN C 79 -8.11 -8.33 -11.01
C GLN C 79 -8.24 -7.13 -10.09
N PHE C 80 -8.63 -7.40 -8.85
CA PHE C 80 -8.50 -6.44 -7.76
C PHE C 80 -8.03 -7.17 -6.51
N SER C 81 -7.31 -6.47 -5.66
CA SER C 81 -6.57 -7.10 -4.57
C SER C 81 -6.88 -6.43 -3.24
N LEU C 82 -6.53 -7.15 -2.17
CA LEU C 82 -6.69 -6.68 -0.80
C LEU C 82 -5.37 -6.84 -0.06
N LYS C 83 -4.96 -5.81 0.67
CA LYS C 83 -3.76 -5.86 1.50
C LYS C 83 -4.11 -5.33 2.88
N LEU C 84 -3.96 -6.19 3.89
CA LEU C 84 -4.22 -5.85 5.29
C LEU C 84 -2.90 -6.00 6.05
N SER C 85 -2.38 -4.89 6.56
CA SER C 85 -1.06 -4.87 7.18
C SER C 85 -1.18 -4.99 8.70
N SER C 86 -0.07 -5.42 9.30
CA SER C 86 0.06 -5.55 10.76
C SER C 86 -1.08 -6.41 11.33
N VAL C 87 -1.21 -7.61 10.78
CA VAL C 87 -2.32 -8.49 11.15
C VAL C 87 -2.09 -9.08 12.53
N THR C 88 -3.18 -9.32 13.25
CA THR C 88 -3.20 -10.03 14.52
C THR C 88 -4.13 -11.24 14.40
N ALA C 89 -4.21 -12.03 15.47
CA ALA C 89 -5.15 -13.15 15.49
C ALA C 89 -6.59 -12.69 15.30
N ALA C 90 -6.91 -11.44 15.63
CA ALA C 90 -8.23 -10.89 15.39
C ALA C 90 -8.55 -10.72 13.91
N ASP C 91 -7.58 -10.94 13.03
CA ASP C 91 -7.78 -10.86 11.60
C ASP C 91 -7.99 -12.23 10.95
N THR C 92 -7.90 -13.30 11.73
CA THR C 92 -8.17 -14.64 11.21
C THR C 92 -9.64 -14.74 10.82
N ALA C 93 -9.91 -14.90 9.53
CA ALA C 93 -11.28 -14.95 9.05
C ALA C 93 -11.29 -15.51 7.64
N VAL C 94 -12.48 -15.92 7.20
CA VAL C 94 -12.72 -16.23 5.80
C VAL C 94 -12.98 -14.93 5.07
N TYR C 95 -12.11 -14.59 4.12
CA TYR C 95 -12.23 -13.36 3.36
C TYR C 95 -12.91 -13.63 2.03
N TYR C 96 -13.91 -12.82 1.70
CA TYR C 96 -14.62 -12.90 0.43
C TYR C 96 -14.34 -11.65 -0.38
N CYS C 97 -14.19 -11.82 -1.69
CA CYS C 97 -14.38 -10.72 -2.62
C CYS C 97 -15.79 -10.80 -3.19
N ALA C 98 -16.34 -9.64 -3.52
CA ALA C 98 -17.70 -9.57 -4.04
C ALA C 98 -17.84 -8.36 -4.93
N ARG C 99 -18.95 -8.32 -5.66
CA ARG C 99 -19.32 -7.21 -6.52
C ARG C 99 -20.48 -6.46 -5.89
N GLN C 100 -20.32 -5.15 -5.73
CA GLN C 100 -21.35 -4.30 -5.17
C GLN C 100 -21.92 -3.42 -6.28
N ILE C 101 -23.25 -3.39 -6.39
CA ILE C 101 -23.90 -2.53 -7.37
C ILE C 101 -23.97 -1.12 -6.81
N GLY C 102 -23.60 -0.14 -7.63
CA GLY C 102 -23.61 1.24 -7.21
C GLY C 102 -24.86 1.95 -7.71
N PRO C 103 -25.22 3.05 -7.05
CA PRO C 103 -26.39 3.81 -7.51
C PRO C 103 -26.07 4.61 -8.77
N LYS C 104 -27.08 4.75 -9.62
CA LYS C 104 -26.98 5.59 -10.80
C LYS C 104 -27.56 6.98 -10.59
N ARG C 105 -28.42 7.15 -9.59
CA ARG C 105 -29.07 8.40 -9.24
C ARG C 105 -28.85 8.70 -7.76
N PRO C 106 -28.99 9.97 -7.37
CA PRO C 106 -28.93 10.31 -5.94
C PRO C 106 -30.08 9.66 -5.19
N SER C 107 -29.76 9.01 -4.07
CA SER C 107 -30.75 8.36 -3.21
C SER C 107 -31.46 7.22 -3.93
N GLN C 108 -30.70 6.44 -4.69
CA GLN C 108 -31.21 5.23 -5.32
C GLN C 108 -30.76 4.02 -4.51
N VAL C 109 -31.65 3.04 -4.38
CA VAL C 109 -31.37 1.86 -3.57
C VAL C 109 -30.34 1.00 -4.32
N ALA C 110 -29.15 0.88 -3.77
CA ALA C 110 -28.12 0.02 -4.34
C ALA C 110 -27.31 -0.62 -3.22
N ASP C 111 -26.02 -0.86 -3.46
CA ASP C 111 -25.05 -1.22 -2.45
C ASP C 111 -25.25 -2.61 -1.86
N TRP C 112 -25.91 -3.52 -2.58
CA TRP C 112 -25.94 -4.91 -2.19
C TRP C 112 -24.87 -5.68 -2.97
N PHE C 113 -24.60 -6.91 -2.52
CA PHE C 113 -23.46 -7.68 -3.00
C PHE C 113 -23.94 -8.90 -3.78
N ASP C 114 -23.48 -9.02 -5.03
CA ASP C 114 -23.82 -10.11 -5.95
C ASP C 114 -22.99 -9.96 -7.21
N PRO C 115 -22.16 -10.95 -7.57
CA PRO C 115 -21.92 -12.20 -6.84
C PRO C 115 -20.75 -12.13 -5.87
N TRP C 116 -20.43 -13.27 -5.25
CA TRP C 116 -19.37 -13.38 -4.28
C TRP C 116 -18.32 -14.37 -4.75
N GLY C 117 -17.09 -14.15 -4.31
CA GLY C 117 -16.08 -15.20 -4.40
C GLY C 117 -16.44 -16.36 -3.50
N GLN C 118 -15.68 -17.45 -3.65
CA GLN C 118 -15.97 -18.64 -2.86
C GLN C 118 -15.49 -18.54 -1.43
N GLY C 119 -14.60 -17.59 -1.12
CA GLY C 119 -14.10 -17.44 0.23
C GLY C 119 -12.75 -18.11 0.44
N THR C 120 -11.82 -17.39 1.07
CA THR C 120 -10.50 -17.92 1.37
C THR C 120 -10.22 -17.72 2.85
N LEU C 121 -9.97 -18.81 3.56
CA LEU C 121 -9.61 -18.72 4.97
C LEU C 121 -8.15 -18.28 5.10
N VAL C 122 -7.92 -17.21 5.85
CA VAL C 122 -6.58 -16.74 6.17
C VAL C 122 -6.39 -16.87 7.67
N THR C 123 -5.40 -17.65 8.08
CA THR C 123 -5.11 -17.88 9.49
C THR C 123 -3.85 -17.08 9.87
N VAL C 124 -3.99 -16.21 10.86
CA VAL C 124 -2.87 -15.43 11.36
C VAL C 124 -2.19 -16.27 12.45
N SER C 125 -1.00 -16.76 12.15
CA SER C 125 -0.25 -17.59 13.08
C SER C 125 1.25 -17.67 12.83
N SER C 126 1.97 -18.12 13.85
CA SER C 126 3.41 -18.30 13.79
C SER C 126 3.76 -19.78 13.77
N ALA C 127 2.96 -20.45 14.27
CA ALA C 127 3.06 -21.88 14.02
C ALA C 127 3.28 -22.15 12.54
N SER C 128 4.05 -23.20 12.25
CA SER C 128 4.36 -23.55 10.88
C SER C 128 3.32 -24.41 10.17
N THR C 129 3.51 -24.59 8.87
CA THR C 129 2.61 -25.39 8.06
C THR C 129 2.98 -26.86 8.14
N LYS C 130 1.97 -27.72 8.29
CA LYS C 130 2.17 -29.16 8.28
C LYS C 130 1.07 -29.81 7.47
N GLY C 131 1.45 -30.73 6.59
CA GLY C 131 0.51 -31.49 5.82
C GLY C 131 0.01 -32.70 6.58
N PRO C 132 -1.13 -33.25 6.17
CA PRO C 132 -1.77 -34.30 6.94
C PRO C 132 -1.19 -35.68 6.64
N SER C 133 -1.49 -36.61 7.55
CA SER C 133 -1.33 -38.03 7.31
C SER C 133 -2.72 -38.64 7.14
N VAL C 134 -2.88 -39.51 6.15
CA VAL C 134 -4.17 -40.09 5.82
C VAL C 134 -4.13 -41.56 6.17
N PHE C 135 -4.96 -41.95 7.15
CA PHE C 135 -5.10 -43.34 7.56
C PHE C 135 -6.49 -43.85 7.19
N PRO C 136 -6.60 -45.10 6.76
CA PRO C 136 -7.92 -45.63 6.39
C PRO C 136 -8.77 -45.96 7.62
N LEU C 137 -10.08 -45.78 7.44
CA LEU C 137 -11.08 -46.25 8.39
C LEU C 137 -11.81 -47.40 7.70
N ALA C 138 -11.33 -48.62 7.91
CA ALA C 138 -11.77 -49.79 7.16
C ALA C 138 -13.15 -50.27 7.61
N PRO C 139 -13.95 -50.79 6.68
CA PRO C 139 -15.25 -51.34 7.05
C PRO C 139 -15.09 -52.57 7.91
N SER C 140 -15.96 -52.69 8.91
CA SER C 140 -15.86 -53.79 9.86
C SER C 140 -16.07 -55.12 9.14
N SER C 141 -15.29 -56.12 9.56
CA SER C 141 -15.39 -57.44 8.95
C SER C 141 -16.76 -58.07 9.20
N LYS C 142 -17.30 -57.88 10.40
CA LYS C 142 -18.63 -58.38 10.73
C LYS C 142 -19.68 -57.83 9.76
N SER C 143 -19.97 -56.53 9.88
CA SER C 143 -20.88 -55.83 8.96
C SER C 143 -22.22 -56.56 8.94
N THR C 144 -22.84 -56.70 7.76
CA THR C 144 -24.09 -57.41 7.61
C THR C 144 -24.00 -58.29 6.38
N SER C 145 -25.05 -59.06 6.14
CA SER C 145 -25.07 -59.94 4.97
C SER C 145 -25.26 -59.13 3.69
N GLY C 146 -26.31 -58.31 3.63
CA GLY C 146 -26.57 -57.51 2.47
C GLY C 146 -27.15 -56.15 2.82
N GLY C 147 -26.69 -55.58 3.93
CA GLY C 147 -27.17 -54.28 4.37
C GLY C 147 -26.27 -53.14 3.93
N THR C 148 -25.88 -52.29 4.87
CA THR C 148 -25.03 -51.14 4.59
C THR C 148 -23.88 -51.08 5.58
N ALA C 149 -22.69 -50.82 5.07
CA ALA C 149 -21.49 -50.68 5.87
C ALA C 149 -20.95 -49.27 5.74
N ALA C 150 -20.02 -48.91 6.63
CA ALA C 150 -19.43 -47.60 6.64
C ALA C 150 -17.92 -47.71 6.57
N LEU C 151 -17.30 -46.77 5.85
CA LEU C 151 -15.85 -46.69 5.74
C LEU C 151 -15.48 -45.22 5.60
N GLY C 152 -14.20 -44.93 5.79
CA GLY C 152 -13.78 -43.55 5.69
C GLY C 152 -12.29 -43.38 5.76
N CYS C 153 -11.87 -42.11 5.86
CA CYS C 153 -10.47 -41.73 5.94
C CYS C 153 -10.26 -40.81 7.12
N LEU C 154 -9.17 -41.03 7.84
CA LEU C 154 -8.77 -40.17 8.96
C LEU C 154 -7.67 -39.24 8.49
N VAL C 155 -7.94 -37.95 8.50
CA VAL C 155 -6.99 -36.92 8.07
C VAL C 155 -6.49 -36.22 9.33
N LYS C 156 -5.26 -36.52 9.74
CA LYS C 156 -4.79 -36.17 11.08
C LYS C 156 -3.53 -35.32 11.03
N ASP C 157 -3.43 -34.38 11.97
CA ASP C 157 -2.21 -33.62 12.26
C ASP C 157 -1.77 -32.77 11.06
N TYR C 158 -2.58 -31.76 10.75
CA TYR C 158 -2.27 -30.79 9.70
C TYR C 158 -2.58 -29.38 10.18
N PHE C 159 -1.99 -28.40 9.50
CA PHE C 159 -2.17 -27.01 9.88
C PHE C 159 -1.62 -26.18 8.74
N PRO C 160 -2.31 -25.12 8.30
CA PRO C 160 -3.59 -24.70 8.88
C PRO C 160 -4.79 -25.31 8.15
N GLU C 161 -5.98 -24.81 8.46
CA GLU C 161 -7.14 -25.16 7.68
C GLU C 161 -7.04 -24.49 6.30
N PRO C 162 -7.72 -25.05 5.28
CA PRO C 162 -8.49 -26.28 5.32
C PRO C 162 -7.85 -27.42 4.54
N VAL C 163 -8.47 -28.60 4.59
CA VAL C 163 -8.24 -29.67 3.64
C VAL C 163 -9.56 -29.92 2.91
N THR C 164 -9.44 -30.49 1.71
CA THR C 164 -10.59 -30.91 0.95
C THR C 164 -10.52 -32.42 0.74
N VAL C 165 -11.65 -33.08 0.91
CA VAL C 165 -11.74 -34.52 0.73
C VAL C 165 -12.84 -34.81 -0.30
N SER C 166 -12.52 -35.62 -1.29
CA SER C 166 -13.48 -36.18 -2.21
C SER C 166 -13.24 -37.69 -2.27
N TRP C 167 -14.22 -38.41 -2.82
CA TRP C 167 -14.14 -39.86 -2.92
C TRP C 167 -14.25 -40.27 -4.39
N ASN C 168 -13.37 -41.16 -4.82
CA ASN C 168 -13.35 -41.68 -6.19
C ASN C 168 -13.34 -40.55 -7.21
N SER C 169 -12.45 -39.57 -6.98
CA SER C 169 -12.25 -38.44 -7.88
C SER C 169 -13.55 -37.67 -8.12
N GLY C 170 -14.43 -37.63 -7.12
CA GLY C 170 -15.70 -36.95 -7.23
C GLY C 170 -16.86 -37.81 -7.69
N ALA C 171 -16.63 -39.08 -8.02
CA ALA C 171 -17.70 -39.96 -8.48
C ALA C 171 -18.49 -40.59 -7.34
N LEU C 172 -18.11 -40.34 -6.08
CA LEU C 172 -18.83 -40.84 -4.93
C LEU C 172 -19.16 -39.67 -4.02
N THR C 173 -20.45 -39.29 -3.97
CA THR C 173 -20.88 -38.19 -3.11
C THR C 173 -22.08 -38.60 -2.27
N SER C 174 -22.88 -39.54 -2.77
CA SER C 174 -24.07 -39.98 -2.05
C SER C 174 -23.67 -40.70 -0.77
N GLY C 175 -24.14 -40.20 0.36
CA GLY C 175 -23.85 -40.80 1.65
C GLY C 175 -22.56 -40.36 2.29
N VAL C 176 -21.87 -39.37 1.72
CA VAL C 176 -20.57 -38.92 2.24
C VAL C 176 -20.80 -37.87 3.32
N HIS C 177 -20.04 -37.98 4.40
CA HIS C 177 -20.00 -36.96 5.44
C HIS C 177 -18.54 -36.65 5.76
N THR C 178 -18.11 -35.43 5.45
CA THR C 178 -16.80 -34.94 5.85
C THR C 178 -16.98 -34.03 7.05
N PHE C 179 -16.44 -34.43 8.19
CA PHE C 179 -16.73 -33.73 9.42
C PHE C 179 -15.87 -32.48 9.55
N PRO C 180 -16.40 -31.45 10.21
CA PRO C 180 -15.56 -30.28 10.53
C PRO C 180 -14.34 -30.71 11.33
N ALA C 181 -13.21 -30.09 11.00
CA ALA C 181 -11.98 -30.39 11.72
C ALA C 181 -12.09 -29.97 13.17
N VAL C 182 -11.42 -30.70 14.05
CA VAL C 182 -11.28 -30.34 15.44
C VAL C 182 -9.81 -30.00 15.68
N LEU C 183 -9.57 -28.97 16.49
CA LEU C 183 -8.22 -28.55 16.83
C LEU C 183 -7.77 -29.37 18.04
N GLN C 184 -6.80 -30.25 17.81
CA GLN C 184 -6.29 -31.09 18.88
C GLN C 184 -5.45 -30.27 19.84
N SER C 185 -5.16 -30.86 21.01
CA SER C 185 -4.34 -30.19 22.00
C SER C 185 -2.94 -29.90 21.50
N SER C 186 -2.49 -30.64 20.48
CA SER C 186 -1.18 -30.42 19.87
C SER C 186 -1.13 -29.17 19.01
N GLY C 187 -2.24 -28.45 18.85
CA GLY C 187 -2.28 -27.31 17.96
C GLY C 187 -2.54 -27.64 16.51
N LEU C 188 -2.55 -28.92 16.15
CA LEU C 188 -2.80 -29.36 14.78
C LEU C 188 -4.25 -29.81 14.63
N TYR C 189 -4.79 -29.63 13.43
CA TYR C 189 -6.16 -30.02 13.16
C TYR C 189 -6.25 -31.51 12.81
N SER C 190 -7.46 -32.04 12.89
CA SER C 190 -7.72 -33.42 12.52
C SER C 190 -9.20 -33.54 12.15
N LEU C 191 -9.48 -34.35 11.12
CA LEU C 191 -10.86 -34.62 10.74
C LEU C 191 -10.94 -36.01 10.13
N SER C 192 -12.17 -36.49 10.00
CA SER C 192 -12.45 -37.74 9.32
C SER C 192 -13.53 -37.50 8.28
N SER C 193 -13.46 -38.25 7.18
CA SER C 193 -14.46 -38.23 6.14
C SER C 193 -14.97 -39.66 5.95
N VAL C 194 -16.27 -39.85 6.08
CA VAL C 194 -16.86 -41.18 6.03
C VAL C 194 -17.93 -41.23 4.94
N VAL C 195 -18.30 -42.46 4.57
CA VAL C 195 -19.32 -42.72 3.57
C VAL C 195 -19.94 -44.07 3.86
N THR C 196 -21.25 -44.17 3.70
CA THR C 196 -21.97 -45.43 3.85
C THR C 196 -22.24 -46.03 2.47
N VAL C 197 -21.84 -47.29 2.29
CA VAL C 197 -22.02 -48.00 1.03
C VAL C 197 -22.67 -49.34 1.34
N PRO C 198 -23.26 -49.99 0.33
CA PRO C 198 -23.80 -51.33 0.55
C PRO C 198 -22.70 -52.33 0.88
N SER C 199 -23.04 -53.29 1.75
CA SER C 199 -22.06 -54.28 2.18
C SER C 199 -21.64 -55.20 1.03
N SER C 200 -22.52 -55.45 0.07
CA SER C 200 -22.20 -56.36 -1.02
C SER C 200 -21.13 -55.81 -1.95
N SER C 201 -20.95 -54.48 -2.00
CA SER C 201 -19.99 -53.87 -2.90
C SER C 201 -18.56 -53.90 -2.37
N LEU C 202 -18.37 -54.33 -1.12
CA LEU C 202 -17.06 -54.16 -0.48
C LEU C 202 -15.97 -54.96 -1.16
N GLY C 203 -16.32 -56.02 -1.89
CA GLY C 203 -15.28 -56.79 -2.55
C GLY C 203 -15.10 -56.44 -4.01
N THR C 204 -16.13 -55.80 -4.59
CA THR C 204 -16.15 -55.55 -6.03
C THR C 204 -15.97 -54.10 -6.42
N GLN C 205 -16.16 -53.16 -5.49
CA GLN C 205 -16.04 -51.73 -5.77
C GLN C 205 -14.90 -51.15 -4.93
N THR C 206 -14.01 -50.42 -5.59
CA THR C 206 -12.89 -49.79 -4.91
C THR C 206 -13.31 -48.43 -4.37
N TYR C 207 -12.68 -48.02 -3.27
CA TYR C 207 -12.98 -46.76 -2.62
C TYR C 207 -11.68 -46.04 -2.29
N ILE C 208 -11.46 -44.89 -2.92
CA ILE C 208 -10.28 -44.07 -2.68
C ILE C 208 -10.76 -42.70 -2.21
N CYS C 209 -10.16 -42.20 -1.12
CA CYS C 209 -10.41 -40.84 -0.66
C CYS C 209 -9.30 -39.93 -1.16
N ASN C 210 -9.68 -38.78 -1.70
CA ASN C 210 -8.75 -37.85 -2.31
C ASN C 210 -8.58 -36.67 -1.37
N VAL C 211 -7.42 -36.57 -0.73
CA VAL C 211 -7.16 -35.57 0.30
C VAL C 211 -6.23 -34.51 -0.27
N ASN C 212 -6.66 -33.26 -0.24
CA ASN C 212 -5.89 -32.13 -0.74
C ASN C 212 -5.73 -31.12 0.37
N HIS C 213 -4.48 -30.67 0.58
CA HIS C 213 -4.16 -29.65 1.59
C HIS C 213 -3.25 -28.64 0.90
N LYS C 214 -3.86 -27.61 0.31
CA LYS C 214 -3.10 -26.63 -0.46
C LYS C 214 -1.98 -25.94 0.30
N PRO C 215 -2.14 -25.54 1.57
CA PRO C 215 -1.03 -24.84 2.26
C PRO C 215 0.27 -25.62 2.29
N SER C 216 0.25 -26.95 2.20
CA SER C 216 1.46 -27.75 2.22
C SER C 216 1.72 -28.49 0.91
N ASN C 217 1.00 -28.15 -0.16
CA ASN C 217 1.17 -28.76 -1.47
C ASN C 217 1.06 -30.28 -1.40
N THR C 218 0.13 -30.75 -0.57
CA THR C 218 -0.04 -32.17 -0.30
C THR C 218 -1.26 -32.71 -1.04
N LYS C 219 -1.08 -33.82 -1.74
CA LYS C 219 -2.17 -34.56 -2.40
C LYS C 219 -1.97 -36.04 -2.09
N VAL C 220 -2.93 -36.63 -1.39
CA VAL C 220 -2.85 -38.03 -1.00
C VAL C 220 -4.09 -38.75 -1.49
N ASP C 221 -3.90 -39.85 -2.22
CA ASP C 221 -4.96 -40.75 -2.63
C ASP C 221 -4.79 -42.04 -1.86
N LYS C 222 -5.78 -42.37 -1.02
CA LYS C 222 -5.69 -43.50 -0.10
C LYS C 222 -6.81 -44.48 -0.39
N LYS C 223 -6.44 -45.72 -0.69
CA LYS C 223 -7.42 -46.78 -0.89
C LYS C 223 -7.89 -47.31 0.46
N VAL C 224 -9.19 -47.59 0.56
CA VAL C 224 -9.80 -48.07 1.81
C VAL C 224 -10.44 -49.41 1.50
N GLU C 225 -9.74 -50.49 1.84
CA GLU C 225 -10.17 -51.85 1.63
C GLU C 225 -10.64 -52.48 2.94
N PRO C 226 -11.42 -53.56 2.87
CA PRO C 226 -11.70 -54.34 4.08
C PRO C 226 -10.41 -54.94 4.63
N LYS C 227 -10.27 -54.89 5.95
CA LYS C 227 -9.04 -55.36 6.58
C LYS C 227 -8.93 -56.87 6.47
N SER C 228 -7.71 -57.35 6.20
CA SER C 228 -7.44 -58.78 6.06
C SER C 228 -6.83 -59.31 7.34
N CYS C 229 -7.22 -60.54 7.70
CA CYS C 229 -6.78 -61.14 8.96
C CYS C 229 -6.04 -62.45 8.72
N ASP D 1 -22.43 5.11 12.89
CA ASP D 1 -22.52 3.69 12.54
C ASP D 1 -23.93 3.14 12.78
N ILE D 2 -24.52 2.62 11.72
CA ILE D 2 -25.84 2.01 11.81
C ILE D 2 -25.69 0.56 12.26
N GLN D 3 -26.33 0.23 13.38
CA GLN D 3 -26.31 -1.11 13.93
C GLN D 3 -27.62 -1.82 13.61
N LEU D 4 -27.52 -3.08 13.20
CA LEU D 4 -28.66 -3.91 12.88
C LEU D 4 -28.76 -5.04 13.88
N THR D 5 -29.92 -5.18 14.51
CA THR D 5 -30.18 -6.20 15.52
C THR D 5 -31.14 -7.23 14.95
N GLN D 6 -30.69 -8.48 14.87
CA GLN D 6 -31.47 -9.56 14.28
C GLN D 6 -32.01 -10.44 15.39
N SER D 7 -33.34 -10.64 15.39
CA SER D 7 -33.99 -11.51 16.36
C SER D 7 -34.85 -12.53 15.62
N PRO D 8 -34.82 -13.81 16.05
CA PRO D 8 -33.98 -14.30 17.15
C PRO D 8 -32.56 -14.63 16.67
N SER D 9 -31.69 -15.02 17.61
CA SER D 9 -30.37 -15.48 17.22
C SER D 9 -30.44 -16.86 16.58
N PHE D 10 -31.27 -17.75 17.15
CA PHE D 10 -31.49 -19.08 16.62
C PHE D 10 -32.98 -19.37 16.57
N LEU D 11 -33.37 -20.28 15.69
CA LEU D 11 -34.73 -20.80 15.70
C LEU D 11 -34.73 -22.16 15.04
N SER D 12 -35.70 -22.99 15.44
CA SER D 12 -35.85 -24.35 14.94
C SER D 12 -37.30 -24.58 14.57
N ALA D 13 -37.57 -24.79 13.28
CA ALA D 13 -38.93 -24.97 12.79
C ALA D 13 -39.03 -26.25 11.99
N SER D 14 -40.26 -26.72 11.82
CA SER D 14 -40.54 -27.93 11.08
C SER D 14 -40.71 -27.63 9.59
N VAL D 15 -40.55 -28.67 8.77
CA VAL D 15 -40.76 -28.53 7.33
C VAL D 15 -42.24 -28.23 7.09
N GLY D 16 -42.51 -27.21 6.28
CA GLY D 16 -43.85 -26.73 6.06
C GLY D 16 -44.28 -25.60 6.97
N ASP D 17 -43.54 -25.34 8.05
CA ASP D 17 -43.87 -24.23 8.93
C ASP D 17 -43.60 -22.89 8.25
N ARG D 18 -44.25 -21.86 8.78
CA ARG D 18 -44.03 -20.48 8.35
C ARG D 18 -43.06 -19.83 9.32
N VAL D 19 -41.93 -19.35 8.79
CA VAL D 19 -40.86 -18.79 9.60
C VAL D 19 -40.79 -17.29 9.35
N THR D 20 -40.52 -16.54 10.42
CA THR D 20 -40.42 -15.08 10.34
C THR D 20 -39.21 -14.61 11.13
N ILE D 21 -38.33 -13.85 10.47
CA ILE D 21 -37.11 -13.33 11.07
C ILE D 21 -37.18 -11.80 11.04
N THR D 22 -36.78 -11.18 12.14
CA THR D 22 -36.85 -9.74 12.31
C THR D 22 -35.46 -9.11 12.28
N CYS D 23 -35.35 -7.94 11.66
CA CYS D 23 -34.14 -7.14 11.63
C CYS D 23 -34.52 -5.71 11.98
N ARG D 24 -33.98 -5.20 13.09
CA ARG D 24 -34.34 -3.87 13.59
C ARG D 24 -33.11 -2.97 13.52
N ALA D 25 -33.24 -1.86 12.81
CA ALA D 25 -32.14 -0.92 12.64
C ALA D 25 -32.14 0.13 13.75
N SER D 26 -30.94 0.55 14.13
CA SER D 26 -30.80 1.55 15.19
C SER D 26 -31.37 2.90 14.78
N GLN D 27 -31.51 3.16 13.48
CA GLN D 27 -32.17 4.37 13.01
C GLN D 27 -33.10 3.96 11.87
N GLY D 28 -33.90 4.90 11.35
CA GLY D 28 -34.75 4.57 10.22
C GLY D 28 -34.07 4.72 8.87
N ILE D 29 -33.96 3.63 8.10
CA ILE D 29 -33.23 3.63 6.84
C ILE D 29 -34.19 3.36 5.68
N SER D 30 -35.44 3.79 5.84
CA SER D 30 -36.47 3.69 4.81
C SER D 30 -36.60 2.26 4.33
N SER D 31 -36.21 1.98 3.08
CA SER D 31 -36.28 0.65 2.48
C SER D 31 -34.90 0.18 2.01
N TYR D 32 -33.84 0.70 2.62
CA TYR D 32 -32.47 0.38 2.22
C TYR D 32 -31.98 -0.84 2.98
N LEU D 33 -32.59 -1.98 2.69
CA LEU D 33 -32.25 -3.21 3.38
C LEU D 33 -32.22 -4.38 2.40
N ALA D 34 -31.30 -5.31 2.62
CA ALA D 34 -31.20 -6.53 1.84
C ALA D 34 -31.06 -7.73 2.78
N TRP D 35 -31.46 -8.89 2.28
CA TRP D 35 -31.39 -10.14 3.02
C TRP D 35 -30.47 -11.13 2.31
N TYR D 36 -29.69 -11.87 3.09
CA TYR D 36 -28.78 -12.86 2.56
C TYR D 36 -29.02 -14.20 3.23
N GLN D 37 -28.73 -15.27 2.49
CA GLN D 37 -28.79 -16.64 3.00
C GLN D 37 -27.40 -17.25 2.87
N GLN D 38 -26.87 -17.74 3.97
CA GLN D 38 -25.55 -18.36 3.98
C GLN D 38 -25.67 -19.79 4.46
N LYS D 39 -25.41 -20.73 3.58
CA LYS D 39 -25.36 -22.14 3.94
C LYS D 39 -23.94 -22.51 4.33
N PRO D 40 -23.78 -23.56 5.15
CA PRO D 40 -22.45 -23.91 5.67
C PRO D 40 -21.40 -24.05 4.58
N GLY D 41 -20.25 -23.41 4.80
CA GLY D 41 -19.14 -23.48 3.88
C GLY D 41 -19.31 -22.70 2.60
N LYS D 42 -20.43 -22.00 2.42
CA LYS D 42 -20.72 -21.26 1.20
C LYS D 42 -20.71 -19.77 1.49
N ALA D 43 -20.47 -18.98 0.44
CA ALA D 43 -20.62 -17.54 0.53
C ALA D 43 -22.09 -17.19 0.72
N PRO D 44 -22.39 -16.03 1.31
CA PRO D 44 -23.78 -15.60 1.41
C PRO D 44 -24.39 -15.37 0.03
N LYS D 45 -25.67 -15.67 -0.08
CA LYS D 45 -26.41 -15.55 -1.34
C LYS D 45 -27.51 -14.51 -1.18
N LEU D 46 -27.57 -13.58 -2.12
CA LEU D 46 -28.58 -12.53 -2.07
C LEU D 46 -29.97 -13.10 -2.26
N LEU D 47 -30.88 -12.75 -1.36
CA LEU D 47 -32.28 -13.17 -1.46
C LEU D 47 -33.20 -12.00 -1.80
N ILE D 48 -33.19 -10.96 -0.97
CA ILE D 48 -34.06 -9.79 -1.14
C ILE D 48 -33.19 -8.55 -1.13
N TYR D 49 -33.55 -7.56 -1.94
CA TYR D 49 -32.97 -6.24 -1.88
C TYR D 49 -34.09 -5.21 -1.91
N ALA D 50 -33.78 -3.98 -1.49
CA ALA D 50 -34.78 -2.92 -1.35
C ALA D 50 -35.94 -3.38 -0.48
N ALA D 51 -35.61 -4.13 0.59
CA ALA D 51 -36.54 -4.59 1.61
C ALA D 51 -37.50 -5.67 1.13
N SER D 52 -38.04 -5.54 -0.09
CA SER D 52 -39.09 -6.45 -0.52
C SER D 52 -38.94 -6.97 -1.95
N THR D 53 -37.90 -6.59 -2.68
CA THR D 53 -37.73 -7.05 -4.06
C THR D 53 -36.98 -8.36 -4.07
N LEU D 54 -37.63 -9.42 -4.54
CA LEU D 54 -37.02 -10.75 -4.58
C LEU D 54 -35.99 -10.82 -5.70
N GLN D 55 -34.84 -11.42 -5.40
CA GLN D 55 -33.77 -11.57 -6.37
C GLN D 55 -34.11 -12.64 -7.40
N SER D 56 -33.77 -12.37 -8.66
CA SER D 56 -34.03 -13.31 -9.74
C SER D 56 -33.34 -14.64 -9.46
N GLY D 57 -34.13 -15.71 -9.37
CA GLY D 57 -33.61 -17.02 -9.06
C GLY D 57 -33.77 -17.47 -7.63
N VAL D 58 -34.64 -16.82 -6.86
CA VAL D 58 -34.91 -17.17 -5.46
C VAL D 58 -36.32 -17.73 -5.39
N PRO D 59 -36.55 -18.84 -4.69
CA PRO D 59 -37.91 -19.40 -4.60
C PRO D 59 -38.91 -18.38 -4.07
N SER D 60 -40.14 -18.48 -4.58
CA SER D 60 -41.19 -17.53 -4.23
C SER D 60 -41.64 -17.65 -2.78
N ARG D 61 -41.28 -18.73 -2.08
CA ARG D 61 -41.63 -18.87 -0.68
C ARG D 61 -40.87 -17.88 0.20
N PHE D 62 -39.80 -17.28 -0.32
CA PHE D 62 -39.10 -16.21 0.37
C PHE D 62 -39.77 -14.88 0.06
N SER D 63 -39.79 -13.99 1.05
CA SER D 63 -40.39 -12.68 0.88
C SER D 63 -39.89 -11.76 1.99
N GLY D 64 -39.70 -10.50 1.65
CA GLY D 64 -39.33 -9.49 2.62
C GLY D 64 -40.34 -8.37 2.68
N SER D 65 -40.42 -7.68 3.82
CA SER D 65 -41.31 -6.55 3.95
C SER D 65 -40.81 -5.68 5.11
N GLY D 66 -41.34 -4.47 5.19
CA GLY D 66 -40.94 -3.55 6.22
C GLY D 66 -40.45 -2.22 5.70
N SER D 67 -40.46 -1.20 6.56
CA SER D 67 -40.02 0.13 6.20
C SER D 67 -39.68 0.88 7.48
N GLY D 68 -38.64 1.68 7.42
CA GLY D 68 -38.23 2.47 8.58
C GLY D 68 -37.19 1.74 9.43
N THR D 69 -37.61 1.24 10.59
CA THR D 69 -36.70 0.64 11.55
C THR D 69 -36.83 -0.88 11.67
N GLU D 70 -37.99 -1.45 11.39
CA GLU D 70 -38.22 -2.88 11.58
C GLU D 70 -38.52 -3.54 10.25
N PHE D 71 -37.83 -4.65 9.97
CA PHE D 71 -37.99 -5.40 8.73
C PHE D 71 -38.10 -6.88 9.06
N THR D 72 -38.85 -7.61 8.24
CA THR D 72 -39.08 -9.03 8.45
C THR D 72 -38.80 -9.83 7.18
N LEU D 73 -38.16 -10.98 7.34
CA LEU D 73 -38.00 -11.96 6.28
C LEU D 73 -38.86 -13.17 6.60
N THR D 74 -39.66 -13.60 5.63
CA THR D 74 -40.65 -14.66 5.84
C THR D 74 -40.43 -15.80 4.87
N ILE D 75 -40.35 -17.02 5.39
CA ILE D 75 -40.32 -18.24 4.60
C ILE D 75 -41.68 -18.90 4.80
N SER D 76 -42.52 -18.86 3.77
CA SER D 76 -43.92 -19.30 3.93
C SER D 76 -44.03 -20.80 4.17
N SER D 77 -43.14 -21.60 3.58
CA SER D 77 -43.16 -23.05 3.76
C SER D 77 -41.72 -23.52 3.85
N LEU D 78 -41.27 -23.81 5.06
CA LEU D 78 -39.86 -24.15 5.28
C LEU D 78 -39.54 -25.51 4.66
N GLN D 79 -38.45 -25.56 3.91
CA GLN D 79 -37.96 -26.77 3.25
C GLN D 79 -36.65 -27.22 3.89
N PRO D 80 -36.30 -28.51 3.77
CA PRO D 80 -35.04 -28.97 4.37
C PRO D 80 -33.81 -28.24 3.87
N GLU D 81 -33.79 -27.87 2.59
CA GLU D 81 -32.65 -27.16 2.03
C GLU D 81 -32.54 -25.72 2.53
N ASP D 82 -33.54 -25.20 3.22
CA ASP D 82 -33.53 -23.84 3.73
C ASP D 82 -32.72 -23.69 5.03
N PHE D 83 -32.05 -24.75 5.48
CA PHE D 83 -31.19 -24.66 6.65
C PHE D 83 -30.00 -23.74 6.35
N ALA D 84 -29.93 -22.62 7.05
CA ALA D 84 -28.89 -21.62 6.80
C ALA D 84 -28.90 -20.59 7.90
N THR D 85 -27.93 -19.69 7.85
CA THR D 85 -27.88 -18.49 8.67
C THR D 85 -28.22 -17.31 7.77
N TYR D 86 -29.27 -16.57 8.12
CA TYR D 86 -29.77 -15.47 7.29
C TYR D 86 -29.32 -14.14 7.89
N TYR D 87 -28.81 -13.26 7.03
CA TYR D 87 -28.28 -11.96 7.43
C TYR D 87 -29.04 -10.84 6.73
N CYS D 88 -29.29 -9.77 7.46
CA CYS D 88 -29.76 -8.52 6.86
C CYS D 88 -28.60 -7.56 6.70
N GLN D 89 -28.74 -6.63 5.75
CA GLN D 89 -27.72 -5.63 5.49
C GLN D 89 -28.38 -4.30 5.16
N GLN D 90 -27.90 -3.24 5.79
CA GLN D 90 -28.33 -1.89 5.47
C GLN D 90 -27.51 -1.34 4.31
N LEU D 91 -28.20 -0.70 3.36
CA LEU D 91 -27.57 -0.19 2.13
C LEU D 91 -27.92 1.28 1.93
N ASN D 92 -27.69 2.09 2.97
CA ASN D 92 -28.06 3.50 2.93
C ASN D 92 -26.87 4.38 3.31
N SER D 93 -26.06 3.90 4.23
CA SER D 93 -25.04 4.72 4.87
C SER D 93 -23.75 3.93 5.00
N TYR D 94 -22.63 4.65 4.94
CA TYR D 94 -21.33 4.01 5.14
C TYR D 94 -20.85 4.24 6.58
N PRO D 95 -20.19 3.25 7.19
CA PRO D 95 -19.78 1.98 6.60
C PRO D 95 -20.93 0.98 6.47
N LEU D 96 -20.86 0.13 5.45
CA LEU D 96 -21.88 -0.90 5.25
C LEU D 96 -21.80 -1.93 6.37
N THR D 97 -22.96 -2.28 6.92
CA THR D 97 -23.04 -3.13 8.10
C THR D 97 -24.09 -4.21 7.91
N PHE D 98 -23.87 -5.34 8.56
CA PHE D 98 -24.79 -6.47 8.54
C PHE D 98 -25.39 -6.69 9.92
N GLY D 99 -26.51 -7.40 9.95
CA GLY D 99 -27.03 -7.91 11.20
C GLY D 99 -26.24 -9.09 11.71
N GLY D 100 -26.60 -9.54 12.91
CA GLY D 100 -25.86 -10.62 13.54
C GLY D 100 -26.17 -12.01 13.01
N GLY D 101 -27.23 -12.15 12.23
CA GLY D 101 -27.60 -13.43 11.65
C GLY D 101 -28.58 -14.23 12.47
N THR D 102 -29.45 -14.98 11.80
CA THR D 102 -30.41 -15.87 12.44
C THR D 102 -30.17 -17.27 11.89
N LYS D 103 -29.70 -18.18 12.74
CA LYS D 103 -29.45 -19.56 12.31
C LYS D 103 -30.75 -20.33 12.39
N VAL D 104 -31.16 -20.89 11.25
CA VAL D 104 -32.43 -21.60 11.13
C VAL D 104 -32.14 -23.10 11.05
N GLU D 105 -32.53 -23.82 12.09
CA GLU D 105 -32.44 -25.27 12.11
C GLU D 105 -33.77 -25.88 11.67
N ILE D 106 -33.70 -27.10 11.15
CA ILE D 106 -34.89 -27.85 10.74
C ILE D 106 -35.25 -28.83 11.86
N ARG D 108 -38.11 -31.85 12.44
CA ARG D 108 -38.47 -33.11 11.61
C ARG D 108 -38.78 -34.47 12.41
N THR D 109 -39.00 -35.70 11.81
CA THR D 109 -39.26 -36.79 12.75
C THR D 109 -37.95 -37.28 13.37
N VAL D 110 -38.07 -37.80 14.60
CA VAL D 110 -36.91 -38.36 15.28
C VAL D 110 -36.32 -39.50 14.47
N ALA D 111 -35.00 -39.52 14.36
CA ALA D 111 -34.27 -40.54 13.62
C ALA D 111 -33.12 -41.04 14.47
N ALA D 112 -33.12 -42.35 14.75
CA ALA D 112 -32.04 -42.94 15.52
C ALA D 112 -30.74 -42.96 14.71
N PRO D 113 -29.59 -42.93 15.37
CA PRO D 113 -28.32 -42.99 14.64
C PRO D 113 -27.87 -44.42 14.36
N SER D 114 -27.26 -44.60 13.20
CA SER D 114 -26.48 -45.80 12.94
C SER D 114 -25.09 -45.61 13.51
N VAL D 115 -24.59 -46.61 14.24
CA VAL D 115 -23.34 -46.50 14.98
C VAL D 115 -22.32 -47.44 14.37
N PHE D 116 -21.11 -46.93 14.16
CA PHE D 116 -19.97 -47.73 13.69
C PHE D 116 -18.76 -47.37 14.54
N ILE D 117 -17.87 -48.34 14.71
CA ILE D 117 -16.62 -48.13 15.45
C ILE D 117 -15.46 -48.61 14.58
N PHE D 118 -14.39 -47.82 14.57
CA PHE D 118 -13.24 -48.08 13.69
C PHE D 118 -11.98 -48.21 14.54
N PRO D 119 -11.25 -49.33 14.44
CA PRO D 119 -10.00 -49.45 15.17
C PRO D 119 -8.92 -48.58 14.54
N PRO D 120 -7.84 -48.29 15.27
CA PRO D 120 -6.72 -47.57 14.65
C PRO D 120 -6.03 -48.47 13.63
N SER D 121 -5.77 -47.91 12.46
CA SER D 121 -5.12 -48.67 11.40
C SER D 121 -3.71 -49.07 11.82
N ASP D 122 -3.24 -50.18 11.25
CA ASP D 122 -1.88 -50.62 11.50
C ASP D 122 -0.86 -49.58 11.04
N GLU D 123 -1.23 -48.77 10.04
CA GLU D 123 -0.32 -47.72 9.59
C GLU D 123 -0.15 -46.64 10.65
N GLN D 124 -1.22 -46.31 11.37
CA GLN D 124 -1.11 -45.28 12.41
C GLN D 124 -0.40 -45.80 13.65
N LEU D 125 -0.65 -47.07 14.02
CA LEU D 125 0.05 -47.65 15.16
C LEU D 125 1.56 -47.66 14.94
N LYS D 126 1.99 -47.70 13.68
CA LYS D 126 3.41 -47.57 13.36
C LYS D 126 3.96 -46.21 13.72
N SER D 127 3.09 -45.22 13.90
CA SER D 127 3.50 -43.85 14.21
C SER D 127 3.55 -43.54 15.70
N GLY D 128 3.07 -44.46 16.55
CA GLY D 128 3.11 -44.25 17.98
C GLY D 128 1.85 -43.67 18.59
N THR D 129 0.86 -43.33 17.78
CA THR D 129 -0.42 -42.80 18.26
C THR D 129 -1.55 -43.68 17.73
N ALA D 130 -2.56 -43.88 18.56
CA ALA D 130 -3.74 -44.67 18.19
C ALA D 130 -4.98 -43.79 18.25
N SER D 131 -5.75 -43.79 17.16
CA SER D 131 -7.02 -43.09 17.10
C SER D 131 -8.13 -44.10 16.91
N VAL D 132 -9.15 -44.03 17.75
CA VAL D 132 -10.34 -44.87 17.64
C VAL D 132 -11.52 -43.96 17.33
N VAL D 133 -12.16 -44.19 16.19
CA VAL D 133 -13.24 -43.34 15.69
C VAL D 133 -14.56 -44.07 15.86
N CYS D 134 -15.57 -43.35 16.36
CA CYS D 134 -16.92 -43.84 16.51
C CYS D 134 -17.85 -42.92 15.72
N LEU D 135 -18.66 -43.50 14.84
CA LEU D 135 -19.51 -42.74 13.93
C LEU D 135 -20.97 -42.89 14.30
N LEU D 136 -21.66 -41.76 14.43
CA LEU D 136 -23.12 -41.71 14.60
C LEU D 136 -23.68 -41.08 13.34
N ASN D 137 -24.44 -41.85 12.57
CA ASN D 137 -24.78 -41.50 11.20
C ASN D 137 -26.27 -41.23 11.06
N ASN D 138 -26.61 -40.07 10.48
CA ASN D 138 -27.95 -39.74 10.00
C ASN D 138 -29.00 -39.88 11.11
N PHE D 139 -28.90 -38.99 12.09
CA PHE D 139 -29.81 -38.96 13.21
C PHE D 139 -30.40 -37.56 13.39
N TYR D 140 -31.56 -37.51 14.02
CA TYR D 140 -32.24 -36.28 14.38
C TYR D 140 -33.01 -36.56 15.66
N PRO D 141 -33.00 -35.64 16.63
CA PRO D 141 -32.35 -34.33 16.61
C PRO D 141 -30.84 -34.35 16.85
N ARG D 142 -30.26 -33.15 16.98
CA ARG D 142 -28.81 -33.00 17.00
C ARG D 142 -28.19 -33.56 18.28
N GLU D 143 -28.94 -33.58 19.38
CA GLU D 143 -28.37 -33.95 20.67
C GLU D 143 -28.13 -35.45 20.73
N ALA D 144 -26.89 -35.84 21.04
CA ALA D 144 -26.54 -37.24 21.22
C ALA D 144 -25.41 -37.33 22.23
N LYS D 145 -25.30 -38.50 22.87
CA LYS D 145 -24.35 -38.71 23.94
C LYS D 145 -23.51 -39.95 23.63
N VAL D 146 -22.19 -39.78 23.70
CA VAL D 146 -21.24 -40.84 23.34
C VAL D 146 -20.30 -41.05 24.52
N GLN D 147 -20.33 -42.25 25.09
CA GLN D 147 -19.43 -42.64 26.16
C GLN D 147 -18.41 -43.64 25.64
N TRP D 148 -17.14 -43.43 26.00
CA TRP D 148 -16.07 -44.33 25.63
C TRP D 148 -15.70 -45.22 26.81
N LYS D 149 -15.73 -46.53 26.60
CA LYS D 149 -15.34 -47.50 27.61
C LYS D 149 -14.18 -48.33 27.09
N VAL D 150 -13.12 -48.42 27.88
CA VAL D 150 -11.93 -49.19 27.56
C VAL D 150 -11.76 -50.20 28.68
N ASP D 151 -12.06 -51.47 28.39
CA ASP D 151 -12.15 -52.52 29.42
C ASP D 151 -13.18 -52.14 30.48
N ASN D 152 -14.34 -51.67 30.00
CA ASN D 152 -15.45 -51.21 30.85
C ASN D 152 -15.08 -50.04 31.74
N ALA D 153 -13.98 -49.36 31.43
CA ALA D 153 -13.56 -48.17 32.18
C ALA D 153 -13.96 -46.94 31.36
N LEU D 154 -14.92 -46.18 31.88
CA LEU D 154 -15.41 -45.00 31.19
C LEU D 154 -14.28 -43.98 31.03
N GLN D 155 -14.05 -43.55 29.80
CA GLN D 155 -13.00 -42.59 29.49
C GLN D 155 -13.54 -41.17 29.54
N SER D 156 -12.65 -40.23 29.88
CA SER D 156 -12.98 -38.82 29.85
C SER D 156 -11.68 -38.02 29.73
N GLY D 157 -11.73 -36.95 28.95
CA GLY D 157 -10.59 -36.09 28.73
C GLY D 157 -9.73 -36.44 27.53
N ASN D 158 -10.03 -37.54 26.83
CA ASN D 158 -9.21 -38.01 25.71
C ASN D 158 -10.03 -38.22 24.45
N SER D 159 -11.17 -37.55 24.30
CA SER D 159 -12.02 -37.72 23.14
C SER D 159 -12.56 -36.38 22.69
N GLN D 160 -12.65 -36.20 21.37
CA GLN D 160 -13.20 -34.99 20.78
C GLN D 160 -14.30 -35.37 19.80
N GLU D 161 -15.30 -34.50 19.70
CA GLU D 161 -16.45 -34.75 18.84
C GLU D 161 -16.53 -33.71 17.73
N SER D 162 -17.29 -34.05 16.70
CA SER D 162 -17.50 -33.18 15.54
C SER D 162 -18.82 -33.55 14.90
N VAL D 163 -19.64 -32.54 14.59
CA VAL D 163 -20.98 -32.74 14.07
C VAL D 163 -21.10 -32.00 12.74
N THR D 164 -21.63 -32.69 11.73
CA THR D 164 -21.86 -32.06 10.45
C THR D 164 -23.05 -31.11 10.54
N GLU D 165 -23.08 -30.14 9.63
CA GLU D 165 -24.26 -29.32 9.47
C GLU D 165 -25.42 -30.18 8.97
N GLN D 166 -26.64 -29.66 9.13
CA GLN D 166 -27.82 -30.43 8.78
C GLN D 166 -27.81 -30.80 7.30
N ASP D 167 -28.15 -32.05 7.01
CA ASP D 167 -28.09 -32.55 5.65
C ASP D 167 -29.19 -31.93 4.81
N SER D 168 -28.84 -31.46 3.61
CA SER D 168 -29.76 -30.71 2.78
C SER D 168 -30.83 -31.57 2.13
N LYS D 169 -30.88 -32.88 2.39
CA LYS D 169 -31.82 -33.76 1.71
C LYS D 169 -32.70 -34.56 2.66
N ASP D 170 -32.16 -35.09 3.76
CA ASP D 170 -32.97 -35.73 4.77
C ASP D 170 -33.01 -34.98 6.10
N SER D 171 -32.26 -33.88 6.23
CA SER D 171 -32.28 -33.01 7.40
C SER D 171 -31.72 -33.67 8.65
N THR D 172 -30.85 -34.67 8.49
CA THR D 172 -30.26 -35.37 9.62
C THR D 172 -28.88 -34.80 9.95
N TYR D 173 -28.32 -35.27 11.06
CA TYR D 173 -26.99 -34.93 11.50
C TYR D 173 -26.13 -36.17 11.56
N SER D 174 -24.81 -35.96 11.57
CA SER D 174 -23.86 -37.04 11.80
C SER D 174 -22.79 -36.53 12.76
N LEU D 175 -22.30 -37.44 13.59
CA LEU D 175 -21.31 -37.12 14.62
C LEU D 175 -20.20 -38.15 14.58
N SER D 176 -18.96 -37.68 14.76
CA SER D 176 -17.81 -38.55 14.91
C SER D 176 -17.12 -38.21 16.23
N SER D 177 -16.75 -39.25 16.98
CA SER D 177 -16.02 -39.11 18.23
C SER D 177 -14.70 -39.86 18.10
N THR D 178 -13.60 -39.16 18.31
CA THR D 178 -12.26 -39.73 18.16
C THR D 178 -11.63 -39.91 19.54
N LEU D 179 -11.26 -41.13 19.86
CA LEU D 179 -10.54 -41.45 21.10
C LEU D 179 -9.06 -41.53 20.78
N THR D 180 -8.27 -40.63 21.38
CA THR D 180 -6.84 -40.56 21.12
C THR D 180 -6.07 -41.21 22.26
N LEU D 181 -5.20 -42.15 21.92
CA LEU D 181 -4.39 -42.87 22.89
C LEU D 181 -2.96 -42.98 22.37
N SER D 182 -2.04 -43.30 23.27
CA SER D 182 -0.69 -43.67 22.87
C SER D 182 -0.66 -45.13 22.45
N LYS D 183 0.28 -45.46 21.58
CA LYS D 183 0.41 -46.85 21.13
C LYS D 183 0.64 -47.79 22.31
N ALA D 184 1.39 -47.32 23.32
CA ALA D 184 1.61 -48.14 24.51
C ALA D 184 0.32 -48.33 25.30
N ASP D 185 -0.40 -47.23 25.56
CA ASP D 185 -1.65 -47.32 26.30
C ASP D 185 -2.70 -48.12 25.53
N TYR D 186 -2.68 -48.03 24.20
CA TYR D 186 -3.65 -48.77 23.40
C TYR D 186 -3.43 -50.27 23.51
N GLU D 187 -2.17 -50.69 23.59
CA GLU D 187 -1.84 -52.12 23.65
C GLU D 187 -2.03 -52.71 25.04
N LYS D 188 -2.28 -51.89 26.07
CA LYS D 188 -2.46 -52.40 27.42
C LYS D 188 -3.86 -52.95 27.67
N HIS D 189 -4.86 -52.49 26.93
CA HIS D 189 -6.25 -52.89 27.13
C HIS D 189 -6.76 -53.61 25.90
N LYS D 190 -7.91 -54.28 26.04
CA LYS D 190 -8.44 -55.15 25.00
C LYS D 190 -9.76 -54.64 24.42
N VAL D 191 -10.81 -54.57 25.22
CA VAL D 191 -12.14 -54.25 24.71
C VAL D 191 -12.28 -52.74 24.57
N TYR D 192 -12.59 -52.29 23.36
CA TYR D 192 -12.86 -50.88 23.07
C TYR D 192 -14.29 -50.75 22.61
N ALA D 193 -15.03 -49.79 23.18
CA ALA D 193 -16.43 -49.63 22.86
C ALA D 193 -16.83 -48.16 23.01
N CYS D 194 -17.72 -47.72 22.12
CA CYS D 194 -18.45 -46.47 22.32
C CYS D 194 -19.92 -46.80 22.55
N GLU D 195 -20.50 -46.20 23.59
CA GLU D 195 -21.89 -46.41 23.94
C GLU D 195 -22.66 -45.14 23.58
N VAL D 196 -23.70 -45.30 22.77
CA VAL D 196 -24.44 -44.18 22.19
C VAL D 196 -25.85 -44.17 22.77
N THR D 197 -26.31 -42.99 23.18
CA THR D 197 -27.69 -42.79 23.60
C THR D 197 -28.26 -41.60 22.83
N HIS D 198 -29.57 -41.66 22.57
CA HIS D 198 -30.22 -40.69 21.69
C HIS D 198 -31.72 -40.81 21.87
N GLN D 199 -32.43 -39.76 21.47
CA GLN D 199 -33.90 -39.77 21.59
C GLN D 199 -34.51 -40.93 20.83
N GLY D 200 -33.96 -41.27 19.68
CA GLY D 200 -34.48 -42.35 18.86
C GLY D 200 -34.10 -43.75 19.29
N LEU D 201 -33.29 -43.90 20.33
CA LEU D 201 -32.87 -45.20 20.83
C LEU D 201 -33.58 -45.47 22.15
N SER D 202 -34.28 -46.59 22.22
CA SER D 202 -34.97 -46.98 23.45
C SER D 202 -34.02 -47.54 24.50
N SER D 203 -32.79 -47.86 24.13
CA SER D 203 -31.76 -48.32 25.06
C SER D 203 -30.41 -48.11 24.40
N PRO D 204 -29.33 -48.00 25.19
CA PRO D 204 -28.03 -47.65 24.61
C PRO D 204 -27.54 -48.67 23.60
N VAL D 205 -26.89 -48.16 22.56
CA VAL D 205 -26.26 -48.99 21.53
C VAL D 205 -24.76 -48.98 21.75
N THR D 206 -24.16 -50.16 21.79
CA THR D 206 -22.73 -50.31 22.04
C THR D 206 -22.10 -51.06 20.87
N LYS D 207 -21.25 -50.38 20.11
CA LYS D 207 -20.42 -51.01 19.10
C LYS D 207 -19.02 -51.16 19.66
N SER D 208 -18.49 -52.39 19.62
CA SER D 208 -17.22 -52.69 20.26
C SER D 208 -16.38 -53.57 19.35
N PHE D 209 -15.07 -53.53 19.59
CA PHE D 209 -14.12 -54.43 18.94
C PHE D 209 -13.07 -54.84 19.97
N ASN D 210 -12.39 -55.94 19.68
CA ASN D 210 -11.31 -56.46 20.51
C ASN D 210 -9.99 -56.15 19.82
N ARG D 211 -9.09 -55.47 20.54
CA ARG D 211 -7.79 -55.12 19.97
C ARG D 211 -7.06 -56.36 19.51
N GLY D 212 -6.75 -56.42 18.22
CA GLY D 212 -6.04 -57.55 17.66
C GLY D 212 -6.97 -58.56 17.03
N GLU D 213 -8.01 -58.95 17.76
CA GLU D 213 -8.96 -59.94 17.25
C GLU D 213 -9.68 -59.40 16.02
N CYS D 214 -9.65 -60.18 14.95
CA CYS D 214 -10.28 -59.83 13.68
C CYS D 214 -11.74 -59.43 13.83
N THR E 7 -1.41 19.93 45.55
CA THR E 7 -0.04 19.50 45.77
C THR E 7 0.52 18.74 44.56
N ASN E 8 0.35 19.33 43.38
CA ASN E 8 0.91 18.73 42.16
C ASN E 8 2.42 18.67 42.24
N LEU E 9 2.99 17.57 41.72
CA LEU E 9 4.43 17.40 41.63
C LEU E 9 4.91 17.75 40.23
N CYS E 10 6.05 18.42 40.16
CA CYS E 10 6.55 18.90 38.87
C CYS E 10 6.90 17.72 37.96
N PRO E 11 6.54 17.78 36.68
CA PRO E 11 6.76 16.63 35.78
C PRO E 11 8.19 16.57 35.22
N PHE E 12 9.13 16.23 36.09
CA PHE E 12 10.52 16.02 35.69
C PHE E 12 10.75 14.62 35.15
N ASP E 13 10.01 13.62 35.65
CA ASP E 13 10.14 12.27 35.14
C ASP E 13 9.84 12.22 33.64
N GLU E 14 8.82 12.96 33.20
CA GLU E 14 8.42 12.93 31.80
C GLU E 14 9.50 13.49 30.88
N VAL E 15 10.39 14.33 31.41
CA VAL E 15 11.41 14.97 30.58
C VAL E 15 12.69 14.15 30.53
N PHE E 16 13.20 13.75 31.69
CA PHE E 16 14.44 12.98 31.73
C PHE E 16 14.25 11.57 31.23
N ASN E 17 13.14 10.93 31.60
CA ASN E 17 12.89 9.52 31.28
C ASN E 17 12.04 9.34 30.02
N ALA E 18 12.00 10.34 29.14
CA ALA E 18 11.29 10.18 27.88
C ALA E 18 12.00 9.15 27.00
N THR E 19 11.21 8.28 26.36
CA THR E 19 11.80 7.23 25.54
C THR E 19 12.45 7.79 24.28
N ARG E 20 11.91 8.88 23.73
CA ARG E 20 12.46 9.51 22.53
C ARG E 20 12.70 10.98 22.77
N PHE E 21 13.86 11.46 22.36
CA PHE E 21 14.22 12.86 22.48
C PHE E 21 14.12 13.55 21.12
N ALA E 22 14.05 14.87 21.16
CA ALA E 22 13.92 15.67 19.95
C ALA E 22 15.28 15.97 19.34
N SER E 23 15.27 16.26 18.05
CA SER E 23 16.48 16.74 17.39
C SER E 23 16.83 18.13 17.92
N VAL E 24 18.12 18.46 17.87
CA VAL E 24 18.58 19.70 18.47
C VAL E 24 18.01 20.92 17.74
N TYR E 25 17.86 20.82 16.41
CA TYR E 25 17.31 21.95 15.65
C TYR E 25 15.85 22.18 15.99
N ALA E 26 15.11 21.12 16.30
CA ALA E 26 13.72 21.24 16.71
C ALA E 26 13.59 20.87 18.18
N TRP E 27 14.42 21.48 19.02
CA TRP E 27 14.48 21.11 20.43
C TRP E 27 13.13 21.33 21.11
N ASN E 28 12.79 20.42 22.02
CA ASN E 28 11.53 20.47 22.74
C ASN E 28 11.68 21.29 24.03
N ARG E 29 10.57 21.90 24.43
CA ARG E 29 10.50 22.64 25.69
C ARG E 29 9.23 22.26 26.42
N LYS E 30 9.36 21.95 27.70
CA LYS E 30 8.25 21.62 28.57
C LYS E 30 8.11 22.72 29.60
N ARG E 31 6.96 23.38 29.61
CA ARG E 31 6.68 24.45 30.56
C ARG E 31 6.20 23.84 31.88
N ILE E 32 6.91 24.17 32.96
CA ILE E 32 6.63 23.60 34.28
C ILE E 32 6.26 24.74 35.22
N SER E 33 5.05 24.67 35.78
CA SER E 33 4.55 25.74 36.63
C SER E 33 3.53 25.19 37.61
N ASN E 34 3.43 25.85 38.77
CA ASN E 34 2.43 25.53 39.78
C ASN E 34 2.58 24.09 40.26
N CYS E 35 3.72 23.80 40.88
CA CYS E 35 4.02 22.44 41.33
C CYS E 35 5.12 22.50 42.36
N VAL E 36 5.30 21.38 43.06
CA VAL E 36 6.39 21.19 44.02
C VAL E 36 7.44 20.30 43.40
N ALA E 37 8.70 20.70 43.52
CA ALA E 37 9.82 20.02 42.89
C ALA E 37 10.82 19.57 43.94
N ASP E 38 11.35 18.36 43.76
CA ASP E 38 12.44 17.86 44.59
C ASP E 38 13.75 18.00 43.81
N TYR E 39 14.16 19.28 43.67
CA TYR E 39 15.41 19.60 42.99
C TYR E 39 16.58 18.84 43.60
N PHE E 48 28.87 10.05 36.10
CA PHE E 48 28.76 9.94 34.65
C PHE E 48 27.74 10.90 34.06
N PHE E 49 27.35 11.94 34.80
CA PHE E 49 26.47 12.98 34.33
C PHE E 49 27.25 14.28 34.21
N THR E 50 27.11 14.95 33.06
CA THR E 50 27.64 16.30 32.91
C THR E 50 26.65 17.28 33.52
N PHE E 51 27.08 18.02 34.52
CA PHE E 51 26.20 18.90 35.28
C PHE E 51 26.90 20.25 35.48
N LYS E 52 26.41 21.29 34.80
CA LYS E 52 26.94 22.64 34.94
C LYS E 52 25.79 23.61 35.16
N CYS E 53 25.88 24.40 36.22
CA CYS E 53 24.88 25.40 36.53
C CYS E 53 25.45 26.79 36.33
N TYR E 54 24.57 27.74 36.00
CA TYR E 54 24.99 29.10 35.68
C TYR E 54 24.03 30.09 36.33
N GLY E 55 24.58 31.06 37.04
CA GLY E 55 23.79 32.10 37.68
C GLY E 55 23.03 31.66 38.91
N VAL E 56 23.09 30.38 39.28
CA VAL E 56 22.36 29.89 40.45
C VAL E 56 23.03 28.62 40.94
N SER E 57 23.00 28.40 42.25
CA SER E 57 23.63 27.27 42.92
C SER E 57 22.62 26.14 43.13
N PRO E 58 23.03 24.89 42.90
CA PRO E 58 22.08 23.78 43.06
C PRO E 58 21.63 23.55 44.49
N THR E 59 22.54 23.68 45.46
CA THR E 59 22.15 23.47 46.86
C THR E 59 21.18 24.54 47.37
N LYS E 60 20.90 25.56 46.57
CA LYS E 60 19.98 26.63 46.94
C LYS E 60 18.66 26.58 46.18
N LEU E 61 18.52 25.68 45.21
CA LEU E 61 17.29 25.65 44.41
C LEU E 61 16.08 25.22 45.24
N ASN E 62 16.30 24.38 46.25
CA ASN E 62 15.20 23.97 47.11
C ASN E 62 14.66 25.09 47.98
N ASP E 63 15.37 26.22 48.05
CA ASP E 63 14.97 27.35 48.87
C ASP E 63 14.43 28.52 48.05
N LEU E 64 14.32 28.37 46.73
CA LEU E 64 13.91 29.45 45.85
C LEU E 64 12.62 29.10 45.14
N CYS E 65 11.81 30.12 44.89
CA CYS E 65 10.62 30.02 44.06
C CYS E 65 10.83 30.80 42.77
N PHE E 66 10.24 30.32 41.68
CA PHE E 66 10.39 30.92 40.37
C PHE E 66 9.03 31.13 39.72
N THR E 67 8.99 32.01 38.73
CA THR E 67 7.76 32.23 37.98
C THR E 67 7.46 31.07 37.06
N ASN E 68 8.46 30.63 36.29
CA ASN E 68 8.32 29.49 35.40
C ASN E 68 9.67 28.79 35.28
N VAL E 69 9.63 27.48 35.10
CA VAL E 69 10.82 26.65 34.89
C VAL E 69 10.66 25.95 33.55
N TYR E 70 11.51 26.30 32.59
CA TYR E 70 11.43 25.75 31.25
C TYR E 70 12.43 24.60 31.10
N ALA E 71 11.93 23.47 30.60
CA ALA E 71 12.72 22.24 30.47
C ALA E 71 12.96 21.95 29.00
N ASP E 72 14.16 22.26 28.52
CA ASP E 72 14.52 22.06 27.12
C ASP E 72 15.30 20.76 26.99
N SER E 73 14.89 19.92 26.05
CA SER E 73 15.50 18.62 25.84
C SER E 73 15.76 18.39 24.35
N PHE E 74 16.89 17.76 24.05
CA PHE E 74 17.32 17.48 22.69
C PHE E 74 18.51 16.53 22.76
N VAL E 75 19.06 16.19 21.59
CA VAL E 75 20.18 15.26 21.48
C VAL E 75 21.23 15.85 20.55
N ILE E 76 22.48 15.87 21.01
CA ILE E 76 23.63 16.23 20.22
C ILE E 76 24.68 15.15 20.40
N ARG E 77 25.83 15.32 19.76
CA ARG E 77 26.96 14.41 19.95
C ARG E 77 27.91 14.94 21.01
N GLY E 78 28.74 14.03 21.54
CA GLY E 78 29.50 14.33 22.74
C GLY E 78 30.39 15.55 22.61
N ASP E 79 31.04 15.72 21.45
CA ASP E 79 31.94 16.85 21.25
C ASP E 79 31.21 18.19 21.22
N GLU E 80 29.88 18.19 21.17
CA GLU E 80 29.10 19.41 21.07
C GLU E 80 28.43 19.81 22.37
N VAL E 81 28.62 19.05 23.45
CA VAL E 81 27.96 19.38 24.72
C VAL E 81 28.53 20.66 25.29
N ARG E 82 29.82 20.95 25.04
CA ARG E 82 30.44 22.17 25.55
C ARG E 82 29.81 23.42 24.96
N GLN E 83 29.07 23.31 23.86
CA GLN E 83 28.42 24.47 23.25
C GLN E 83 27.12 24.82 23.96
N ILE E 84 26.46 23.86 24.61
CA ILE E 84 25.25 24.16 25.36
C ILE E 84 25.63 24.90 26.64
N ALA E 85 25.99 26.16 26.50
CA ALA E 85 26.45 26.98 27.62
C ALA E 85 26.37 28.44 27.19
N PRO E 86 26.27 29.36 28.14
CA PRO E 86 26.25 30.79 27.79
C PRO E 86 27.58 31.24 27.20
N GLY E 87 27.49 32.13 26.21
CA GLY E 87 28.68 32.68 25.58
C GLY E 87 29.50 31.66 24.80
N GLN E 88 28.83 30.74 24.12
CA GLN E 88 29.50 29.72 23.31
C GLN E 88 29.17 29.92 21.84
N THR E 89 30.11 29.53 20.97
CA THR E 89 29.95 29.64 19.52
C THR E 89 30.15 28.26 18.89
N GLY E 90 29.59 28.09 17.70
CA GLY E 90 29.66 26.82 17.00
C GLY E 90 28.38 26.50 16.26
N ASN E 91 28.34 25.37 15.55
CA ASN E 91 27.15 25.05 14.75
C ASN E 91 25.92 24.88 15.64
N ILE E 92 26.07 24.21 16.78
CA ILE E 92 24.93 23.98 17.66
C ILE E 92 24.51 25.27 18.35
N ALA E 93 25.48 26.04 18.85
CA ALA E 93 25.16 27.25 19.61
C ALA E 93 24.59 28.33 18.71
N ASP E 94 25.13 28.49 17.50
CA ASP E 94 24.70 29.57 16.63
C ASP E 94 23.46 29.23 15.81
N TYR E 95 23.28 27.97 15.43
CA TYR E 95 22.26 27.61 14.47
C TYR E 95 21.18 26.67 15.00
N ASN E 96 21.30 26.15 16.22
CA ASN E 96 20.37 25.15 16.70
C ASN E 96 19.73 25.54 18.03
N TYR E 97 20.56 25.72 19.07
CA TYR E 97 20.05 26.03 20.40
C TYR E 97 21.02 26.98 21.09
N LYS E 98 20.61 28.24 21.24
CA LYS E 98 21.45 29.27 21.83
C LYS E 98 20.96 29.62 23.23
N LEU E 99 21.89 29.67 24.18
CA LEU E 99 21.62 30.15 25.52
C LEU E 99 22.10 31.58 25.68
N PRO E 100 21.35 32.41 26.40
CA PRO E 100 21.75 33.83 26.55
C PRO E 100 23.02 33.95 27.38
N ASP E 101 23.58 35.17 27.36
CA ASP E 101 24.80 35.42 28.11
C ASP E 101 24.54 35.47 29.61
N ASP E 102 23.37 35.94 30.02
CA ASP E 102 22.97 35.99 31.43
C ASP E 102 22.06 34.82 31.80
N PHE E 103 22.37 33.63 31.29
CA PHE E 103 21.52 32.46 31.52
C PHE E 103 21.52 32.07 32.99
N THR E 104 20.33 31.85 33.53
CA THR E 104 20.16 31.42 34.92
C THR E 104 19.51 30.04 34.90
N GLY E 105 20.32 29.01 35.16
CA GLY E 105 19.82 27.66 35.14
C GLY E 105 20.97 26.67 35.10
N CYS E 106 20.62 25.42 34.84
CA CYS E 106 21.58 24.32 34.82
C CYS E 106 21.43 23.52 33.54
N VAL E 107 22.53 22.92 33.11
CA VAL E 107 22.56 22.05 31.94
C VAL E 107 22.95 20.66 32.40
N ILE E 108 22.21 19.66 31.91
CA ILE E 108 22.44 18.26 32.27
C ILE E 108 22.61 17.47 30.99
N ALA E 109 23.63 16.60 30.95
CA ALA E 109 23.89 15.77 29.79
C ALA E 109 24.44 14.43 30.24
N TRP E 110 24.11 13.38 29.49
CA TRP E 110 24.59 12.05 29.81
C TRP E 110 24.70 11.25 28.51
N ASN E 111 25.67 10.34 28.49
CA ASN E 111 25.90 9.52 27.30
C ASN E 111 24.74 8.55 27.11
N SER E 112 24.06 8.67 25.98
CA SER E 112 22.93 7.81 25.65
C SER E 112 23.24 6.92 24.45
N ASN E 113 24.44 6.34 24.42
CA ASN E 113 24.83 5.48 23.30
C ASN E 113 24.02 4.18 23.29
N LYS E 114 23.53 3.74 24.45
CA LYS E 114 22.74 2.52 24.54
C LYS E 114 21.29 2.71 24.14
N LEU E 115 20.87 3.94 23.86
CA LEU E 115 19.47 4.24 23.57
C LEU E 115 19.26 4.85 22.19
N ASP E 116 20.16 5.69 21.72
CA ASP E 116 19.93 6.47 20.51
C ASP E 116 20.86 6.08 19.35
N SER E 117 21.63 5.01 19.49
CA SER E 117 22.56 4.58 18.46
C SER E 117 22.14 3.21 17.93
N LYS E 118 22.09 3.08 16.61
CA LYS E 118 21.72 1.84 15.95
C LYS E 118 22.90 1.28 15.17
N VAL E 119 22.90 -0.04 14.99
CA VAL E 119 23.97 -0.69 14.25
C VAL E 119 24.03 -0.18 12.81
N SER E 120 22.88 -0.13 12.15
CA SER E 120 22.81 0.38 10.78
C SER E 120 22.81 1.91 10.71
N GLY E 121 22.98 2.59 11.84
CA GLY E 121 23.00 4.04 11.85
C GLY E 121 21.64 4.65 12.16
N ASN E 122 21.57 5.48 13.20
CA ASN E 122 20.32 6.14 13.59
C ASN E 122 20.30 7.53 12.97
N TYR E 123 19.84 7.60 11.72
CA TYR E 123 19.76 8.85 10.98
C TYR E 123 18.55 9.69 11.36
N ASN E 124 17.85 9.33 12.44
CA ASN E 124 16.63 10.05 12.82
C ASN E 124 16.93 11.40 13.44
N TYR E 125 18.07 11.54 14.11
CA TYR E 125 18.43 12.78 14.78
C TYR E 125 19.10 13.73 13.79
N LEU E 126 18.65 14.97 13.77
CA LEU E 126 19.08 15.95 12.78
C LEU E 126 19.63 17.21 13.45
N TYR E 127 20.39 17.98 12.68
CA TYR E 127 20.92 19.25 13.13
C TYR E 127 21.00 20.19 11.94
N ARG E 128 20.97 21.49 12.23
CA ARG E 128 21.07 22.51 11.20
C ARG E 128 22.53 22.84 10.93
N LEU E 129 22.91 22.82 9.66
CA LEU E 129 24.28 23.12 9.27
C LEU E 129 24.46 24.53 8.74
N PHE E 130 23.54 25.03 7.92
CA PHE E 130 23.63 26.35 7.33
C PHE E 130 22.50 27.23 7.82
N ARG E 131 22.80 28.50 8.05
CA ARG E 131 21.80 29.51 8.38
C ARG E 131 22.40 30.87 8.08
N LYS E 132 21.55 31.79 7.62
CA LYS E 132 22.04 33.09 7.18
C LYS E 132 22.62 33.90 8.34
N SER E 133 21.98 33.86 9.50
CA SER E 133 22.43 34.59 10.68
C SER E 133 22.40 33.66 11.90
N ASN E 134 22.90 34.18 13.02
CA ASN E 134 22.94 33.39 14.25
C ASN E 134 21.59 33.40 14.94
N LEU E 135 21.32 32.34 15.72
CA LEU E 135 20.08 32.27 16.47
C LEU E 135 20.12 33.23 17.65
N LYS E 136 18.98 33.85 17.94
CA LYS E 136 18.82 34.60 19.16
C LYS E 136 18.70 33.62 20.33
N PRO E 137 18.91 34.08 21.56
CA PRO E 137 18.78 33.18 22.70
C PRO E 137 17.39 32.54 22.76
N PHE E 138 17.38 31.22 22.93
CA PHE E 138 16.16 30.41 23.03
C PHE E 138 15.35 30.39 21.74
N GLU E 139 15.98 30.66 20.60
CA GLU E 139 15.28 30.66 19.32
C GLU E 139 15.22 29.25 18.76
N ARG E 140 14.07 28.89 18.19
CA ARG E 140 13.86 27.58 17.57
C ARG E 140 13.46 27.77 16.13
N ASP E 141 14.31 27.32 15.21
CA ASP E 141 14.08 27.46 13.78
C ASP E 141 13.93 26.06 13.19
N ILE E 142 12.69 25.71 12.82
CA ILE E 142 12.42 24.42 12.19
C ILE E 142 12.25 24.55 10.68
N SER E 143 12.60 25.70 10.11
CA SER E 143 12.49 25.88 8.67
C SER E 143 13.52 25.03 7.94
N THR E 144 13.09 24.43 6.82
CA THR E 144 13.95 23.58 6.01
C THR E 144 14.02 24.11 4.58
N GLU E 145 14.05 25.43 4.43
CA GLU E 145 14.16 26.03 3.11
C GLU E 145 15.58 25.89 2.56
N ILE E 146 15.67 25.69 1.24
CA ILE E 146 16.97 25.49 0.60
C ILE E 146 17.84 26.71 0.82
N TYR E 147 19.00 26.51 1.43
CA TYR E 147 19.89 27.61 1.80
C TYR E 147 20.63 28.13 0.57
N GLN E 148 20.60 29.44 0.38
CA GLN E 148 21.28 30.09 -0.73
C GLN E 148 22.67 30.51 -0.29
N ALA E 149 23.69 29.80 -0.79
CA ALA E 149 25.08 30.12 -0.51
C ALA E 149 25.75 30.92 -1.62
N GLY E 150 25.02 31.25 -2.69
CA GLY E 150 25.56 32.03 -3.78
C GLY E 150 24.65 33.19 -4.19
N ASN E 151 24.76 33.60 -5.45
CA ASN E 151 23.97 34.73 -5.94
C ASN E 151 22.65 34.29 -6.57
N LYS E 152 22.62 33.12 -7.21
CA LYS E 152 21.42 32.73 -7.94
C LYS E 152 20.33 32.23 -7.00
N PRO E 153 19.07 32.56 -7.28
CA PRO E 153 17.97 32.08 -6.42
C PRO E 153 17.79 30.57 -6.54
N CYS E 154 17.68 29.91 -5.39
CA CYS E 154 17.58 28.45 -5.38
C CYS E 154 16.23 27.99 -5.90
N ASN E 155 15.15 28.61 -5.41
CA ASN E 155 13.78 28.23 -5.79
C ASN E 155 13.50 26.77 -5.47
N GLY E 156 13.94 26.33 -4.29
CA GLY E 156 13.73 24.95 -3.87
C GLY E 156 14.44 23.93 -4.72
N VAL E 157 15.60 24.26 -5.27
CA VAL E 157 16.37 23.36 -6.11
C VAL E 157 17.68 23.06 -5.39
N ALA E 158 17.90 21.79 -5.07
CA ALA E 158 19.17 21.35 -4.48
C ALA E 158 20.21 21.31 -5.58
N GLY E 159 21.03 22.36 -5.66
CA GLY E 159 22.05 22.45 -6.67
C GLY E 159 23.31 23.12 -6.17
N PHE E 160 24.12 23.62 -7.09
CA PHE E 160 25.36 24.29 -6.72
C PHE E 160 25.05 25.56 -5.93
N ASN E 161 25.67 25.69 -4.75
CA ASN E 161 25.44 26.80 -3.84
C ASN E 161 23.99 26.86 -3.35
N CYS E 162 23.28 25.73 -3.39
CA CYS E 162 21.89 25.63 -2.93
C CYS E 162 21.73 24.26 -2.28
N TYR E 163 21.92 24.20 -0.96
CA TYR E 163 21.97 22.95 -0.23
C TYR E 163 20.84 22.87 0.81
N PHE E 164 20.54 21.66 1.23
CA PHE E 164 19.52 21.43 2.24
C PHE E 164 20.08 21.76 3.62
N PRO E 165 19.36 22.52 4.45
CA PRO E 165 19.96 23.06 5.68
C PRO E 165 20.06 22.07 6.84
N LEU E 166 19.61 20.82 6.68
CA LEU E 166 19.62 19.85 7.77
C LEU E 166 20.39 18.61 7.37
N ARG E 167 21.08 18.01 8.35
CA ARG E 167 21.86 16.79 8.16
C ARG E 167 21.56 15.83 9.30
N SER E 168 22.11 14.63 9.19
CA SER E 168 21.83 13.57 10.16
C SER E 168 23.06 13.27 11.01
N TYR E 169 22.81 12.78 12.22
CA TYR E 169 23.90 12.41 13.11
C TYR E 169 24.39 10.99 12.85
N SER E 170 23.52 10.10 12.36
CA SER E 170 23.90 8.74 11.99
C SER E 170 24.58 8.01 13.14
N PHE E 171 24.01 8.14 14.33
CA PHE E 171 24.59 7.57 15.54
C PHE E 171 24.76 6.06 15.45
N ARG E 172 26.02 5.61 15.40
CA ARG E 172 26.38 4.20 15.42
C ARG E 172 27.16 3.88 16.69
N PRO E 173 26.93 2.72 17.30
CA PRO E 173 27.61 2.41 18.57
C PRO E 173 29.11 2.29 18.45
N THR E 174 29.63 2.04 17.25
CA THR E 174 31.07 1.90 17.07
C THR E 174 31.81 3.23 17.00
N TYR E 175 31.09 4.35 17.01
CA TYR E 175 31.75 5.65 16.96
C TYR E 175 32.51 5.91 18.27
N GLY E 176 33.37 6.93 18.22
CA GLY E 176 34.02 7.41 19.42
C GLY E 176 33.07 8.23 20.29
N VAL E 177 33.52 8.50 21.52
CA VAL E 177 32.68 9.23 22.46
C VAL E 177 32.34 10.63 21.93
N GLY E 178 33.27 11.24 21.18
CA GLY E 178 33.00 12.54 20.61
C GLY E 178 31.91 12.54 19.57
N HIS E 179 31.54 11.36 19.05
CA HIS E 179 30.46 11.24 18.07
C HIS E 179 29.29 10.41 18.60
N GLN E 180 29.29 10.05 19.89
CA GLN E 180 28.20 9.30 20.49
C GLN E 180 27.09 10.23 20.96
N PRO E 181 25.84 9.78 20.94
CA PRO E 181 24.73 10.66 21.30
C PRO E 181 24.73 10.99 22.79
N TYR E 182 24.34 12.23 23.10
CA TYR E 182 24.19 12.71 24.46
C TYR E 182 22.84 13.41 24.58
N ARG E 183 22.01 12.94 25.50
CA ARG E 183 20.72 13.59 25.75
C ARG E 183 20.93 14.76 26.71
N VAL E 184 20.45 15.93 26.31
CA VAL E 184 20.69 17.17 27.04
C VAL E 184 19.36 17.70 27.57
N VAL E 185 19.34 18.09 28.84
CA VAL E 185 18.17 18.70 29.47
C VAL E 185 18.60 20.02 30.07
N VAL E 186 18.07 21.12 29.54
CA VAL E 186 18.41 22.46 29.98
C VAL E 186 17.23 23.02 30.76
N LEU E 187 17.46 23.34 32.04
CA LEU E 187 16.42 23.86 32.91
C LEU E 187 16.66 25.35 33.13
N SER E 188 15.72 26.17 32.68
CA SER E 188 15.79 27.61 32.84
C SER E 188 14.93 28.03 34.02
N PHE E 189 15.48 28.89 34.88
CA PHE E 189 14.80 29.36 36.08
C PHE E 189 14.46 30.83 35.91
N GLU E 190 13.20 31.10 35.64
CA GLU E 190 12.72 32.44 35.32
C GLU E 190 12.09 33.08 36.56
N LEU E 191 12.42 34.36 36.80
CA LEU E 191 11.85 35.08 37.93
C LEU E 191 11.57 36.52 37.48
N LEU E 192 10.42 36.71 36.82
CA LEU E 192 10.00 38.04 36.40
C LEU E 192 9.10 38.65 37.48
N HIS E 193 8.02 39.30 37.07
CA HIS E 193 6.97 39.70 38.00
C HIS E 193 6.10 38.47 38.25
N ALA E 194 4.79 38.59 38.05
CA ALA E 194 3.91 37.43 38.09
C ALA E 194 3.93 36.82 39.50
N PRO E 195 3.26 35.70 39.76
CA PRO E 195 3.53 35.03 41.04
C PRO E 195 4.53 33.89 40.92
N ALA E 196 5.31 33.69 41.97
CA ALA E 196 6.25 32.58 42.04
C ALA E 196 5.51 31.33 42.48
N THR E 197 5.43 30.34 41.60
CA THR E 197 4.65 29.13 41.83
C THR E 197 5.49 27.85 41.89
N VAL E 198 6.65 27.81 41.24
CA VAL E 198 7.49 26.61 41.23
C VAL E 198 8.48 26.76 42.38
N CYS E 199 8.12 26.20 43.53
CA CYS E 199 8.94 26.27 44.73
C CYS E 199 9.53 24.91 45.04
N GLY E 200 10.81 24.90 45.42
CA GLY E 200 11.49 23.65 45.70
C GLY E 200 11.19 23.13 47.10
N LYS E 201 11.16 21.82 47.22
CA LYS E 201 10.93 21.15 48.50
C LYS E 201 11.28 19.68 48.41
N THR F 7 9.45 37.78 -18.68
CA THR F 7 8.76 36.82 -19.54
C THR F 7 7.99 35.79 -18.72
N ASN F 8 7.20 36.28 -17.77
CA ASN F 8 6.35 35.41 -16.97
C ASN F 8 5.32 34.70 -17.85
N LEU F 9 5.06 33.44 -17.54
CA LEU F 9 4.05 32.64 -18.23
C LEU F 9 2.76 32.63 -17.40
N CYS F 10 1.63 32.72 -18.10
CA CYS F 10 0.36 32.84 -17.40
C CYS F 10 0.06 31.54 -16.65
N PRO F 11 -0.44 31.63 -15.42
CA PRO F 11 -0.66 30.43 -14.58
C PRO F 11 -1.98 29.72 -14.89
N PHE F 12 -2.02 29.08 -16.07
CA PHE F 12 -3.16 28.26 -16.45
C PHE F 12 -3.07 26.85 -15.88
N ASP F 13 -1.85 26.32 -15.69
CA ASP F 13 -1.70 25.01 -15.10
C ASP F 13 -2.31 24.96 -13.70
N GLU F 14 -2.13 26.03 -12.93
CA GLU F 14 -2.64 26.05 -11.56
C GLU F 14 -4.16 26.02 -11.50
N VAL F 15 -4.84 26.42 -12.58
CA VAL F 15 -6.30 26.49 -12.58
C VAL F 15 -6.91 25.19 -13.10
N PHE F 16 -6.44 24.71 -14.24
CA PHE F 16 -7.01 23.49 -14.82
C PHE F 16 -6.59 22.26 -14.02
N ASN F 17 -5.33 22.20 -13.60
CA ASN F 17 -4.78 21.01 -12.94
C ASN F 17 -4.82 21.11 -11.42
N ALA F 18 -5.68 21.95 -10.87
CA ALA F 18 -5.84 22.01 -9.42
C ALA F 18 -6.44 20.70 -8.90
N THR F 19 -5.89 20.20 -7.79
CA THR F 19 -6.36 18.94 -7.25
C THR F 19 -7.77 19.05 -6.67
N ARG F 20 -8.14 20.22 -6.14
CA ARG F 20 -9.45 20.43 -5.57
C ARG F 20 -10.09 21.68 -6.18
N PHE F 21 -11.34 21.57 -6.56
CA PHE F 21 -12.11 22.68 -7.12
C PHE F 21 -13.09 23.23 -6.08
N ALA F 22 -13.54 24.45 -6.32
CA ALA F 22 -14.45 25.12 -5.41
C ALA F 22 -15.89 24.74 -5.72
N SER F 23 -16.75 24.90 -4.71
CA SER F 23 -18.18 24.75 -4.93
C SER F 23 -18.68 25.88 -5.81
N VAL F 24 -19.76 25.62 -6.54
CA VAL F 24 -20.25 26.59 -7.51
C VAL F 24 -20.75 27.85 -6.83
N TYR F 25 -21.37 27.72 -5.64
CA TYR F 25 -21.86 28.91 -4.94
C TYR F 25 -20.72 29.78 -4.45
N ALA F 26 -19.58 29.17 -4.10
CA ALA F 26 -18.39 29.92 -3.70
C ALA F 26 -17.31 29.76 -4.76
N TRP F 27 -17.67 30.03 -6.02
CA TRP F 27 -16.77 29.79 -7.13
C TRP F 27 -15.49 30.63 -6.99
N ASN F 28 -14.37 30.04 -7.37
CA ASN F 28 -13.08 30.70 -7.28
C ASN F 28 -12.77 31.47 -8.55
N ARG F 29 -11.99 32.54 -8.40
CA ARG F 29 -11.52 33.34 -9.52
C ARG F 29 -10.03 33.62 -9.35
N LYS F 30 -9.27 33.38 -10.40
CA LYS F 30 -7.84 33.64 -10.45
C LYS F 30 -7.60 34.79 -11.42
N ARG F 31 -7.03 35.87 -10.91
CA ARG F 31 -6.72 37.03 -11.73
C ARG F 31 -5.39 36.81 -12.44
N ILE F 32 -5.39 36.90 -13.77
CA ILE F 32 -4.21 36.62 -14.59
C ILE F 32 -3.87 37.89 -15.36
N SER F 33 -2.66 38.40 -15.15
CA SER F 33 -2.24 39.65 -15.76
C SER F 33 -0.73 39.66 -15.91
N ASN F 34 -0.26 40.41 -16.91
CA ASN F 34 1.16 40.65 -17.13
C ASN F 34 1.91 39.32 -17.33
N CYS F 35 1.56 38.63 -18.41
CA CYS F 35 2.16 37.33 -18.69
C CYS F 35 1.93 36.98 -20.15
N VAL F 36 2.65 35.96 -20.61
CA VAL F 36 2.50 35.41 -21.95
C VAL F 36 1.74 34.09 -21.85
N ALA F 37 0.75 33.92 -22.72
CA ALA F 37 -0.14 32.76 -22.68
C ALA F 37 -0.07 32.02 -24.01
N ASP F 38 -0.06 30.69 -23.92
CA ASP F 38 -0.18 29.84 -25.11
C ASP F 38 -1.62 29.34 -25.22
N TYR F 39 -2.50 30.28 -25.56
CA TYR F 39 -3.91 29.98 -25.76
C TYR F 39 -4.10 28.85 -26.75
N PHE F 48 -13.66 14.98 -25.74
CA PHE F 48 -14.37 14.80 -24.47
C PHE F 48 -14.37 16.06 -23.61
N PHE F 49 -14.07 17.21 -24.19
CA PHE F 49 -14.13 18.50 -23.52
C PHE F 49 -15.29 19.32 -24.08
N THR F 50 -16.10 19.88 -23.20
CA THR F 50 -17.11 20.84 -23.61
C THR F 50 -16.45 22.21 -23.75
N PHE F 51 -16.49 22.77 -24.95
CA PHE F 51 -15.78 24.02 -25.24
C PHE F 51 -16.69 24.93 -26.05
N LYS F 52 -17.15 26.01 -25.42
CA LYS F 52 -18.00 27.01 -26.07
C LYS F 52 -17.43 28.39 -25.80
N CYS F 53 -17.20 29.15 -26.86
CA CYS F 53 -16.71 30.52 -26.75
C CYS F 53 -17.79 31.51 -27.16
N TYR F 54 -17.73 32.71 -26.58
CA TYR F 54 -18.75 33.72 -26.81
C TYR F 54 -18.09 35.08 -27.00
N GLY F 55 -18.48 35.79 -28.05
CA GLY F 55 -17.95 37.10 -28.34
C GLY F 55 -16.53 37.14 -28.85
N VAL F 56 -15.84 36.00 -28.94
CA VAL F 56 -14.46 35.98 -29.39
C VAL F 56 -14.16 34.58 -29.93
N SER F 57 -13.29 34.52 -30.95
CA SER F 57 -12.91 33.29 -31.62
C SER F 57 -11.61 32.74 -31.03
N PRO F 58 -11.53 31.41 -30.85
CA PRO F 58 -10.32 30.84 -30.24
C PRO F 58 -9.09 30.95 -31.13
N THR F 59 -9.23 30.76 -32.45
CA THR F 59 -8.08 30.87 -33.33
C THR F 59 -7.52 32.29 -33.41
N LYS F 60 -8.19 33.26 -32.79
CA LYS F 60 -7.74 34.64 -32.78
C LYS F 60 -7.21 35.11 -31.44
N LEU F 61 -7.31 34.28 -30.39
CA LEU F 61 -6.88 34.72 -29.06
C LEU F 61 -5.36 34.92 -29.01
N ASN F 62 -4.60 34.16 -29.79
CA ASN F 62 -3.15 34.34 -29.81
C ASN F 62 -2.72 35.66 -30.44
N ASP F 63 -3.65 36.37 -31.09
CA ASP F 63 -3.34 37.63 -31.76
C ASP F 63 -3.90 38.83 -31.01
N LEU F 64 -4.51 38.63 -29.85
CA LEU F 64 -5.16 39.71 -29.10
C LEU F 64 -4.49 39.89 -27.75
N CYS F 65 -4.47 41.14 -27.29
CA CYS F 65 -4.04 41.50 -25.94
C CYS F 65 -5.25 41.99 -25.15
N PHE F 66 -5.25 41.73 -23.85
CA PHE F 66 -6.36 42.09 -22.98
C PHE F 66 -5.84 42.80 -21.74
N THR F 67 -6.74 43.52 -21.08
CA THR F 67 -6.37 44.20 -19.84
C THR F 67 -6.22 43.19 -18.70
N ASN F 68 -7.19 42.30 -18.54
CA ASN F 68 -7.14 41.26 -17.53
C ASN F 68 -7.90 40.04 -18.03
N VAL F 69 -7.44 38.87 -17.61
CA VAL F 69 -8.09 37.60 -17.95
C VAL F 69 -8.46 36.93 -16.64
N TYR F 70 -9.75 36.78 -16.39
CA TYR F 70 -10.25 36.20 -15.14
C TYR F 70 -10.59 34.73 -15.35
N ALA F 71 -10.06 33.88 -14.46
CA ALA F 71 -10.20 32.43 -14.57
C ALA F 71 -11.11 31.95 -13.43
N ASP F 72 -12.36 31.66 -13.76
CA ASP F 72 -13.34 31.20 -12.79
C ASP F 72 -13.45 29.68 -12.86
N SER F 73 -13.36 29.02 -11.70
CA SER F 73 -13.39 27.58 -11.63
C SER F 73 -14.34 27.13 -10.51
N PHE F 74 -15.08 26.05 -10.77
CA PHE F 74 -16.05 25.49 -9.84
C PHE F 74 -16.48 24.13 -10.38
N VAL F 75 -17.41 23.50 -9.66
CA VAL F 75 -17.89 22.16 -10.01
C VAL F 75 -19.41 22.17 -9.94
N ILE F 76 -20.06 21.67 -11.00
CA ILE F 76 -21.49 21.43 -11.06
C ILE F 76 -21.69 20.01 -11.58
N ARG F 77 -22.96 19.62 -11.72
CA ARG F 77 -23.28 18.33 -12.31
C ARG F 77 -23.56 18.48 -13.81
N GLY F 78 -23.50 17.36 -14.53
CA GLY F 78 -23.47 17.40 -15.98
C GLY F 78 -24.68 18.10 -16.59
N ASP F 79 -25.86 17.87 -16.03
CA ASP F 79 -27.08 18.47 -16.57
C ASP F 79 -27.12 19.98 -16.39
N GLU F 80 -26.19 20.56 -15.62
CA GLU F 80 -26.18 21.98 -15.33
C GLU F 80 -25.11 22.75 -16.11
N VAL F 81 -24.32 22.07 -16.95
CA VAL F 81 -23.27 22.76 -17.68
C VAL F 81 -23.86 23.72 -18.71
N ARG F 82 -25.03 23.40 -19.25
CA ARG F 82 -25.68 24.26 -20.23
C ARG F 82 -26.06 25.61 -19.65
N GLN F 83 -26.13 25.73 -18.32
CA GLN F 83 -26.46 27.00 -17.69
C GLN F 83 -25.27 27.95 -17.62
N ILE F 84 -24.05 27.43 -17.62
CA ILE F 84 -22.86 28.28 -17.61
C ILE F 84 -22.71 28.88 -19.00
N ALA F 85 -23.56 29.86 -19.33
CA ALA F 85 -23.57 30.49 -20.63
C ALA F 85 -24.34 31.80 -20.52
N PRO F 86 -24.09 32.76 -21.41
CA PRO F 86 -24.85 34.01 -21.38
C PRO F 86 -26.32 33.79 -21.70
N GLY F 87 -27.18 34.54 -21.03
CA GLY F 87 -28.62 34.45 -21.25
C GLY F 87 -29.23 33.13 -20.88
N GLN F 88 -28.78 32.52 -19.78
CA GLN F 88 -29.31 31.26 -19.31
C GLN F 88 -30.00 31.45 -17.96
N THR F 89 -31.01 30.62 -17.70
CA THR F 89 -31.76 30.65 -16.45
C THR F 89 -31.73 29.28 -15.79
N GLY F 90 -31.93 29.28 -14.47
CA GLY F 90 -31.89 28.04 -13.70
C GLY F 90 -31.25 28.24 -12.34
N ASN F 91 -31.18 27.19 -11.52
CA ASN F 91 -30.64 27.35 -10.17
C ASN F 91 -29.21 27.81 -10.19
N ILE F 92 -28.39 27.23 -11.08
CA ILE F 92 -26.97 27.60 -11.12
C ILE F 92 -26.80 29.00 -11.70
N ALA F 93 -27.51 29.31 -12.78
CA ALA F 93 -27.33 30.60 -13.45
C ALA F 93 -27.87 31.75 -12.60
N ASP F 94 -29.01 31.54 -11.94
CA ASP F 94 -29.64 32.62 -11.19
C ASP F 94 -29.09 32.79 -9.79
N TYR F 95 -28.66 31.70 -9.14
CA TYR F 95 -28.34 31.74 -7.73
C TYR F 95 -26.89 31.41 -7.39
N ASN F 96 -26.08 31.00 -8.37
CA ASN F 96 -24.72 30.55 -8.06
C ASN F 96 -23.67 31.28 -8.87
N TYR F 97 -23.74 31.18 -10.20
CA TYR F 97 -22.73 31.78 -11.07
C TYR F 97 -23.41 32.28 -12.34
N LYS F 98 -23.54 33.60 -12.48
CA LYS F 98 -24.22 34.21 -13.61
C LYS F 98 -23.21 34.86 -14.54
N LEU F 99 -23.35 34.59 -15.83
CA LEU F 99 -22.58 35.24 -16.87
C LEU F 99 -23.40 36.34 -17.54
N PRO F 100 -22.79 37.47 -17.87
CA PRO F 100 -23.56 38.57 -18.47
C PRO F 100 -24.04 38.22 -19.87
N ASP F 101 -24.94 39.06 -20.38
CA ASP F 101 -25.49 38.82 -21.71
C ASP F 101 -24.47 39.11 -22.79
N ASP F 102 -23.57 40.07 -22.57
CA ASP F 102 -22.50 40.40 -23.51
C ASP F 102 -21.17 39.78 -23.09
N PHE F 103 -21.20 38.54 -22.64
CA PHE F 103 -20.01 37.88 -22.14
C PHE F 103 -19.01 37.65 -23.26
N THR F 104 -17.75 38.02 -23.02
CA THR F 104 -16.66 37.83 -23.98
C THR F 104 -15.66 36.86 -23.36
N GLY F 105 -15.68 35.63 -23.81
CA GLY F 105 -14.80 34.62 -23.27
C GLY F 105 -15.25 33.23 -23.68
N CYS F 106 -14.63 32.24 -23.05
CA CYS F 106 -14.89 30.84 -23.35
C CYS F 106 -15.20 30.08 -22.08
N VAL F 107 -15.99 29.02 -22.22
CA VAL F 107 -16.34 28.14 -21.11
C VAL F 107 -15.80 26.74 -21.43
N ILE F 108 -15.15 26.12 -20.46
CA ILE F 108 -14.54 24.81 -20.62
C ILE F 108 -15.08 23.90 -19.51
N ALA F 109 -15.49 22.69 -19.88
CA ALA F 109 -16.01 21.74 -18.92
C ALA F 109 -15.60 20.33 -19.34
N TRP F 110 -15.37 19.47 -18.35
CA TRP F 110 -15.01 18.09 -18.62
C TRP F 110 -15.50 17.21 -17.48
N ASN F 111 -15.85 15.97 -17.82
CA ASN F 111 -16.36 15.03 -16.83
C ASN F 111 -15.25 14.65 -15.85
N SER F 112 -15.46 14.96 -14.58
CA SER F 112 -14.49 14.65 -13.53
C SER F 112 -15.06 13.61 -12.55
N ASN F 113 -15.68 12.56 -13.09
CA ASN F 113 -16.25 11.53 -12.23
C ASN F 113 -15.18 10.72 -11.54
N LYS F 114 -13.99 10.62 -12.12
CA LYS F 114 -12.88 9.88 -11.54
C LYS F 114 -12.14 10.66 -10.46
N LEU F 115 -12.50 11.92 -10.23
CA LEU F 115 -11.79 12.76 -9.28
C LEU F 115 -12.65 13.28 -8.14
N ASP F 116 -13.91 13.61 -8.41
CA ASP F 116 -14.76 14.30 -7.45
C ASP F 116 -15.92 13.45 -6.95
N SER F 117 -15.96 12.17 -7.28
CA SER F 117 -17.04 11.29 -6.86
C SER F 117 -16.50 10.20 -5.95
N LYS F 118 -17.17 9.98 -4.82
CA LYS F 118 -16.78 8.98 -3.85
C LYS F 118 -17.85 7.91 -3.76
N VAL F 119 -17.43 6.70 -3.37
CA VAL F 119 -18.36 5.59 -3.23
C VAL F 119 -19.43 5.89 -2.19
N SER F 120 -19.00 6.38 -1.02
CA SER F 120 -19.94 6.76 0.04
C SER F 120 -20.58 8.11 -0.19
N GLY F 121 -20.35 8.75 -1.33
CA GLY F 121 -20.92 10.05 -1.62
C GLY F 121 -20.03 11.21 -1.24
N ASN F 122 -19.71 12.08 -2.21
CA ASN F 122 -18.86 13.24 -1.96
C ASN F 122 -19.76 14.44 -1.70
N TYR F 123 -20.17 14.60 -0.45
CA TYR F 123 -21.04 15.69 -0.02
C TYR F 123 -20.29 17.00 0.16
N ASN F 124 -19.02 17.08 -0.26
CA ASN F 124 -18.23 18.28 -0.03
C ASN F 124 -18.62 19.42 -0.96
N TYR F 125 -19.12 19.10 -2.16
CA TYR F 125 -19.49 20.12 -3.13
C TYR F 125 -20.92 20.59 -2.87
N LEU F 126 -21.09 21.91 -2.84
CA LEU F 126 -22.36 22.51 -2.45
C LEU F 126 -22.87 23.45 -3.53
N TYR F 127 -24.17 23.76 -3.46
CA TYR F 127 -24.80 24.70 -4.36
C TYR F 127 -25.92 25.42 -3.60
N ARG F 128 -26.25 26.61 -4.07
CA ARG F 128 -27.32 27.40 -3.46
C ARG F 128 -28.66 27.04 -4.12
N LEU F 129 -29.65 26.75 -3.28
CA LEU F 129 -30.96 26.38 -3.76
C LEU F 129 -31.97 27.53 -3.70
N PHE F 130 -31.97 28.30 -2.61
CA PHE F 130 -32.90 29.39 -2.43
C PHE F 130 -32.16 30.73 -2.36
N ARG F 131 -32.76 31.75 -2.97
CA ARG F 131 -32.26 33.12 -2.87
C ARG F 131 -33.40 34.05 -3.21
N LYS F 132 -33.43 35.21 -2.55
CA LYS F 132 -34.55 36.13 -2.70
C LYS F 132 -34.63 36.70 -4.11
N SER F 133 -33.48 37.03 -4.70
CA SER F 133 -33.42 37.60 -6.04
C SER F 133 -32.34 36.89 -6.84
N ASN F 134 -32.25 37.23 -8.13
CA ASN F 134 -31.26 36.60 -9.00
C ASN F 134 -29.91 37.26 -8.82
N LEU F 135 -28.85 36.49 -9.13
CA LEU F 135 -27.50 37.04 -9.04
C LEU F 135 -27.24 37.98 -10.21
N LYS F 136 -26.51 39.06 -9.92
CA LYS F 136 -25.99 39.90 -10.98
C LYS F 136 -24.86 39.17 -11.69
N PRO F 137 -24.48 39.60 -12.89
CA PRO F 137 -23.36 38.95 -13.59
C PRO F 137 -22.08 38.98 -12.76
N PHE F 138 -21.45 37.82 -12.63
CA PHE F 138 -20.20 37.63 -11.90
C PHE F 138 -20.35 37.85 -10.40
N GLU F 139 -21.57 37.72 -9.86
CA GLU F 139 -21.79 37.92 -8.44
C GLU F 139 -21.51 36.62 -7.68
N ARG F 140 -20.87 36.75 -6.52
CA ARG F 140 -20.54 35.61 -5.67
C ARG F 140 -21.16 35.84 -4.30
N ASP F 141 -22.11 34.99 -3.93
CA ASP F 141 -22.82 35.08 -2.67
C ASP F 141 -22.49 33.85 -1.84
N ILE F 142 -21.68 34.03 -0.79
CA ILE F 142 -21.33 32.95 0.11
C ILE F 142 -22.12 33.01 1.41
N SER F 143 -23.16 33.83 1.47
CA SER F 143 -23.98 33.92 2.67
C SER F 143 -24.78 32.65 2.86
N THR F 144 -24.88 32.19 4.11
CA THR F 144 -25.62 31.00 4.47
C THR F 144 -26.70 31.31 5.50
N GLU F 145 -27.34 32.47 5.36
CA GLU F 145 -28.42 32.85 6.26
C GLU F 145 -29.68 32.06 5.96
N ILE F 146 -30.43 31.73 7.01
CA ILE F 146 -31.65 30.93 6.87
C ILE F 146 -32.63 31.67 5.98
N TYR F 147 -33.03 31.03 4.89
CA TYR F 147 -33.90 31.67 3.90
C TYR F 147 -35.33 31.71 4.41
N GLN F 148 -35.94 32.89 4.33
CA GLN F 148 -37.33 33.08 4.74
C GLN F 148 -38.25 32.89 3.54
N ALA F 149 -38.98 31.78 3.52
CA ALA F 149 -39.95 31.48 2.47
C ALA F 149 -41.38 31.80 2.86
N GLY F 150 -41.59 32.33 4.06
CA GLY F 150 -42.92 32.71 4.52
C GLY F 150 -42.97 34.09 5.13
N ASN F 151 -43.93 34.31 6.03
CA ASN F 151 -44.09 35.62 6.65
C ASN F 151 -43.33 35.75 7.96
N LYS F 152 -43.21 34.66 8.72
CA LYS F 152 -42.62 34.77 10.05
C LYS F 152 -41.10 34.87 9.97
N PRO F 153 -40.48 35.69 10.82
CA PRO F 153 -39.01 35.81 10.81
C PRO F 153 -38.36 34.52 11.29
N CYS F 154 -37.35 34.07 10.54
CA CYS F 154 -36.69 32.81 10.86
C CYS F 154 -35.83 32.94 12.11
N ASN F 155 -35.02 34.00 12.19
CA ASN F 155 -34.12 34.22 13.31
C ASN F 155 -33.14 33.06 13.48
N GLY F 156 -32.61 32.57 12.36
CA GLY F 156 -31.67 31.47 12.39
C GLY F 156 -32.25 30.17 12.89
N VAL F 157 -33.53 29.92 12.64
CA VAL F 157 -34.20 28.69 13.07
C VAL F 157 -34.60 27.92 11.81
N ALA F 158 -34.07 26.72 11.67
CA ALA F 158 -34.46 25.83 10.58
C ALA F 158 -35.83 25.24 10.90
N GLY F 159 -36.87 25.82 10.33
CA GLY F 159 -38.22 25.38 10.59
C GLY F 159 -39.10 25.46 9.36
N PHE F 160 -40.41 25.50 9.57
CA PHE F 160 -41.35 25.59 8.46
C PHE F 160 -41.19 26.92 7.76
N ASN F 161 -41.02 26.88 6.44
CA ASN F 161 -40.76 28.06 5.60
C ASN F 161 -39.47 28.77 5.99
N CYS F 162 -38.53 28.07 6.62
CA CYS F 162 -37.24 28.62 7.02
C CYS F 162 -36.20 27.51 6.84
N TYR F 163 -35.56 27.49 5.67
CA TYR F 163 -34.67 26.42 5.27
C TYR F 163 -33.25 26.92 5.06
N PHE F 164 -32.30 26.00 5.12
CA PHE F 164 -30.90 26.32 4.89
C PHE F 164 -30.65 26.50 3.39
N PRO F 165 -29.96 27.56 2.96
CA PRO F 165 -29.90 27.88 1.54
C PRO F 165 -28.91 27.07 0.73
N LEU F 166 -28.19 26.13 1.33
CA LEU F 166 -27.18 25.35 0.62
C LEU F 166 -27.46 23.85 0.76
N ARG F 167 -27.15 23.10 -0.31
CA ARG F 167 -27.33 21.67 -0.36
C ARG F 167 -26.08 21.03 -0.94
N SER F 168 -26.06 19.70 -0.94
CA SER F 168 -24.89 18.95 -1.37
C SER F 168 -25.16 18.23 -2.68
N TYR F 169 -24.08 18.00 -3.44
CA TYR F 169 -24.20 17.27 -4.69
C TYR F 169 -24.14 15.76 -4.49
N SER F 170 -23.44 15.31 -3.45
CA SER F 170 -23.38 13.88 -3.09
C SER F 170 -22.91 13.04 -4.27
N PHE F 171 -21.87 13.50 -4.96
CA PHE F 171 -21.37 12.84 -6.16
C PHE F 171 -20.94 11.40 -5.89
N ARG F 172 -21.69 10.46 -6.46
CA ARG F 172 -21.37 9.04 -6.41
C ARG F 172 -21.07 8.52 -7.82
N PRO F 173 -20.09 7.62 -7.97
CA PRO F 173 -19.72 7.17 -9.32
C PRO F 173 -20.83 6.39 -10.03
N THR F 174 -21.78 5.84 -9.29
CA THR F 174 -22.86 5.08 -9.89
C THR F 174 -23.96 5.95 -10.49
N TYR F 175 -23.89 7.27 -10.32
CA TYR F 175 -24.91 8.15 -10.88
C TYR F 175 -24.82 8.16 -12.41
N GLY F 176 -25.87 8.70 -13.03
CA GLY F 176 -25.83 8.95 -14.45
C GLY F 176 -24.99 10.16 -14.79
N VAL F 177 -24.71 10.33 -16.09
CA VAL F 177 -23.87 11.43 -16.55
C VAL F 177 -24.49 12.77 -16.18
N GLY F 178 -25.82 12.86 -16.20
CA GLY F 178 -26.48 14.09 -15.82
C GLY F 178 -26.29 14.48 -14.37
N HIS F 179 -25.85 13.54 -13.53
CA HIS F 179 -25.59 13.80 -12.12
C HIS F 179 -24.13 13.61 -11.75
N GLN F 180 -23.24 13.42 -12.75
CA GLN F 180 -21.82 13.25 -12.49
C GLN F 180 -21.12 14.61 -12.45
N PRO F 181 -20.06 14.75 -11.65
CA PRO F 181 -19.41 16.05 -11.51
C PRO F 181 -18.69 16.47 -12.78
N TYR F 182 -18.73 17.78 -13.05
CA TYR F 182 -18.04 18.39 -14.17
C TYR F 182 -17.29 19.62 -13.66
N ARG F 183 -15.97 19.64 -13.86
CA ARG F 183 -15.18 20.80 -13.49
C ARG F 183 -15.24 21.84 -14.60
N VAL F 184 -15.60 23.07 -14.24
CA VAL F 184 -15.84 24.14 -15.19
C VAL F 184 -14.80 25.23 -14.99
N VAL F 185 -14.21 25.70 -16.09
CA VAL F 185 -13.26 26.80 -16.08
C VAL F 185 -13.76 27.86 -17.05
N VAL F 186 -14.12 29.03 -16.52
CA VAL F 186 -14.65 30.12 -17.32
C VAL F 186 -13.58 31.21 -17.41
N LEU F 187 -13.15 31.50 -18.63
CA LEU F 187 -12.11 32.50 -18.89
C LEU F 187 -12.75 33.74 -19.47
N SER F 188 -12.67 34.84 -18.74
CA SER F 188 -13.21 36.12 -19.17
C SER F 188 -12.08 36.97 -19.75
N PHE F 189 -12.33 37.59 -20.90
CA PHE F 189 -11.34 38.39 -21.60
C PHE F 189 -11.78 39.85 -21.56
N GLU F 190 -11.14 40.63 -20.68
CA GLU F 190 -11.51 42.00 -20.42
C GLU F 190 -10.62 42.95 -21.21
N LEU F 191 -11.23 43.98 -21.80
CA LEU F 191 -10.46 44.98 -22.56
C LEU F 191 -11.09 46.35 -22.30
N LEU F 192 -10.72 46.96 -21.18
CA LEU F 192 -11.20 48.30 -20.84
C LEU F 192 -10.19 49.33 -21.35
N HIS F 193 -9.90 50.34 -20.54
CA HIS F 193 -8.77 51.23 -20.81
C HIS F 193 -7.52 50.52 -20.31
N ALA F 194 -6.74 51.19 -19.44
CA ALA F 194 -5.63 50.53 -18.78
C ALA F 194 -4.60 50.10 -19.82
N PRO F 195 -3.52 49.40 -19.46
CA PRO F 195 -2.71 48.80 -20.53
C PRO F 195 -3.03 47.33 -20.76
N ALA F 196 -2.91 46.90 -22.01
CA ALA F 196 -3.10 45.51 -22.38
C ALA F 196 -1.81 44.74 -22.10
N THR F 197 -1.87 43.81 -21.16
CA THR F 197 -0.69 43.08 -20.69
C THR F 197 -0.75 41.59 -20.96
N VAL F 198 -1.94 40.99 -21.06
CA VAL F 198 -2.06 39.55 -21.28
C VAL F 198 -2.18 39.36 -22.79
N CYS F 199 -1.03 39.10 -23.43
CA CYS F 199 -0.96 38.92 -24.87
C CYS F 199 -0.66 37.46 -25.20
N GLY F 200 -1.36 36.93 -26.20
CA GLY F 200 -1.18 35.54 -26.57
C GLY F 200 0.04 35.33 -27.45
N LYS F 201 0.66 34.17 -27.29
CA LYS F 201 1.83 33.79 -28.08
C LYS F 201 2.11 32.29 -27.94
N GLU G 1 45.75 36.26 0.30
CA GLU G 1 45.55 35.95 -1.12
C GLU G 1 44.62 34.74 -1.29
N VAL G 2 43.53 34.95 -2.03
CA VAL G 2 42.58 33.88 -2.32
C VAL G 2 43.25 32.92 -3.30
N GLN G 3 43.53 31.70 -2.84
CA GLN G 3 44.34 30.77 -3.62
C GLN G 3 43.75 29.37 -3.56
N LEU G 4 44.05 28.61 -4.60
CA LEU G 4 43.79 27.16 -4.64
C LEU G 4 45.05 26.51 -5.20
N VAL G 5 45.74 25.72 -4.38
CA VAL G 5 47.05 25.18 -4.72
C VAL G 5 46.98 23.67 -4.73
N GLU G 6 47.15 23.07 -5.90
CA GLU G 6 47.10 21.64 -6.07
C GLU G 6 48.49 21.01 -5.89
N SER G 7 48.51 19.69 -5.79
CA SER G 7 49.75 18.97 -5.56
C SER G 7 50.59 18.92 -6.84
N GLY G 8 51.74 18.25 -6.76
CA GLY G 8 52.69 18.22 -7.83
C GLY G 8 52.42 17.16 -8.88
N PRO G 9 53.23 17.14 -9.93
CA PRO G 9 53.03 16.16 -11.00
C PRO G 9 53.22 14.73 -10.51
N GLU G 10 52.57 13.81 -11.20
CA GLU G 10 52.54 12.40 -10.80
C GLU G 10 52.83 11.51 -11.98
N VAL G 11 53.43 10.37 -11.69
CA VAL G 11 53.55 9.27 -12.65
C VAL G 11 53.04 8.01 -11.94
N LYS G 12 52.05 7.36 -12.55
CA LYS G 12 51.37 6.24 -11.92
C LYS G 12 51.28 5.08 -12.89
N LYS G 13 51.63 3.88 -12.40
CA LYS G 13 51.54 2.69 -13.22
C LYS G 13 50.09 2.39 -13.59
N PRO G 14 49.84 1.80 -14.75
CA PRO G 14 48.47 1.44 -15.13
C PRO G 14 47.86 0.47 -14.13
N GLY G 15 46.68 0.81 -13.64
CA GLY G 15 45.99 0.02 -12.64
C GLY G 15 46.13 0.51 -11.23
N THR G 16 46.91 1.56 -10.99
CA THR G 16 47.11 2.09 -9.66
C THR G 16 46.12 3.23 -9.40
N SER G 17 46.35 3.97 -8.33
CA SER G 17 45.46 5.04 -7.90
C SER G 17 46.26 6.31 -7.64
N VAL G 18 45.67 7.45 -7.96
CA VAL G 18 46.26 8.76 -7.69
C VAL G 18 45.25 9.58 -6.89
N LYS G 19 45.75 10.35 -5.94
CA LYS G 19 44.90 11.20 -5.10
C LYS G 19 45.46 12.62 -5.16
N VAL G 20 44.78 13.49 -5.90
CA VAL G 20 45.24 14.86 -6.09
C VAL G 20 44.71 15.74 -4.95
N SER G 21 45.58 16.57 -4.41
CA SER G 21 45.26 17.48 -3.33
C SER G 21 44.87 18.85 -3.89
N CYS G 22 44.12 19.61 -3.08
CA CYS G 22 43.68 20.95 -3.49
C CYS G 22 43.41 21.77 -2.22
N LYS G 23 44.45 22.45 -1.74
CA LYS G 23 44.37 23.22 -0.51
C LYS G 23 44.01 24.68 -0.81
N ALA G 24 43.20 25.27 0.06
CA ALA G 24 42.65 26.60 -0.13
C ALA G 24 43.30 27.59 0.84
N SER G 25 43.24 28.87 0.45
CA SER G 25 43.76 29.95 1.28
C SER G 25 42.99 31.23 0.96
N GLY G 26 42.74 32.03 2.00
CA GLY G 26 42.14 33.34 1.80
C GLY G 26 40.66 33.42 2.09
N PHE G 27 39.89 32.42 1.68
CA PHE G 27 38.45 32.43 1.82
C PHE G 27 38.01 31.32 2.78
N SER G 28 36.76 31.43 3.24
CA SER G 28 36.17 30.41 4.09
C SER G 28 35.96 29.15 3.27
N PHE G 29 36.79 28.13 3.51
CA PHE G 29 36.74 26.92 2.69
C PHE G 29 35.50 26.08 2.98
N SER G 30 35.03 26.09 4.23
CA SER G 30 33.88 25.27 4.61
C SER G 30 32.61 25.71 3.93
N MET G 31 32.53 26.98 3.53
CA MET G 31 31.38 27.53 2.83
C MET G 31 31.43 27.31 1.32
N SER G 32 32.48 26.67 0.81
CA SER G 32 32.80 26.71 -0.61
C SER G 32 32.57 25.35 -1.24
N ALA G 33 31.81 25.34 -2.34
CA ALA G 33 31.69 24.15 -3.15
C ALA G 33 32.94 23.98 -4.00
N MET G 34 33.13 22.75 -4.50
CA MET G 34 34.33 22.45 -5.27
C MET G 34 33.98 21.48 -6.38
N GLN G 35 34.40 21.81 -7.60
CA GLN G 35 34.27 20.91 -8.74
C GLN G 35 35.66 20.53 -9.25
N TRP G 36 35.73 19.36 -9.87
CA TRP G 36 36.96 18.84 -10.42
C TRP G 36 36.81 18.66 -11.93
N VAL G 37 37.82 19.09 -12.69
CA VAL G 37 37.80 19.05 -14.14
C VAL G 37 39.17 18.61 -14.61
N ARG G 38 39.22 17.84 -15.69
CA ARG G 38 40.48 17.44 -16.29
C ARG G 38 40.54 17.85 -17.76
N ARG G 39 41.75 17.91 -18.28
CA ARG G 39 41.95 18.25 -19.70
C ARG G 39 43.14 17.46 -20.22
N ALA G 40 42.88 16.54 -21.15
CA ALA G 40 43.97 15.82 -21.80
C ALA G 40 44.69 16.75 -22.77
N ARG G 41 45.97 16.45 -23.01
CA ARG G 41 46.86 17.32 -23.78
C ARG G 41 46.27 17.65 -25.15
N GLY G 42 45.87 18.90 -25.33
CA GLY G 42 45.31 19.32 -26.60
C GLY G 42 43.86 18.95 -26.82
N GLN G 43 43.10 18.76 -25.75
CA GLN G 43 41.69 18.40 -25.83
C GLN G 43 40.84 19.46 -25.14
N ARG G 44 39.58 19.13 -24.93
CA ARG G 44 38.65 20.01 -24.25
C ARG G 44 38.56 19.66 -22.77
N LEU G 45 37.96 20.55 -22.00
CA LEU G 45 37.77 20.30 -20.58
C LEU G 45 36.71 19.21 -20.38
N GLU G 46 36.93 18.39 -19.34
CA GLU G 46 36.02 17.30 -19.03
C GLU G 46 35.66 17.38 -17.56
N TRP G 47 34.36 17.54 -17.28
CA TRP G 47 33.89 17.66 -15.90
C TRP G 47 33.93 16.30 -15.22
N ILE G 48 34.48 16.27 -14.00
CA ILE G 48 34.59 15.02 -13.26
C ILE G 48 33.50 14.91 -12.22
N GLY G 49 33.43 15.90 -11.33
CA GLY G 49 32.42 15.90 -10.30
C GLY G 49 32.53 17.14 -9.44
N TRP G 50 31.61 17.24 -8.49
CA TRP G 50 31.60 18.37 -7.57
C TRP G 50 31.11 17.90 -6.21
N ILE G 51 31.40 18.70 -5.19
CA ILE G 51 31.05 18.37 -3.81
C ILE G 51 30.47 19.62 -3.17
N VAL G 52 29.42 19.44 -2.37
CA VAL G 52 28.71 20.55 -1.74
C VAL G 52 29.48 21.02 -0.50
N PRO G 53 29.35 22.28 -0.11
CA PRO G 53 30.03 22.75 1.09
C PRO G 53 29.43 22.14 2.35
N GLY G 54 30.28 21.95 3.35
CA GLY G 54 29.85 21.44 4.64
C GLY G 54 29.88 19.94 4.82
N SER G 55 29.21 19.21 3.93
CA SER G 55 29.10 17.76 4.02
C SER G 55 30.00 17.11 2.97
N GLY G 56 30.02 15.78 2.99
CA GLY G 56 30.69 15.00 1.98
C GLY G 56 29.85 14.63 0.78
N ASN G 57 28.65 15.20 0.66
CA ASN G 57 27.77 14.87 -0.45
C ASN G 57 28.41 15.26 -1.79
N ALA G 58 28.81 14.26 -2.56
CA ALA G 58 29.45 14.46 -3.85
C ALA G 58 28.52 14.02 -4.98
N ASN G 59 28.82 14.51 -6.18
CA ASN G 59 28.09 14.14 -7.38
C ASN G 59 29.11 14.00 -8.52
N TYR G 60 28.99 12.92 -9.28
CA TYR G 60 29.96 12.59 -10.31
C TYR G 60 29.27 12.44 -11.66
N ALA G 61 30.04 12.63 -12.72
CA ALA G 61 29.60 12.25 -14.04
C ALA G 61 29.56 10.72 -14.14
N GLN G 62 28.73 10.23 -15.06
CA GLN G 62 28.58 8.79 -15.23
C GLN G 62 29.90 8.13 -15.62
N LYS G 63 30.73 8.84 -16.39
CA LYS G 63 31.98 8.26 -16.87
C LYS G 63 32.93 7.93 -15.72
N PHE G 64 32.95 8.77 -14.69
CA PHE G 64 33.87 8.60 -13.57
C PHE G 64 33.16 8.13 -12.29
N GLN G 65 31.90 7.72 -12.39
CA GLN G 65 31.14 7.34 -11.20
C GLN G 65 31.77 6.15 -10.48
N GLU G 66 32.34 5.21 -11.23
CA GLU G 66 32.78 3.96 -10.64
C GLU G 66 34.12 4.07 -9.93
N ARG G 67 35.00 4.97 -10.35
CA ARG G 67 36.38 4.94 -9.88
C ARG G 67 36.90 6.27 -9.34
N VAL G 68 36.11 7.34 -9.40
CA VAL G 68 36.53 8.63 -8.85
C VAL G 68 35.80 8.86 -7.53
N THR G 69 36.54 9.29 -6.51
CA THR G 69 35.98 9.63 -5.22
C THR G 69 36.47 11.01 -4.83
N ILE G 70 35.54 11.94 -4.64
CA ILE G 70 35.85 13.33 -4.30
C ILE G 70 35.53 13.54 -2.82
N THR G 71 36.55 13.91 -2.05
CA THR G 71 36.43 14.11 -0.62
C THR G 71 36.91 15.51 -0.26
N ARG G 72 36.80 15.85 1.03
CA ARG G 72 37.23 17.15 1.51
C ARG G 72 37.47 17.06 3.01
N ASP G 73 38.48 17.78 3.48
CA ASP G 73 38.87 17.78 4.89
C ASP G 73 38.73 19.21 5.39
N GLU G 74 37.77 19.43 6.29
CA GLU G 74 37.50 20.78 6.76
C GLU G 74 38.58 21.30 7.70
N SER G 75 39.21 20.40 8.45
CA SER G 75 40.23 20.82 9.41
C SER G 75 41.48 21.33 8.70
N THR G 76 41.95 20.60 7.69
CA THR G 76 43.17 20.97 6.97
C THR G 76 42.89 21.83 5.74
N ASN G 77 41.63 22.19 5.50
CA ASN G 77 41.23 23.10 4.43
C ASN G 77 41.64 22.59 3.05
N THR G 78 41.50 21.29 2.82
CA THR G 78 41.95 20.67 1.59
C THR G 78 40.91 19.72 1.05
N GLY G 79 40.65 19.81 -0.26
CA GLY G 79 39.82 18.84 -0.95
C GLY G 79 40.69 17.88 -1.75
N TYR G 80 40.14 16.69 -2.00
CA TYR G 80 40.88 15.64 -2.68
C TYR G 80 40.02 15.02 -3.76
N MET G 81 40.69 14.41 -4.74
CA MET G 81 40.03 13.67 -5.81
C MET G 81 40.89 12.44 -6.11
N GLU G 82 40.36 11.26 -5.78
CA GLU G 82 41.08 10.01 -5.93
C GLU G 82 40.52 9.25 -7.13
N LEU G 83 41.40 8.88 -8.06
CA LEU G 83 41.02 8.20 -9.30
C LEU G 83 41.69 6.83 -9.30
N SER G 84 40.91 5.78 -9.11
CA SER G 84 41.42 4.42 -9.08
C SER G 84 41.36 3.80 -10.47
N SER G 85 41.96 2.61 -10.60
CA SER G 85 41.99 1.86 -11.85
C SER G 85 42.48 2.73 -13.00
N LEU G 86 43.63 3.36 -12.80
CA LEU G 86 44.17 4.28 -13.78
C LEU G 86 44.54 3.55 -15.07
N ARG G 87 44.29 4.20 -16.19
CA ARG G 87 44.62 3.68 -17.51
C ARG G 87 45.19 4.80 -18.37
N SER G 88 45.61 4.44 -19.58
CA SER G 88 46.35 5.36 -20.44
C SER G 88 45.54 6.62 -20.74
N GLU G 89 44.24 6.48 -20.92
CA GLU G 89 43.40 7.61 -21.32
C GLU G 89 43.17 8.61 -20.19
N ASP G 90 43.63 8.32 -18.98
CA ASP G 90 43.47 9.24 -17.85
C ASP G 90 44.58 10.29 -17.78
N THR G 91 45.61 10.18 -18.61
CA THR G 91 46.69 11.17 -18.63
C THR G 91 46.13 12.54 -19.01
N ALA G 92 46.20 13.50 -18.08
CA ALA G 92 45.58 14.80 -18.28
C ALA G 92 46.03 15.74 -17.17
N VAL G 93 45.72 17.01 -17.33
CA VAL G 93 45.89 18.00 -16.28
C VAL G 93 44.58 18.12 -15.53
N TYR G 94 44.62 17.84 -14.22
CA TYR G 94 43.43 17.84 -13.38
C TYR G 94 43.36 19.15 -12.59
N TYR G 95 42.22 19.81 -12.66
CA TYR G 95 42.00 21.09 -12.00
C TYR G 95 40.94 20.98 -10.91
N CYS G 96 41.03 21.84 -9.91
CA CYS G 96 39.97 22.04 -8.93
C CYS G 96 39.54 23.50 -8.97
N ALA G 97 38.24 23.73 -8.83
CA ALA G 97 37.71 25.08 -8.82
C ALA G 97 36.73 25.23 -7.67
N ALA G 98 36.54 26.48 -7.25
CA ALA G 98 35.67 26.78 -6.12
C ALA G 98 35.26 28.24 -6.20
N PRO G 99 34.07 28.58 -5.72
CA PRO G 99 33.75 29.99 -5.50
C PRO G 99 34.35 30.48 -4.18
N HIS G 100 34.80 31.72 -4.19
CA HIS G 100 35.29 32.32 -2.95
C HIS G 100 34.13 32.72 -2.06
N CYS G 101 34.34 32.63 -0.74
CA CYS G 101 33.29 32.90 0.22
C CYS G 101 33.88 33.59 1.44
N ASN G 102 33.06 34.38 2.12
CA ASN G 102 33.40 34.77 3.49
C ASN G 102 32.60 33.85 4.43
N LYS G 103 32.41 34.29 5.68
CA LYS G 103 31.75 33.42 6.64
C LYS G 103 30.29 33.16 6.31
N THR G 104 29.67 34.02 5.51
CA THR G 104 28.23 33.89 5.26
C THR G 104 27.87 33.89 3.77
N ASN G 105 28.55 34.69 2.95
CA ASN G 105 28.18 34.87 1.56
C ASN G 105 29.20 34.21 0.64
N CYS G 106 28.74 33.80 -0.55
CA CYS G 106 29.57 33.13 -1.53
C CYS G 106 29.33 33.73 -2.91
N TYR G 107 30.30 33.52 -3.79
CA TYR G 107 30.14 33.87 -5.19
C TYR G 107 29.16 32.92 -5.86
N ASP G 108 28.59 33.36 -6.98
CA ASP G 108 27.58 32.58 -7.68
C ASP G 108 28.17 31.65 -8.73
N ALA G 109 29.49 31.62 -8.89
CA ALA G 109 30.13 30.75 -9.86
C ALA G 109 31.55 30.45 -9.42
N PHE G 110 32.23 29.59 -10.18
CA PHE G 110 33.57 29.11 -9.84
C PHE G 110 34.60 30.07 -10.41
N ASP G 111 35.12 30.95 -9.55
CA ASP G 111 36.11 31.94 -9.96
C ASP G 111 37.52 31.64 -9.48
N ILE G 112 37.69 30.75 -8.49
CA ILE G 112 38.99 30.40 -7.95
C ILE G 112 39.40 29.06 -8.53
N TRP G 113 40.57 29.03 -9.19
CA TRP G 113 41.04 27.85 -9.89
C TRP G 113 42.45 27.48 -9.44
N GLY G 114 42.66 26.18 -9.22
CA GLY G 114 44.00 25.69 -8.96
C GLY G 114 44.86 25.72 -10.20
N GLN G 115 46.18 25.61 -9.99
CA GLN G 115 47.12 25.70 -11.11
C GLN G 115 47.11 24.44 -11.97
N GLY G 116 46.56 23.34 -11.47
CA GLY G 116 46.49 22.11 -12.20
C GLY G 116 47.54 21.11 -11.76
N THR G 117 47.18 19.83 -11.80
CA THR G 117 48.08 18.73 -11.49
C THR G 117 48.16 17.81 -12.68
N MET G 118 49.36 17.63 -13.22
CA MET G 118 49.56 16.79 -14.40
C MET G 118 49.83 15.36 -13.96
N VAL G 119 48.93 14.45 -14.32
CA VAL G 119 49.06 13.04 -14.01
C VAL G 119 49.31 12.29 -15.31
N THR G 120 50.33 11.43 -15.32
CA THR G 120 50.69 10.64 -16.47
C THR G 120 50.68 9.17 -16.08
N VAL G 121 49.94 8.36 -16.84
CA VAL G 121 49.84 6.92 -16.62
C VAL G 121 50.65 6.23 -17.70
N SER G 122 51.62 5.41 -17.28
CA SER G 122 52.46 4.69 -18.23
C SER G 122 53.15 3.51 -17.54
N SER G 123 53.57 2.53 -18.33
CA SER G 123 54.25 1.35 -17.81
C SER G 123 55.75 1.45 -18.01
N ALA G 124 56.07 2.10 -18.21
CA ALA G 124 57.50 2.33 -18.35
C ALA G 124 58.05 3.13 -17.18
N SER G 125 59.33 2.90 -16.85
CA SER G 125 59.98 3.59 -15.76
C SER G 125 60.56 4.93 -16.21
N THR G 126 61.15 5.66 -15.28
CA THR G 126 61.75 6.95 -15.58
C THR G 126 63.03 6.77 -16.39
N LYS G 127 63.31 7.73 -17.27
CA LYS G 127 64.51 7.69 -18.08
C LYS G 127 64.93 9.10 -18.46
N GLY G 128 66.19 9.42 -18.19
CA GLY G 128 66.74 10.72 -18.55
C GLY G 128 66.97 10.86 -20.04
N PRO G 129 67.02 12.09 -20.52
CA PRO G 129 67.18 12.33 -21.96
C PRO G 129 68.63 12.28 -22.40
N SER G 130 68.80 12.18 -23.71
CA SER G 130 70.08 12.37 -24.37
C SER G 130 70.02 13.69 -25.13
N VAL G 131 71.03 14.52 -24.98
CA VAL G 131 71.04 15.85 -25.59
C VAL G 131 72.06 15.85 -26.72
N PHE G 132 71.58 16.03 -27.93
CA PHE G 132 72.39 16.07 -29.13
C PHE G 132 72.35 17.45 -29.76
N PRO G 133 73.46 17.92 -30.32
CA PRO G 133 73.48 19.26 -30.91
C PRO G 133 72.84 19.29 -32.28
N LEU G 134 72.20 20.43 -32.56
CA LEU G 134 71.71 20.76 -33.90
C LEU G 134 72.65 21.86 -34.39
N ALA G 135 73.77 21.44 -34.97
CA ALA G 135 74.85 22.38 -35.24
C ALA G 135 74.49 23.29 -36.41
N PRO G 136 74.83 24.57 -36.35
CA PRO G 136 74.58 25.46 -37.48
C PRO G 136 75.56 25.19 -38.60
N SER G 137 75.09 25.43 -39.83
CA SER G 137 75.91 25.21 -41.01
C SER G 137 75.42 26.12 -42.12
N SER G 138 76.01 25.96 -43.31
CA SER G 138 75.52 26.67 -44.48
C SER G 138 74.08 26.32 -44.79
N LYS G 139 73.67 25.09 -44.46
CA LYS G 139 72.30 24.65 -44.67
C LYS G 139 71.36 25.05 -43.54
N SER G 140 71.79 25.97 -42.65
CA SER G 140 70.91 26.49 -41.63
C SER G 140 71.11 27.99 -41.42
N THR G 141 71.59 28.71 -42.43
CA THR G 141 71.72 30.16 -42.38
C THR G 141 70.87 30.80 -43.46
N SER G 142 70.42 32.02 -43.21
CA SER G 142 69.64 32.76 -44.19
C SER G 142 69.70 34.24 -43.86
N GLY G 143 70.15 35.05 -44.81
CA GLY G 143 70.13 36.50 -44.65
C GLY G 143 70.87 37.01 -43.45
N GLY G 144 72.08 36.48 -43.21
CA GLY G 144 72.90 36.95 -42.11
C GLY G 144 72.60 36.31 -40.77
N THR G 145 71.54 35.52 -40.65
CA THR G 145 71.20 34.86 -39.41
C THR G 145 71.36 33.35 -39.55
N ALA G 146 71.71 32.70 -38.45
CA ALA G 146 71.93 31.26 -38.41
C ALA G 146 71.06 30.64 -37.33
N ALA G 147 70.67 29.39 -37.55
CA ALA G 147 69.88 28.65 -36.59
C ALA G 147 70.70 27.49 -36.03
N LEU G 148 70.50 27.22 -34.74
CA LEU G 148 71.13 26.09 -34.07
C LEU G 148 70.19 25.63 -32.98
N GLY G 149 70.49 24.49 -32.37
CA GLY G 149 69.58 24.00 -31.36
C GLY G 149 70.12 22.78 -30.66
N CYS G 150 69.21 22.16 -29.89
CA CYS G 150 69.49 20.97 -29.09
C CYS G 150 68.35 19.99 -29.26
N LEU G 151 68.69 18.71 -29.42
CA LEU G 151 67.72 17.64 -29.54
C LEU G 151 67.67 16.88 -28.23
N VAL G 152 66.60 17.12 -27.46
CA VAL G 152 66.39 16.44 -26.17
C VAL G 152 65.55 15.20 -26.45
N LYS G 153 66.18 14.03 -26.39
CA LYS G 153 65.63 12.82 -27.00
C LYS G 153 65.58 11.66 -26.01
N ASP G 154 64.47 10.91 -26.08
CA ASP G 154 64.31 9.61 -25.42
C ASP G 154 64.29 9.74 -23.90
N TYR G 155 63.28 10.45 -23.41
CA TYR G 155 63.11 10.61 -21.98
C TYR G 155 61.66 10.30 -21.60
N PHE G 156 61.45 10.13 -20.30
CA PHE G 156 60.14 9.85 -19.74
C PHE G 156 60.24 10.05 -18.24
N PRO G 157 59.25 10.70 -17.61
CA PRO G 157 58.11 11.28 -18.31
C PRO G 157 58.33 12.73 -18.64
N GLU G 158 57.28 13.41 -19.08
CA GLU G 158 57.30 14.86 -19.12
C GLU G 158 57.46 15.40 -17.71
N PRO G 159 57.97 16.63 -17.56
CA PRO G 159 58.45 17.52 -18.61
C PRO G 159 59.96 17.69 -18.58
N VAL G 160 60.46 18.52 -19.49
CA VAL G 160 61.85 18.96 -19.49
C VAL G 160 61.84 20.48 -19.63
N THR G 161 62.85 21.12 -19.07
CA THR G 161 63.03 22.55 -19.20
C THR G 161 64.31 22.81 -19.98
N VAL G 162 64.25 23.74 -20.92
CA VAL G 162 65.40 24.10 -21.75
C VAL G 162 65.54 25.62 -21.74
N SER G 163 66.73 26.10 -21.39
CA SER G 163 67.09 27.50 -21.55
C SER G 163 68.41 27.57 -22.30
N TRP G 164 68.77 28.77 -22.72
CA TRP G 164 69.98 29.00 -23.50
C TRP G 164 70.87 29.99 -22.78
N ASN G 165 72.15 29.63 -22.64
CA ASN G 165 73.16 30.46 -21.98
C ASN G 165 72.72 30.87 -20.58
N SER G 166 72.23 29.88 -19.82
CA SER G 166 71.80 30.06 -18.44
C SER G 166 70.72 31.14 -18.33
N GLY G 167 69.90 31.29 -19.37
CA GLY G 167 68.85 32.28 -19.37
C GLY G 167 69.23 33.62 -19.95
N ALA G 168 70.49 33.83 -20.32
CA ALA G 168 70.88 35.09 -20.94
C ALA G 168 70.35 35.22 -22.36
N LEU G 169 70.02 34.11 -23.01
CA LEU G 169 69.56 34.10 -24.39
C LEU G 169 68.08 33.73 -24.37
N THR G 170 67.23 34.67 -24.79
CA THR G 170 65.80 34.41 -24.84
C THR G 170 65.22 34.79 -26.18
N SER G 171 65.76 35.86 -26.78
CA SER G 171 65.27 36.33 -28.06
C SER G 171 65.51 35.29 -29.16
N GLY G 172 64.46 34.93 -29.87
CA GLY G 172 64.58 34.01 -31.00
C GLY G 172 64.60 32.56 -30.64
N VAL G 173 64.31 32.20 -29.40
CA VAL G 173 64.29 30.82 -28.95
C VAL G 173 62.92 30.22 -29.23
N HIS G 174 62.90 28.99 -29.72
CA HIS G 174 61.68 28.21 -29.91
C HIS G 174 61.92 26.82 -29.33
N THR G 175 61.29 26.53 -28.20
CA THR G 175 61.34 25.20 -27.62
C THR G 175 60.02 24.50 -27.97
N PHE G 176 60.09 23.56 -28.90
CA PHE G 176 58.90 22.89 -29.40
C PHE G 176 58.34 21.94 -28.35
N PRO G 177 57.03 21.67 -28.40
CA PRO G 177 56.46 20.67 -27.50
C PRO G 177 56.91 19.28 -27.86
N ALA G 178 57.03 18.43 -26.85
CA ALA G 178 57.53 17.08 -27.03
C ALA G 178 56.54 16.24 -27.82
N VAL G 179 57.08 15.27 -28.56
CA VAL G 179 56.28 14.27 -29.26
C VAL G 179 56.52 12.93 -28.60
N LEU G 180 55.47 12.12 -28.49
CA LEU G 180 55.58 10.79 -27.92
C LEU G 180 56.01 9.84 -29.02
N GLN G 181 57.23 9.32 -28.91
CA GLN G 181 57.76 8.40 -29.90
C GLN G 181 57.16 7.01 -29.70
N SER G 182 57.28 6.19 -30.75
CA SER G 182 56.70 4.84 -30.72
C SER G 182 57.31 3.96 -29.66
N SER G 183 58.47 4.34 -29.12
CA SER G 183 59.13 3.58 -28.07
C SER G 183 58.52 3.83 -26.69
N GLY G 184 57.59 4.78 -26.57
CA GLY G 184 57.05 5.18 -25.30
C GLY G 184 57.78 6.32 -24.63
N LEU G 185 58.89 6.76 -25.20
CA LEU G 185 59.68 7.87 -24.67
C LEU G 185 59.40 9.14 -25.46
N TYR G 186 59.64 10.27 -24.81
CA TYR G 186 59.41 11.56 -25.44
C TYR G 186 60.68 12.07 -26.11
N SER G 187 60.51 13.02 -27.01
CA SER G 187 61.62 13.65 -27.70
C SER G 187 61.24 15.09 -28.01
N LEU G 188 62.16 16.01 -27.74
CA LEU G 188 61.91 17.43 -27.89
C LEU G 188 63.13 18.07 -28.53
N SER G 189 62.90 19.20 -29.18
CA SER G 189 63.98 20.00 -29.73
C SER G 189 63.77 21.45 -29.37
N SER G 190 64.87 22.14 -29.05
CA SER G 190 64.85 23.58 -28.85
C SER G 190 65.85 24.19 -29.81
N VAL G 191 65.48 25.33 -30.40
CA VAL G 191 66.29 26.00 -31.39
C VAL G 191 66.31 27.50 -31.09
N VAL G 192 67.25 28.18 -31.73
CA VAL G 192 67.36 29.63 -31.61
C VAL G 192 68.04 30.14 -32.87
N THR G 193 67.65 31.34 -33.29
CA THR G 193 68.27 32.01 -34.42
C THR G 193 69.18 33.13 -33.91
N VAL G 194 70.40 33.17 -34.42
CA VAL G 194 71.41 34.14 -34.00
C VAL G 194 72.06 34.70 -35.27
N PRO G 195 72.65 35.89 -35.18
CA PRO G 195 73.37 36.41 -36.34
C PRO G 195 74.56 35.53 -36.68
N SER G 196 74.81 35.37 -37.99
CA SER G 196 75.85 34.45 -38.45
C SER G 196 77.22 34.84 -37.92
N SER G 197 77.49 36.15 -37.84
CA SER G 197 78.81 36.61 -37.43
C SER G 197 79.11 36.35 -35.96
N SER G 198 78.09 36.02 -35.17
CA SER G 198 78.33 35.70 -33.76
C SER G 198 78.78 34.27 -33.55
N LEU G 199 78.66 33.41 -34.56
CA LEU G 199 78.92 31.98 -34.37
C LEU G 199 80.36 31.73 -33.96
N GLY G 200 81.30 32.58 -34.38
CA GLY G 200 82.70 32.35 -34.09
C GLY G 200 83.16 32.89 -32.75
N THR G 201 82.57 33.98 -32.28
CA THR G 201 83.04 34.67 -31.10
C THR G 201 82.06 34.61 -29.93
N GLN G 202 80.99 33.82 -30.06
CA GLN G 202 80.00 33.68 -28.99
C GLN G 202 79.67 32.21 -28.81
N THR G 203 79.69 31.75 -27.57
CA THR G 203 79.37 30.35 -27.26
C THR G 203 77.89 30.23 -26.91
N TYR G 204 77.29 29.12 -27.32
CA TYR G 204 75.87 28.87 -27.13
C TYR G 204 75.70 27.54 -26.42
N ILE G 205 75.08 27.57 -25.24
CA ILE G 205 74.90 26.38 -24.40
C ILE G 205 73.42 26.26 -24.09
N CYS G 206 72.85 25.08 -24.36
CA CYS G 206 71.47 24.80 -24.02
C CYS G 206 71.42 24.06 -22.70
N ASN G 207 70.61 24.56 -21.77
CA ASN G 207 70.56 24.05 -20.41
C ASN G 207 69.32 23.16 -20.27
N VAL G 208 69.55 21.86 -20.19
CA VAL G 208 68.49 20.86 -20.17
C VAL G 208 68.36 20.32 -18.75
N ASN G 209 67.13 20.29 -18.25
CA ASN G 209 66.85 19.78 -16.90
C ASN G 209 65.66 18.85 -16.99
N HIS G 210 65.84 17.61 -16.53
CA HIS G 210 64.77 16.62 -16.46
C HIS G 210 64.67 16.21 -15.00
N LYS G 211 63.83 16.91 -14.25
CA LYS G 211 63.73 16.67 -12.80
C LYS G 211 63.31 15.26 -12.43
N PRO G 212 62.40 14.58 -13.13
CA PRO G 212 62.04 13.22 -12.70
C PRO G 212 63.21 12.25 -12.65
N SER G 213 64.19 12.41 -13.53
CA SER G 213 65.37 11.54 -13.51
C SER G 213 66.57 12.20 -12.85
N ASN G 214 66.42 13.42 -12.33
CA ASN G 214 67.52 14.20 -11.77
C ASN G 214 68.67 14.29 -12.78
N THR G 215 68.32 14.68 -13.99
CA THR G 215 69.26 14.77 -15.10
C THR G 215 69.38 16.23 -15.53
N LYS G 216 70.51 16.85 -15.23
CA LYS G 216 70.85 18.17 -15.73
C LYS G 216 72.01 18.03 -16.71
N VAL G 217 71.87 18.64 -17.89
CA VAL G 217 72.90 18.58 -18.92
C VAL G 217 73.03 19.96 -19.55
N ASP G 218 74.27 20.44 -19.66
CA ASP G 218 74.60 21.66 -20.39
C ASP G 218 75.41 21.27 -21.62
N LYS G 219 74.79 21.39 -22.80
CA LYS G 219 75.39 20.97 -24.07
C LYS G 219 75.76 22.19 -24.89
N ARG G 220 77.04 22.28 -25.27
CA ARG G 220 77.50 23.37 -26.13
C ARG G 220 77.31 22.98 -27.59
N VAL G 221 76.70 23.87 -28.36
CA VAL G 221 76.41 23.63 -29.77
C VAL G 221 77.41 24.46 -30.59
N GLU G 222 78.37 23.77 -31.21
CA GLU G 222 79.42 24.36 -32.02
C GLU G 222 79.10 24.24 -33.50
N PRO G 223 79.53 25.21 -34.30
CA PRO G 223 79.25 25.17 -35.74
C PRO G 223 79.79 23.91 -36.40
N LYS G 224 79.11 23.49 -37.47
CA LYS G 224 79.53 22.32 -38.26
C LYS G 224 80.07 22.73 -39.61
N ALA H 1 22.44 13.63 -20.82
CA ALA H 1 23.46 14.63 -20.54
C ALA H 1 23.37 15.78 -21.53
N ILE H 2 23.43 17.02 -21.02
CA ILE H 2 23.35 18.18 -21.88
C ILE H 2 24.63 18.29 -22.69
N ARG H 3 24.48 18.45 -24.00
CA ARG H 3 25.62 18.59 -24.90
C ARG H 3 25.83 20.06 -25.22
N MET H 4 27.05 20.54 -25.05
CA MET H 4 27.42 21.92 -25.36
C MET H 4 28.31 21.92 -26.59
N THR H 5 27.92 22.71 -27.59
CA THR H 5 28.64 22.79 -28.86
C THR H 5 29.03 24.23 -29.13
N GLN H 6 30.34 24.48 -29.22
CA GLN H 6 30.86 25.81 -29.50
C GLN H 6 31.33 25.90 -30.94
N SER H 7 31.19 27.10 -31.52
CA SER H 7 31.55 27.35 -32.91
C SER H 7 31.96 28.80 -33.05
N PRO H 8 32.96 29.11 -33.90
CA PRO H 8 33.73 28.12 -34.65
C PRO H 8 34.78 27.45 -33.77
N GLY H 9 35.46 26.43 -34.30
CA GLY H 9 36.53 25.81 -33.54
C GLY H 9 37.74 26.70 -33.40
N THR H 10 37.95 27.59 -34.37
CA THR H 10 39.10 28.49 -34.37
C THR H 10 38.69 29.81 -35.00
N LEU H 11 39.12 30.91 -34.39
CA LEU H 11 38.78 32.25 -34.88
C LEU H 11 40.06 33.07 -34.94
N SER H 12 40.39 33.56 -36.13
CA SER H 12 41.62 34.31 -36.36
C SER H 12 41.23 35.74 -36.73
N LEU H 13 41.46 36.67 -35.80
CA LEU H 13 40.96 38.03 -35.93
C LEU H 13 42.09 39.03 -35.76
N SER H 14 41.95 40.16 -36.45
CA SER H 14 42.88 41.26 -36.27
C SER H 14 42.61 41.96 -34.93
N PRO H 15 43.65 42.46 -34.27
CA PRO H 15 43.43 43.19 -33.02
C PRO H 15 42.58 44.43 -33.26
N GLY H 16 41.67 44.70 -32.33
CA GLY H 16 40.72 45.79 -32.47
C GLY H 16 39.41 45.39 -33.10
N GLU H 17 39.36 44.26 -33.80
CA GLU H 17 38.11 43.78 -34.35
C GLU H 17 37.23 43.18 -33.24
N ARG H 18 35.97 42.94 -33.57
CA ARG H 18 35.02 42.33 -32.65
C ARG H 18 34.97 40.82 -32.86
N ALA H 19 35.16 40.07 -31.78
CA ALA H 19 35.04 38.62 -31.80
C ALA H 19 33.62 38.20 -31.40
N THR H 20 33.20 37.05 -31.92
CA THR H 20 31.86 36.55 -31.68
C THR H 20 31.92 35.03 -31.56
N LEU H 21 31.61 34.51 -30.38
CA LEU H 21 31.71 33.09 -30.09
C LEU H 21 30.36 32.53 -29.71
N SER H 22 30.06 31.33 -30.21
CA SER H 22 28.76 30.70 -30.02
C SER H 22 28.86 29.54 -29.04
N CYS H 23 27.84 29.40 -28.20
CA CYS H 23 27.70 28.25 -27.31
C CYS H 23 26.24 27.81 -27.36
N ARG H 24 26.02 26.54 -27.69
CA ARG H 24 24.67 26.02 -27.87
C ARG H 24 24.52 24.70 -27.12
N ALA H 25 23.42 24.59 -26.38
CA ALA H 25 23.12 23.41 -25.59
C ALA H 25 21.99 22.60 -26.24
N SER H 26 22.07 21.27 -26.08
CA SER H 26 21.04 20.39 -26.60
C SER H 26 19.68 20.60 -25.94
N GLN H 27 19.63 21.36 -24.86
CA GLN H 27 18.36 21.70 -24.22
C GLN H 27 18.54 23.01 -23.46
N SER H 28 17.42 23.61 -23.09
CA SER H 28 17.43 24.90 -22.41
C SER H 28 18.10 24.78 -21.04
N VAL H 29 19.13 25.61 -20.82
CA VAL H 29 19.77 25.69 -19.51
C VAL H 29 19.47 27.07 -18.91
N ARG H 30 19.37 27.12 -17.59
CA ARG H 30 19.10 28.37 -16.91
C ARG H 30 20.25 29.34 -17.09
N SER H 31 19.93 30.59 -17.44
CA SER H 31 20.97 31.56 -17.76
C SER H 31 21.92 31.79 -16.59
N SER H 32 21.41 31.71 -15.36
CA SER H 32 22.28 31.93 -14.20
C SER H 32 23.29 30.81 -14.02
N TYR H 33 23.11 29.68 -14.71
CA TYR H 33 24.02 28.54 -14.60
C TYR H 33 24.80 28.28 -15.89
N LEU H 34 25.04 29.32 -16.69
CA LEU H 34 25.95 29.23 -17.83
C LEU H 34 27.13 30.16 -17.61
N ALA H 35 28.34 29.60 -17.67
CA ALA H 35 29.57 30.34 -17.42
C ALA H 35 30.46 30.29 -18.65
N TRP H 36 31.27 31.34 -18.81
CA TRP H 36 32.32 31.39 -19.81
C TRP H 36 33.67 31.46 -19.12
N TYR H 37 34.64 30.72 -19.66
CA TYR H 37 35.99 30.70 -19.12
C TYR H 37 36.98 31.07 -20.21
N GLN H 38 38.15 31.53 -19.77
CA GLN H 38 39.26 31.87 -20.65
C GLN H 38 40.50 31.16 -20.15
N GLN H 39 41.12 30.34 -20.99
CA GLN H 39 42.35 29.63 -20.63
C GLN H 39 43.44 30.03 -21.59
N LYS H 40 44.42 30.75 -21.10
CA LYS H 40 45.57 31.19 -21.86
C LYS H 40 46.67 30.12 -21.82
N PRO H 41 47.61 30.18 -22.76
CA PRO H 41 48.66 29.15 -22.81
C PRO H 41 49.40 29.02 -21.48
N GLY H 42 49.49 27.79 -20.99
CA GLY H 42 50.19 27.51 -19.75
C GLY H 42 49.53 28.08 -18.52
N GLN H 43 48.22 28.30 -18.55
CA GLN H 43 47.53 28.87 -17.41
C GLN H 43 46.26 28.08 -17.13
N ALA H 44 45.80 28.16 -15.88
CA ALA H 44 44.52 27.60 -15.51
C ALA H 44 43.39 28.43 -16.11
N PRO H 45 42.20 27.83 -16.26
CA PRO H 45 41.06 28.60 -16.76
C PRO H 45 40.72 29.75 -15.82
N ARG H 46 40.20 30.82 -16.40
CA ARG H 46 39.77 32.00 -15.66
C ARG H 46 38.32 32.28 -15.98
N LEU H 47 37.53 32.51 -14.93
CA LEU H 47 36.11 32.82 -15.11
C LEU H 47 35.96 34.21 -15.73
N LEU H 48 35.28 34.28 -16.87
CA LEU H 48 35.01 35.54 -17.55
C LEU H 48 33.59 36.04 -17.27
N ILE H 49 32.60 35.26 -17.68
CA ILE H 49 31.19 35.62 -17.59
C ILE H 49 30.46 34.50 -16.89
N TYR H 50 29.65 34.85 -15.90
CA TYR H 50 28.72 33.91 -15.29
C TYR H 50 27.33 34.50 -15.33
N GLY H 51 26.33 33.65 -15.09
CA GLY H 51 24.96 34.09 -15.24
C GLY H 51 24.67 34.63 -16.62
N ALA H 52 25.31 34.04 -17.64
CA ALA H 52 25.13 34.39 -19.05
C ALA H 52 25.64 35.79 -19.39
N SER H 53 25.45 36.78 -18.51
CA SER H 53 25.75 38.15 -18.90
C SER H 53 26.40 38.97 -17.78
N THR H 54 26.92 38.35 -16.74
CA THR H 54 27.52 39.06 -15.61
C THR H 54 29.03 38.88 -15.66
N ARG H 55 29.75 39.97 -15.90
CA ARG H 55 31.20 39.92 -15.92
C ARG H 55 31.73 39.62 -14.53
N ALA H 56 32.66 38.68 -14.45
CA ALA H 56 33.31 38.37 -13.18
C ALA H 56 34.21 39.52 -12.74
N THR H 57 34.69 39.42 -11.51
CA THR H 57 35.55 40.48 -10.97
C THR H 57 36.86 40.55 -11.73
N GLY H 58 37.28 41.77 -12.08
CA GLY H 58 38.51 42.00 -12.78
C GLY H 58 38.46 41.83 -14.28
N ILE H 59 37.36 41.34 -14.82
CA ILE H 59 37.24 41.11 -16.26
C ILE H 59 36.95 42.43 -16.96
N PRO H 60 37.78 42.83 -17.93
CA PRO H 60 37.56 44.11 -18.61
C PRO H 60 36.19 44.18 -19.25
N ASP H 61 35.71 45.42 -19.43
CA ASP H 61 34.37 45.65 -19.93
C ASP H 61 34.21 45.32 -21.41
N ARG H 62 35.31 45.08 -22.13
CA ARG H 62 35.20 44.72 -23.55
C ARG H 62 34.68 43.29 -23.73
N PHE H 63 34.70 42.47 -22.69
CA PHE H 63 34.08 41.15 -22.74
C PHE H 63 32.60 41.29 -22.41
N SER H 64 31.76 40.57 -23.15
CA SER H 64 30.32 40.70 -23.03
C SER H 64 29.66 39.34 -23.24
N GLY H 65 28.71 39.03 -22.37
CA GLY H 65 27.96 37.79 -22.47
C GLY H 65 26.49 38.06 -22.72
N SER H 66 25.86 37.17 -23.49
CA SER H 66 24.45 37.32 -23.83
C SER H 66 23.90 35.97 -24.24
N GLY H 67 22.59 35.93 -24.43
CA GLY H 67 21.89 34.72 -24.83
C GLY H 67 21.01 34.18 -23.72
N SER H 68 20.26 33.14 -24.08
CA SER H 68 19.34 32.49 -23.17
C SER H 68 18.92 31.16 -23.79
N GLY H 69 18.28 30.32 -22.98
CA GLY H 69 17.75 29.07 -23.45
C GLY H 69 18.79 28.10 -23.98
N THR H 70 19.00 28.11 -25.29
CA THR H 70 19.91 27.19 -25.95
C THR H 70 21.00 27.87 -26.77
N ASP H 71 20.99 29.19 -26.88
CA ASP H 71 21.97 29.91 -27.70
C ASP H 71 22.54 31.05 -26.89
N PHE H 72 23.82 30.94 -26.51
CA PHE H 72 24.53 31.95 -25.74
C PHE H 72 25.70 32.49 -26.56
N ILE H 73 26.06 33.74 -26.30
CA ILE H 73 27.04 34.46 -27.09
C ILE H 73 28.07 35.11 -26.17
N LEU H 74 29.34 34.99 -26.54
CA LEU H 74 30.41 35.78 -25.96
C LEU H 74 30.89 36.77 -27.02
N THR H 75 30.99 38.04 -26.65
CA THR H 75 31.43 39.09 -27.57
C THR H 75 32.61 39.84 -26.97
N ILE H 76 33.65 40.03 -27.78
CA ILE H 76 34.83 40.79 -27.41
C ILE H 76 34.86 42.00 -28.33
N ASN H 77 34.47 43.16 -27.80
CA ASN H 77 34.18 44.31 -28.66
C ASN H 77 35.43 44.78 -29.41
N ARG H 78 36.48 45.10 -28.67
CA ARG H 78 37.77 45.44 -29.26
C ARG H 78 38.76 44.37 -28.84
N LEU H 79 39.21 43.57 -29.81
CA LEU H 79 40.13 42.48 -29.50
C LEU H 79 41.53 43.04 -29.27
N GLU H 80 42.13 42.63 -28.18
CA GLU H 80 43.50 43.01 -27.89
C GLU H 80 44.42 41.80 -28.11
N PRO H 81 45.70 42.03 -28.41
CA PRO H 81 46.61 40.89 -28.61
C PRO H 81 46.70 39.99 -27.39
N GLU H 82 46.46 40.51 -26.19
CA GLU H 82 46.53 39.70 -24.98
C GLU H 82 45.34 38.76 -24.84
N ASP H 83 44.28 38.97 -25.62
CA ASP H 83 43.08 38.15 -25.52
C ASP H 83 43.21 36.80 -26.21
N LEU H 84 44.40 36.43 -26.68
CA LEU H 84 44.55 35.13 -27.32
C LEU H 84 44.42 34.02 -26.28
N ALA H 85 43.51 33.08 -26.54
CA ALA H 85 43.28 31.97 -25.63
C ALA H 85 42.23 31.03 -26.21
N VAL H 86 41.94 29.96 -25.49
CA VAL H 86 40.81 29.09 -25.77
C VAL H 86 39.69 29.49 -24.82
N TYR H 87 38.50 29.72 -25.37
CA TYR H 87 37.35 30.15 -24.59
C TYR H 87 36.34 29.01 -24.51
N TYR H 88 36.03 28.59 -23.28
CA TYR H 88 35.09 27.52 -23.02
C TYR H 88 33.82 28.09 -22.40
N CYS H 89 32.69 27.45 -22.72
CA CYS H 89 31.45 27.67 -22.00
C CYS H 89 31.12 26.41 -21.21
N GLN H 90 30.38 26.59 -20.12
CA GLN H 90 29.99 25.48 -19.28
C GLN H 90 28.62 25.76 -18.68
N GLN H 91 27.76 24.76 -18.67
CA GLN H 91 26.51 24.80 -17.94
C GLN H 91 26.68 23.98 -16.67
N PHE H 92 26.29 24.56 -15.53
CA PHE H 92 26.47 23.89 -14.24
C PHE H 92 25.19 23.97 -13.42
N GLY H 93 24.04 23.89 -14.08
CA GLY H 93 22.76 23.85 -13.39
C GLY H 93 22.12 22.48 -13.48
N SER H 94 22.64 21.62 -14.35
CA SER H 94 22.15 20.26 -14.52
C SER H 94 23.32 19.31 -14.63
N SER H 95 23.40 18.35 -13.71
CA SER H 95 24.50 17.41 -13.69
C SER H 95 24.31 16.36 -14.79
N PRO H 96 25.38 15.99 -15.52
CA PRO H 96 26.77 16.47 -15.38
C PRO H 96 26.99 17.87 -15.95
N TRP H 97 27.89 18.62 -15.31
CA TRP H 97 28.16 20.01 -15.67
C TRP H 97 29.10 20.03 -16.88
N THR H 98 28.52 19.77 -18.05
CA THR H 98 29.30 19.55 -19.25
C THR H 98 29.92 20.84 -19.77
N PHE H 99 31.04 20.69 -20.48
CA PHE H 99 31.76 21.77 -21.12
C PHE H 99 31.55 21.72 -22.64
N GLY H 100 31.84 22.85 -23.30
CA GLY H 100 31.97 22.85 -24.74
C GLY H 100 33.39 22.54 -25.16
N GLN H 101 33.57 22.31 -26.45
CA GLN H 101 34.90 21.98 -26.97
C GLN H 101 35.81 23.20 -27.05
N GLY H 102 35.31 24.39 -26.73
CA GLY H 102 36.14 25.57 -26.72
C GLY H 102 36.35 26.19 -28.07
N THR H 103 36.63 27.49 -28.11
CA THR H 103 36.94 28.22 -29.34
C THR H 103 38.29 28.88 -29.17
N LYS H 104 39.21 28.60 -30.09
CA LYS H 104 40.56 29.13 -30.05
C LYS H 104 40.60 30.46 -30.80
N VAL H 105 41.13 31.49 -30.15
CA VAL H 105 41.20 32.83 -30.73
C VAL H 105 42.66 33.15 -30.98
N ASP H 106 43.01 33.29 -32.26
CA ASP H 106 44.32 33.73 -32.71
C ASP H 106 44.28 35.20 -33.09
N ILE H 107 45.45 35.83 -33.09
CA ILE H 107 45.58 37.24 -33.46
C ILE H 107 45.96 37.33 -34.93
N LYS H 108 45.09 37.94 -35.74
CA LYS H 108 45.31 38.08 -37.17
C LYS H 108 46.63 38.75 -37.57
N ARG H 109 46.94 38.17 -38.63
CA ARG H 109 48.10 38.83 -39.24
C ARG H 109 48.20 38.49 -40.72
N THR H 110 49.19 39.07 -41.39
CA THR H 110 49.41 38.82 -42.82
C THR H 110 50.13 37.50 -43.03
N VAL H 111 50.03 36.96 -44.24
CA VAL H 111 50.73 35.72 -44.57
C VAL H 111 52.23 35.93 -44.42
N ALA H 112 52.92 34.91 -43.90
CA ALA H 112 54.36 34.95 -43.72
C ALA H 112 54.94 33.61 -44.08
N ALA H 113 55.83 33.58 -45.08
CA ALA H 113 56.47 32.34 -45.49
C ALA H 113 57.46 31.89 -44.44
N PRO H 114 57.71 30.58 -44.33
CA PRO H 114 58.68 30.09 -43.36
C PRO H 114 60.11 30.23 -43.84
N SER H 115 61.03 30.18 -42.88
CA SER H 115 62.45 30.02 -43.15
C SER H 115 62.82 28.57 -42.85
N VAL H 116 63.35 27.88 -43.85
CA VAL H 116 63.57 26.44 -43.78
C VAL H 116 65.04 26.18 -43.50
N PHE H 117 65.30 25.36 -42.48
CA PHE H 117 66.65 24.97 -42.10
C PHE H 117 66.66 23.47 -41.83
N ILE H 118 67.74 22.80 -42.23
CA ILE H 118 67.88 21.37 -42.03
C ILE H 118 69.14 21.12 -41.20
N PHE H 119 69.10 20.08 -40.37
CA PHE H 119 70.21 19.75 -39.47
C PHE H 119 70.51 18.26 -39.59
N PRO H 120 71.72 17.88 -40.00
CA PRO H 120 72.07 16.46 -40.06
C PRO H 120 72.23 15.90 -38.66
N PRO H 121 72.20 14.57 -38.51
CA PRO H 121 72.43 13.99 -37.19
C PRO H 121 73.86 14.23 -36.72
N SER H 122 74.01 14.40 -35.41
CA SER H 122 75.33 14.59 -34.84
C SER H 122 76.07 13.26 -34.76
N ASP H 123 77.39 13.34 -34.73
CA ASP H 123 78.22 12.13 -34.63
C ASP H 123 78.00 11.42 -33.31
N GLU H 124 77.73 12.18 -32.23
CA GLU H 124 77.46 11.55 -30.94
C GLU H 124 76.22 10.68 -31.02
N GLN H 125 75.21 11.12 -31.76
CA GLN H 125 74.01 10.30 -31.92
C GLN H 125 74.28 9.08 -32.81
N LEU H 126 75.04 9.26 -33.89
CA LEU H 126 75.34 8.14 -34.76
C LEU H 126 76.09 7.04 -34.02
N LYS H 127 76.87 7.40 -33.00
CA LYS H 127 77.49 6.39 -32.15
C LYS H 127 76.44 5.53 -31.45
N SER H 128 75.27 6.10 -31.15
CA SER H 128 74.22 5.36 -30.47
C SER H 128 73.48 4.39 -31.38
N GLY H 129 73.74 4.42 -32.68
CA GLY H 129 73.07 3.53 -33.61
C GLY H 129 71.79 4.06 -34.21
N THR H 130 71.49 5.33 -34.00
CA THR H 130 70.29 5.96 -34.54
C THR H 130 70.70 7.27 -35.21
N ALA H 131 69.83 7.77 -36.09
CA ALA H 131 70.09 9.02 -36.78
C ALA H 131 68.79 9.82 -36.84
N SER H 132 68.85 11.08 -36.42
CA SER H 132 67.70 11.98 -36.48
C SER H 132 68.07 13.17 -37.35
N VAL H 133 67.31 13.39 -38.41
CA VAL H 133 67.46 14.55 -39.28
C VAL H 133 66.30 15.49 -38.99
N VAL H 134 66.61 16.78 -38.84
CA VAL H 134 65.65 17.75 -38.35
C VAL H 134 65.46 18.84 -39.39
N CYS H 135 64.20 19.14 -39.70
CA CYS H 135 63.83 20.22 -40.59
C CYS H 135 63.11 21.28 -39.77
N LEU H 136 63.54 22.53 -39.89
CA LEU H 136 63.00 23.63 -39.09
C LEU H 136 62.30 24.62 -40.01
N LEU H 137 61.03 24.89 -39.72
CA LEU H 137 60.25 25.92 -40.41
C LEU H 137 60.00 27.03 -39.40
N ASN H 138 60.55 28.21 -39.65
CA ASN H 138 60.63 29.26 -38.65
C ASN H 138 59.77 30.46 -39.04
N ASN H 139 58.91 30.88 -38.10
CA ASN H 139 58.19 32.16 -38.16
C ASN H 139 57.36 32.28 -39.44
N PHE H 140 56.29 31.48 -39.49
CA PHE H 140 55.38 31.49 -40.63
C PHE H 140 53.95 31.65 -40.14
N TYR H 141 53.06 31.99 -41.09
CA TYR H 141 51.62 32.12 -40.87
C TYR H 141 50.95 32.07 -42.23
N PRO H 142 49.79 31.39 -42.37
CA PRO H 142 49.07 30.64 -41.33
C PRO H 142 49.79 29.36 -40.91
N ARG H 143 49.19 28.66 -39.94
CA ARG H 143 49.81 27.49 -39.32
C ARG H 143 49.92 26.31 -40.28
N GLU H 144 49.11 26.29 -41.35
CA GLU H 144 49.08 25.13 -42.24
C GLU H 144 50.34 25.10 -43.09
N ALA H 145 51.18 24.08 -42.88
CA ALA H 145 52.39 23.90 -43.66
C ALA H 145 52.62 22.40 -43.88
N LYS H 146 53.07 22.04 -45.08
CA LYS H 146 53.32 20.66 -45.46
C LYS H 146 54.82 20.43 -45.53
N VAL H 147 55.32 19.43 -44.80
CA VAL H 147 56.72 19.06 -44.79
C VAL H 147 56.84 17.62 -45.31
N GLN H 148 57.58 17.44 -46.40
CA GLN H 148 57.81 16.12 -46.97
C GLN H 148 59.30 15.82 -47.00
N TRP H 149 59.66 14.62 -46.56
CA TRP H 149 61.05 14.16 -46.54
C TRP H 149 61.34 13.31 -47.76
N LYS H 150 62.56 13.47 -48.30
CA LYS H 150 63.04 12.65 -49.40
C LYS H 150 64.46 12.19 -49.09
N VAL H 151 64.71 10.90 -49.25
CA VAL H 151 66.03 10.31 -49.05
C VAL H 151 66.42 9.65 -50.36
N ASP H 152 67.40 10.25 -51.05
CA ASP H 152 67.77 9.83 -52.39
C ASP H 152 66.54 9.78 -53.30
N ASN H 153 65.74 10.84 -53.22
CA ASN H 153 64.52 11.01 -54.00
C ASN H 153 63.49 9.93 -53.73
N ALA H 154 63.56 9.28 -52.57
CA ALA H 154 62.53 8.34 -52.13
C ALA H 154 61.71 9.02 -51.03
N LEU H 155 60.41 9.17 -51.26
CA LEU H 155 59.56 9.87 -50.31
C LEU H 155 59.42 9.06 -49.03
N GLN H 156 59.65 9.73 -47.90
CA GLN H 156 59.52 9.10 -46.59
C GLN H 156 58.13 9.35 -46.04
N SER H 157 57.52 8.32 -45.47
CA SER H 157 56.21 8.45 -44.84
C SER H 157 56.13 7.49 -43.67
N GLY H 158 55.70 8.00 -42.51
CA GLY H 158 55.52 7.17 -41.34
C GLY H 158 56.73 7.06 -40.44
N ASN H 159 57.85 7.69 -40.79
CA ASN H 159 59.05 7.70 -39.96
C ASN H 159 59.46 9.12 -39.58
N SER H 160 58.59 10.10 -39.79
CA SER H 160 58.84 11.47 -39.40
C SER H 160 57.76 11.92 -38.42
N GLN H 161 58.14 12.82 -37.51
CA GLN H 161 57.20 13.41 -36.56
C GLN H 161 57.38 14.93 -36.56
N GLU H 162 56.26 15.63 -36.41
CA GLU H 162 56.25 17.09 -36.44
C GLU H 162 55.81 17.64 -35.10
N SER H 163 56.19 18.88 -34.84
CA SER H 163 55.77 19.61 -33.65
C SER H 163 55.65 21.07 -34.03
N VAL H 164 54.64 21.75 -33.49
CA VAL H 164 54.38 23.15 -33.78
CA VAL H 164 54.38 23.15 -33.78
C VAL H 164 54.36 23.93 -32.47
N THR H 165 55.04 25.07 -32.44
CA THR H 165 54.98 25.92 -31.26
C THR H 165 53.62 26.60 -31.19
N GLU H 166 53.30 27.08 -29.99
CA GLU H 166 52.17 27.97 -29.88
C GLU H 166 52.45 29.27 -30.61
N GLN H 167 51.40 30.01 -30.90
CA GLN H 167 51.56 31.28 -31.60
C GLN H 167 52.42 32.22 -30.76
N ASP H 168 53.30 32.94 -31.43
CA ASP H 168 54.25 33.81 -30.77
C ASP H 168 53.55 35.08 -30.29
N SER H 169 53.87 35.49 -29.06
CA SER H 169 53.16 36.60 -28.43
C SER H 169 53.52 37.96 -29.00
N LYS H 170 54.58 38.05 -29.81
CA LYS H 170 55.01 39.33 -30.36
C LYS H 170 54.62 39.48 -31.83
N ASP H 171 55.04 38.54 -32.67
CA ASP H 171 54.81 38.62 -34.11
C ASP H 171 53.71 37.69 -34.61
N SER H 172 53.09 36.91 -33.72
CA SER H 172 51.92 36.09 -34.04
C SER H 172 52.20 35.03 -35.10
N THR H 173 53.45 34.57 -35.21
CA THR H 173 53.78 33.52 -36.17
C THR H 173 53.92 32.18 -35.46
N TYR H 174 54.04 31.14 -36.26
CA TYR H 174 54.25 29.77 -35.80
C TYR H 174 55.63 29.29 -36.22
N SER H 175 56.05 28.17 -35.62
CA SER H 175 57.28 27.50 -36.01
C SER H 175 57.10 26.00 -35.85
N LEU H 176 57.61 25.24 -36.81
CA LEU H 176 57.40 23.81 -36.87
C LEU H 176 58.75 23.09 -36.88
N SER H 177 58.78 21.90 -36.29
CA SER H 177 59.97 21.06 -36.23
C SER H 177 59.60 19.64 -36.65
N SER H 178 60.18 19.17 -37.75
CA SER H 178 59.97 17.81 -38.24
C SER H 178 61.24 17.00 -38.03
N THR H 179 61.11 15.82 -37.43
CA THR H 179 62.24 14.95 -37.15
C THR H 179 62.08 13.66 -37.94
N LEU H 180 63.06 13.36 -38.78
CA LEU H 180 63.14 12.11 -39.52
C LEU H 180 64.07 11.17 -38.74
N THR H 181 63.59 9.98 -38.42
CA THR H 181 64.34 9.01 -37.64
C THR H 181 64.72 7.83 -38.52
N LEU H 182 66.02 7.53 -38.58
CA LEU H 182 66.53 6.39 -39.34
C LEU H 182 67.56 5.66 -38.50
N SER H 183 67.79 4.39 -38.85
CA SER H 183 68.88 3.66 -38.22
C SER H 183 70.21 4.18 -38.73
N LYS H 184 71.27 3.97 -37.93
CA LYS H 184 72.60 4.33 -38.38
C LYS H 184 72.97 3.56 -39.65
N ALA H 185 72.53 2.31 -39.75
CA ALA H 185 72.80 1.53 -40.95
C ALA H 185 72.11 2.14 -42.17
N ASP H 186 70.80 2.39 -42.06
CA ASP H 186 70.07 2.97 -43.18
C ASP H 186 70.59 4.36 -43.53
N TYR H 187 70.93 5.16 -42.52
CA TYR H 187 71.40 6.52 -42.79
C TYR H 187 72.71 6.51 -43.56
N GLU H 188 73.60 5.57 -43.29
CA GLU H 188 74.89 5.52 -43.97
C GLU H 188 74.79 5.00 -45.40
N LYS H 189 73.67 4.39 -45.79
CA LYS H 189 73.53 3.85 -47.13
C LYS H 189 73.16 4.92 -48.16
N HIS H 190 72.68 6.08 -47.73
CA HIS H 190 72.12 7.08 -48.62
C HIS H 190 72.91 8.38 -48.54
N LYS H 191 72.60 9.30 -49.45
CA LYS H 191 73.40 10.51 -49.57
C LYS H 191 72.57 11.79 -49.40
N VAL H 192 71.58 11.96 -50.26
CA VAL H 192 70.83 13.22 -50.34
C VAL H 192 69.62 13.16 -49.40
N TYR H 193 69.62 14.00 -48.37
CA TYR H 193 68.53 14.10 -47.42
C TYR H 193 67.89 15.46 -47.58
N ALA H 194 66.59 15.49 -47.84
CA ALA H 194 65.89 16.73 -48.16
C ALA H 194 64.52 16.78 -47.49
N CYS H 195 64.14 17.96 -47.02
CA CYS H 195 62.77 18.24 -46.63
C CYS H 195 62.20 19.31 -47.55
N GLU H 196 61.05 19.01 -48.15
CA GLU H 196 60.37 19.92 -49.06
C GLU H 196 59.18 20.53 -48.32
N VAL H 197 59.11 21.86 -48.34
CA VAL H 197 58.12 22.61 -47.57
C VAL H 197 57.14 23.25 -48.54
N THR H 198 55.84 23.06 -48.29
CA THR H 198 54.77 23.72 -49.03
C THR H 198 54.01 24.61 -48.07
N HIS H 199 53.80 25.86 -48.47
CA HIS H 199 53.12 26.81 -47.59
C HIS H 199 52.54 27.94 -48.43
N GLN H 200 51.50 28.57 -47.88
CA GLN H 200 50.80 29.63 -48.61
C GLN H 200 51.72 30.81 -48.91
N GLY H 201 52.73 31.05 -48.08
CA GLY H 201 53.63 32.16 -48.29
C GLY H 201 54.71 31.94 -49.32
N LEU H 202 54.83 30.72 -49.85
CA LEU H 202 55.83 30.38 -50.85
C LEU H 202 55.19 30.27 -52.23
N SER H 203 55.86 30.82 -53.24
CA SER H 203 55.35 30.71 -54.61
C SER H 203 55.37 29.28 -55.09
N SER H 204 56.41 28.53 -54.73
CA SER H 204 56.53 27.12 -55.07
C SER H 204 57.25 26.43 -53.92
N PRO H 205 57.08 25.11 -53.78
CA PRO H 205 57.69 24.41 -52.62
C PRO H 205 59.19 24.63 -52.56
N VAL H 206 59.67 24.81 -51.33
CA VAL H 206 61.09 25.06 -51.06
C VAL H 206 61.71 23.79 -50.52
N THR H 207 62.88 23.43 -51.05
CA THR H 207 63.61 22.24 -50.64
C THR H 207 64.93 22.64 -50.01
N LYS H 208 65.18 22.17 -48.79
CA LYS H 208 66.48 22.28 -48.13
C LYS H 208 67.08 20.89 -48.00
N SER H 209 68.30 20.70 -48.51
CA SER H 209 68.90 19.39 -48.56
C SER H 209 70.38 19.47 -48.25
N PHE H 210 70.95 18.33 -47.86
CA PHE H 210 72.38 18.19 -47.64
C PHE H 210 72.83 16.82 -48.15
N ASN H 211 74.14 16.69 -48.38
CA ASN H 211 74.74 15.44 -48.82
C ASN H 211 75.57 14.87 -47.67
N ARG H 212 75.25 13.65 -47.27
CA ARG H 212 75.92 13.00 -46.14
C ARG H 212 77.43 12.93 -46.34
N GLU I 1 -56.22 26.89 -10.72
CA GLU I 1 -56.74 26.56 -9.40
C GLU I 1 -55.69 25.91 -8.52
N VAL I 2 -55.45 26.52 -7.35
CA VAL I 2 -54.49 26.00 -6.39
C VAL I 2 -55.09 24.73 -5.78
N GLN I 3 -54.50 23.59 -6.07
CA GLN I 3 -55.10 22.30 -5.70
C GLN I 3 -54.05 21.35 -5.16
N LEU I 4 -54.51 20.42 -4.33
CA LEU I 4 -53.73 19.28 -3.88
C LEU I 4 -54.64 18.06 -4.00
N VAL I 5 -54.29 17.13 -4.88
CA VAL I 5 -55.16 16.01 -5.23
C VAL I 5 -54.45 14.71 -4.90
N GLU I 6 -54.99 13.99 -3.92
CA GLU I 6 -54.42 12.73 -3.48
C GLU I 6 -55.01 11.55 -4.27
N SER I 7 -54.38 10.39 -4.11
CA SER I 7 -54.79 9.21 -4.85
C SER I 7 -56.09 8.64 -4.26
N GLY I 8 -56.53 7.52 -4.84
CA GLY I 8 -57.80 6.95 -4.48
C GLY I 8 -57.76 6.02 -3.28
N PRO I 9 -58.92 5.51 -2.87
CA PRO I 9 -58.96 4.62 -1.70
C PRO I 9 -58.18 3.34 -1.93
N GLU I 10 -57.72 2.75 -0.83
CA GLU I 10 -56.86 1.58 -0.87
C GLU I 10 -57.35 0.53 0.11
N VAL I 11 -57.12 -0.73 -0.24
CA VAL I 11 -57.26 -1.85 0.68
C VAL I 11 -55.95 -2.63 0.64
N LYS I 12 -55.34 -2.82 1.80
CA LYS I 12 -54.00 -3.41 1.88
C LYS I 12 -54.00 -4.50 2.95
N LYS I 13 -53.44 -5.65 2.59
CA LYS I 13 -53.33 -6.75 3.53
C LYS I 13 -52.40 -6.37 4.69
N PRO I 14 -52.65 -6.90 5.88
CA PRO I 14 -51.77 -6.62 7.01
C PRO I 14 -50.34 -7.09 6.73
N GLY I 15 -49.39 -6.18 6.92
CA GLY I 15 -48.00 -6.45 6.65
C GLY I 15 -47.49 -5.93 5.33
N THR I 16 -48.35 -5.35 4.51
CA THR I 16 -47.96 -4.83 3.21
C THR I 16 -47.61 -3.34 3.33
N SER I 17 -47.49 -2.67 2.18
CA SER I 17 -47.09 -1.28 2.13
C SER I 17 -48.04 -0.51 1.22
N VAL I 18 -48.32 0.74 1.60
CA VAL I 18 -49.14 1.63 0.80
C VAL I 18 -48.35 2.92 0.56
N LYS I 19 -48.48 3.47 -0.65
CA LYS I 19 -47.79 4.69 -1.03
C LYS I 19 -48.83 5.67 -1.57
N VAL I 20 -49.16 6.67 -0.76
CA VAL I 20 -50.19 7.65 -1.12
C VAL I 20 -49.55 8.78 -1.91
N SER I 21 -50.20 9.17 -3.00
CA SER I 21 -49.76 10.24 -3.88
C SER I 21 -50.41 11.56 -3.48
N CYS I 22 -49.75 12.67 -3.86
CA CYS I 22 -50.28 14.00 -3.55
C CYS I 22 -49.71 14.98 -4.59
N LYS I 23 -50.45 15.14 -5.68
CA LYS I 23 -50.03 16.00 -6.78
C LYS I 23 -50.59 17.40 -6.62
N ALA I 24 -49.78 18.40 -7.00
CA ALA I 24 -50.10 19.80 -6.80
C ALA I 24 -50.42 20.49 -8.12
N SER I 25 -51.16 21.59 -8.04
CA SER I 25 -51.51 22.38 -9.19
C SER I 25 -51.73 23.82 -8.77
N GLY I 26 -51.31 24.76 -9.61
CA GLY I 26 -51.57 26.17 -9.39
C GLY I 26 -50.42 26.97 -8.81
N PHE I 27 -49.69 26.39 -7.87
CA PHE I 27 -48.62 27.09 -7.18
C PHE I 27 -47.27 26.43 -7.49
N SER I 28 -46.20 27.16 -7.20
CA SER I 28 -44.85 26.62 -7.36
C SER I 28 -44.63 25.52 -6.34
N PHE I 29 -44.63 24.27 -6.79
CA PHE I 29 -44.53 23.14 -5.88
C PHE I 29 -43.14 23.02 -5.27
N SER I 30 -42.10 23.38 -6.02
CA SER I 30 -40.72 23.22 -5.53
C SER I 30 -40.42 24.15 -4.36
N MET I 31 -41.16 25.25 -4.23
CA MET I 31 -41.00 26.19 -3.13
C MET I 31 -41.82 25.81 -1.91
N SER I 32 -42.56 24.71 -1.94
CA SER I 32 -43.61 24.44 -0.98
C SER I 32 -43.22 23.28 -0.08
N ALA I 33 -43.33 23.51 1.23
CA ALA I 33 -43.20 22.43 2.19
C ALA I 33 -44.47 21.60 2.22
N MET I 34 -44.36 20.39 2.76
CA MET I 34 -45.49 19.48 2.78
C MET I 34 -45.46 18.67 4.06
N GLN I 35 -46.60 18.63 4.75
CA GLN I 35 -46.79 17.78 5.92
C GLN I 35 -47.86 16.75 5.63
N TRP I 36 -47.76 15.62 6.32
CA TRP I 36 -48.71 14.52 6.20
C TRP I 36 -49.38 14.28 7.54
N VAL I 37 -50.70 14.10 7.52
CA VAL I 37 -51.52 13.92 8.71
C VAL I 37 -52.54 12.84 8.41
N ARG I 38 -52.87 12.02 9.42
CA ARG I 38 -53.91 11.02 9.28
C ARG I 38 -54.96 11.21 10.36
N ARG I 39 -56.13 10.62 10.10
CA ARG I 39 -57.23 10.68 11.07
C ARG I 39 -58.01 9.38 10.99
N ALA I 40 -57.96 8.59 12.06
CA ALA I 40 -58.78 7.39 12.13
C ALA I 40 -60.25 7.75 12.34
N ARG I 41 -61.13 6.87 11.87
CA ARG I 41 -62.56 7.13 11.84
C ARG I 41 -63.09 7.55 13.21
N GLY I 42 -63.47 8.82 13.34
CA GLY I 42 -64.00 9.32 14.59
C GLY I 42 -62.95 9.63 15.64
N GLN I 43 -61.74 9.95 15.23
CA GLN I 43 -60.66 10.27 16.15
C GLN I 43 -60.13 11.67 15.86
N ARG I 44 -58.98 12.00 16.45
CA ARG I 44 -58.34 13.29 16.24
C ARG I 44 -57.27 13.16 15.16
N LEU I 45 -56.81 14.32 14.69
CA LEU I 45 -55.74 14.35 13.70
C LEU I 45 -54.43 13.90 14.32
N GLU I 46 -53.63 13.19 13.54
CA GLU I 46 -52.33 12.69 13.99
C GLU I 46 -51.27 13.09 12.99
N TRP I 47 -50.28 13.85 13.45
CA TRP I 47 -49.22 14.33 12.57
C TRP I 47 -48.26 13.18 12.25
N ILE I 48 -47.92 13.04 10.98
CA ILE I 48 -47.03 11.96 10.55
C ILE I 48 -45.62 12.51 10.33
N GLY I 49 -45.50 13.50 9.46
CA GLY I 49 -44.20 14.07 9.17
C GLY I 49 -44.33 15.20 8.18
N TRP I 50 -43.19 15.82 7.90
CA TRP I 50 -43.15 16.91 6.94
C TRP I 50 -41.81 16.88 6.21
N ILE I 51 -41.78 17.55 5.07
CA ILE I 51 -40.61 17.58 4.20
C ILE I 51 -40.37 19.02 3.75
N VAL I 52 -39.12 19.43 3.72
CA VAL I 52 -38.75 20.81 3.39
C VAL I 52 -38.77 20.99 1.88
N PRO I 53 -39.01 22.20 1.39
CA PRO I 53 -38.99 22.42 -0.07
C PRO I 53 -37.58 22.31 -0.63
N GLY I 54 -37.51 21.85 -1.86
CA GLY I 54 -36.25 21.75 -2.59
C GLY I 54 -35.51 20.44 -2.45
N SER I 55 -35.25 20.02 -1.23
CA SER I 55 -34.48 18.80 -0.95
C SER I 55 -35.42 17.70 -0.47
N GLY I 56 -34.84 16.52 -0.23
CA GLY I 56 -35.55 15.41 0.35
C GLY I 56 -35.49 15.34 1.86
N ASN I 57 -34.99 16.40 2.52
CA ASN I 57 -34.88 16.40 3.97
C ASN I 57 -36.25 16.30 4.63
N ALA I 58 -36.54 15.14 5.22
CA ALA I 58 -37.82 14.89 5.88
C ALA I 58 -37.62 14.81 7.39
N ASN I 59 -38.74 14.98 8.10
CA ASN I 59 -38.77 14.85 9.55
C ASN I 59 -40.06 14.13 9.94
N TYR I 60 -39.94 13.17 10.83
CA TYR I 60 -41.07 12.31 11.19
C TYR I 60 -41.31 12.35 12.69
N ALA I 61 -42.54 12.05 13.09
CA ALA I 61 -42.82 11.77 14.49
C ALA I 61 -42.19 10.44 14.88
N GLN I 62 -41.92 10.30 16.18
CA GLN I 62 -41.29 9.09 16.67
C GLN I 62 -42.14 7.85 16.39
N LYS I 63 -43.46 8.00 16.41
CA LYS I 63 -44.35 6.85 16.23
C LYS I 63 -44.21 6.26 14.83
N PHE I 64 -43.98 7.09 13.82
CA PHE I 64 -43.90 6.64 12.43
C PHE I 64 -42.48 6.68 11.89
N GLN I 65 -41.47 6.91 12.74
CA GLN I 65 -40.10 7.05 12.27
C GLN I 65 -39.61 5.79 11.57
N GLU I 66 -40.03 4.62 12.04
CA GLU I 66 -39.43 3.37 11.57
C GLU I 66 -40.00 2.93 10.23
N ARG I 67 -41.25 3.26 9.91
CA ARG I 67 -41.92 2.65 8.78
C ARG I 67 -42.54 3.63 7.80
N VAL I 68 -42.51 4.93 8.06
CA VAL I 68 -43.04 5.93 7.14
C VAL I 68 -41.87 6.61 6.43
N THR I 69 -42.00 6.76 5.12
CA THR I 69 -41.00 7.45 4.30
C THR I 69 -41.72 8.49 3.45
N ILE I 70 -41.37 9.76 3.64
CA ILE I 70 -41.99 10.86 2.91
C ILE I 70 -41.02 11.35 1.85
N THR I 71 -41.44 11.30 0.59
CA THR I 71 -40.62 11.67 -0.54
C THR I 71 -41.36 12.72 -1.37
N ARG I 72 -40.68 13.21 -2.40
CA ARG I 72 -41.27 14.20 -3.30
C ARG I 72 -40.54 14.17 -4.62
N ASP I 73 -41.28 14.37 -5.70
CA ASP I 73 -40.75 14.36 -7.06
C ASP I 73 -40.98 15.74 -7.67
N GLU I 74 -39.89 16.47 -7.90
CA GLU I 74 -40.03 17.83 -8.39
C GLU I 74 -40.46 17.88 -9.85
N SER I 75 -40.07 16.88 -10.65
CA SER I 75 -40.41 16.88 -12.06
C SER I 75 -41.90 16.67 -12.29
N THR I 76 -42.49 15.70 -11.58
CA THR I 76 -43.90 15.38 -11.74
C THR I 76 -44.80 16.14 -10.76
N ASN I 77 -44.22 17.02 -9.94
CA ASN I 77 -44.96 17.89 -9.01
C ASN I 77 -45.82 17.09 -8.04
N THR I 78 -45.27 16.00 -7.52
CA THR I 78 -46.03 15.10 -6.65
C THR I 78 -45.20 14.70 -5.45
N GLY I 79 -45.81 14.76 -4.27
CA GLY I 79 -45.23 14.22 -3.06
C GLY I 79 -45.86 12.88 -2.71
N TYR I 80 -45.10 12.07 -1.97
CA TYR I 80 -45.55 10.72 -1.63
C TYR I 80 -45.31 10.46 -0.14
N MET I 81 -46.07 9.52 0.39
CA MET I 81 -45.92 9.05 1.76
C MET I 81 -46.13 7.54 1.77
N GLU I 82 -45.07 6.79 2.02
CA GLU I 82 -45.10 5.34 2.00
C GLU I 82 -45.07 4.80 3.43
N LEU I 83 -46.06 3.97 3.76
CA LEU I 83 -46.20 3.41 5.10
C LEU I 83 -46.08 1.90 4.99
N SER I 84 -44.96 1.36 5.48
CA SER I 84 -44.71 -0.07 5.44
C SER I 84 -45.19 -0.74 6.72
N SER I 85 -45.16 -2.08 6.72
CA SER I 85 -45.57 -2.88 7.86
C SER I 85 -46.96 -2.47 8.36
N LEU I 86 -47.91 -2.44 7.44
CA LEU I 86 -49.26 -1.99 7.75
C LEU I 86 -49.93 -2.94 8.73
N ARG I 87 -50.69 -2.36 9.66
CA ARG I 87 -51.45 -3.12 10.64
C ARG I 87 -52.83 -2.50 10.80
N SER I 88 -53.66 -3.14 11.63
CA SER I 88 -55.07 -2.76 11.73
C SER I 88 -55.23 -1.31 12.17
N GLU I 89 -54.37 -0.85 13.08
CA GLU I 89 -54.51 0.48 13.64
C GLU I 89 -54.15 1.59 12.66
N ASP I 90 -53.63 1.25 11.47
CA ASP I 90 -53.28 2.26 10.48
C ASP I 90 -54.46 2.68 9.61
N THR I 91 -55.61 2.00 9.72
CA THR I 91 -56.79 2.37 8.94
C THR I 91 -57.22 3.79 9.30
N ALA I 92 -57.16 4.70 8.33
CA ALA I 92 -57.42 6.12 8.58
C ALA I 92 -57.50 6.84 7.25
N VAL I 93 -57.93 8.10 7.32
CA VAL I 93 -57.88 9.00 6.17
C VAL I 93 -56.58 9.80 6.26
N TYR I 94 -55.74 9.67 5.24
CA TYR I 94 -54.44 10.31 5.21
C TYR I 94 -54.51 11.57 4.36
N TYR I 95 -54.04 12.69 4.91
CA TYR I 95 -54.08 13.99 4.25
C TYR I 95 -52.66 14.50 3.99
N CYS I 96 -52.53 15.33 2.95
CA CYS I 96 -51.32 16.10 2.71
C CYS I 96 -51.68 17.57 2.69
N ALA I 97 -50.81 18.41 3.26
CA ALA I 97 -51.02 19.84 3.28
C ALA I 97 -49.75 20.54 2.85
N ALA I 98 -49.92 21.78 2.39
CA ALA I 98 -48.80 22.57 1.89
C ALA I 98 -49.20 24.03 1.90
N PRO I 99 -48.25 24.94 2.10
CA PRO I 99 -48.52 26.35 1.82
C PRO I 99 -48.39 26.64 0.34
N HIS I 100 -49.25 27.52 -0.16
CA HIS I 100 -49.14 27.94 -1.55
C HIS I 100 -47.99 28.94 -1.71
N CYS I 101 -47.35 28.91 -2.86
CA CYS I 101 -46.18 29.74 -3.13
C CYS I 101 -46.18 30.20 -4.58
N ASN I 102 -45.58 31.35 -4.83
CA ASN I 102 -45.19 31.67 -6.18
C ASN I 102 -43.70 31.35 -6.34
N LYS I 103 -43.04 31.95 -7.33
CA LYS I 103 -41.64 31.59 -7.58
C LYS I 103 -40.71 32.02 -6.44
N THR I 104 -41.12 32.97 -5.62
CA THR I 104 -40.22 33.51 -4.59
C THR I 104 -40.83 33.51 -3.20
N ASN I 105 -42.12 33.81 -3.06
CA ASN I 105 -42.74 33.98 -1.75
C ASN I 105 -43.69 32.84 -1.46
N CYS I 106 -43.87 32.56 -0.16
CA CYS I 106 -44.72 31.48 0.31
C CYS I 106 -45.61 31.96 1.45
N TYR I 107 -46.70 31.24 1.66
CA TYR I 107 -47.55 31.48 2.82
C TYR I 107 -46.84 31.02 4.09
N ASP I 108 -47.28 31.56 5.22
CA ASP I 108 -46.64 31.26 6.50
C ASP I 108 -47.26 30.05 7.21
N ALA I 109 -48.24 29.40 6.61
CA ALA I 109 -48.86 28.23 7.21
C ALA I 109 -49.46 27.35 6.12
N PHE I 110 -49.98 26.20 6.53
CA PHE I 110 -50.51 25.20 5.61
C PHE I 110 -51.97 25.50 5.31
N ASP I 111 -52.22 26.11 4.16
CA ASP I 111 -53.57 26.47 3.75
C ASP I 111 -54.13 25.60 2.64
N ILE I 112 -53.29 24.86 1.93
CA ILE I 112 -53.74 24.01 0.83
C ILE I 112 -53.77 22.56 1.34
N TRP I 113 -54.93 21.92 1.23
CA TRP I 113 -55.15 20.60 1.77
C TRP I 113 -55.70 19.66 0.70
N GLY I 114 -55.16 18.44 0.65
CA GLY I 114 -55.72 17.42 -0.21
C GLY I 114 -57.04 16.91 0.31
N GLN I 115 -57.78 16.23 -0.57
CA GLN I 115 -59.11 15.75 -0.19
C GLN I 115 -59.05 14.55 0.76
N GLY I 116 -57.90 13.91 0.86
CA GLY I 116 -57.73 12.77 1.74
C GLY I 116 -57.77 11.45 0.99
N THR I 117 -56.98 10.48 1.48
CA THR I 117 -56.95 9.14 0.93
C THR I 117 -57.29 8.16 2.05
N MET I 118 -58.35 7.38 1.84
CA MET I 118 -58.81 6.43 2.85
C MET I 118 -58.12 5.09 2.62
N VAL I 119 -57.29 4.68 3.58
CA VAL I 119 -56.59 3.40 3.53
C VAL I 119 -57.18 2.49 4.60
N THR I 120 -57.52 1.27 4.20
CA THR I 120 -58.09 0.27 5.10
C THR I 120 -57.22 -0.97 5.07
N VAL I 121 -56.81 -1.42 6.25
CA VAL I 121 -55.96 -2.61 6.40
C VAL I 121 -56.77 -3.81 6.88
N SER I 122 -56.91 -4.81 6.01
CA SER I 122 -57.67 -6.01 6.34
C SER I 122 -57.28 -7.16 5.42
N SER I 123 -57.65 -8.38 5.82
CA SER I 123 -57.35 -9.57 5.03
C SER I 123 -58.58 -10.09 4.32
N ALA I 124 -59.07 -8.96 4.02
CA ALA I 124 -60.28 -9.36 3.30
C ALA I 124 -60.35 -8.69 1.94
N SER I 125 -61.03 -9.34 1.00
CA SER I 125 -61.17 -8.81 -0.35
C SER I 125 -62.45 -7.97 -0.47
N THR I 126 -62.67 -7.44 -1.65
CA THR I 126 -63.84 -6.62 -1.93
C THR I 126 -65.10 -7.48 -1.93
N LYS I 127 -66.22 -6.90 -1.48
CA LYS I 127 -67.49 -7.61 -1.46
C LYS I 127 -68.63 -6.61 -1.59
N GLY I 128 -69.53 -6.86 -2.54
CA GLY I 128 -70.69 -6.03 -2.73
C GLY I 128 -71.72 -6.23 -1.64
N PRO I 129 -72.59 -5.25 -1.47
CA PRO I 129 -73.59 -5.32 -0.40
C PRO I 129 -74.84 -6.09 -0.83
N SER I 130 -75.62 -6.46 0.18
CA SER I 130 -76.97 -6.97 0.00
C SER I 130 -77.94 -5.90 0.48
N VAL I 131 -78.95 -5.59 -0.32
CA VAL I 131 -79.90 -4.53 -0.03
C VAL I 131 -81.23 -5.16 0.35
N PHE I 132 -81.64 -4.96 1.60
CA PHE I 132 -82.88 -5.48 2.13
C PHE I 132 -83.82 -4.34 2.48
N PRO I 133 -85.12 -4.52 2.27
CA PRO I 133 -86.08 -3.44 2.55
C PRO I 133 -86.38 -3.32 4.03
N LEU I 134 -86.61 -2.07 4.45
CA LEU I 134 -87.14 -1.76 5.77
C LEU I 134 -88.57 -1.29 5.50
N ALA I 135 -89.48 -2.25 5.43
CA ALA I 135 -90.82 -1.96 4.92
C ALA I 135 -91.62 -1.18 5.96
N PRO I 136 -92.41 -0.20 5.53
CA PRO I 136 -93.26 0.54 6.47
C PRO I 136 -94.44 -0.31 6.91
N SER I 137 -94.88 -0.07 8.14
CA SER I 137 -96.00 -0.81 8.70
C SER I 137 -96.68 0.04 9.75
N SER I 138 -97.66 -0.54 10.43
CA SER I 138 -98.29 0.13 11.56
C SER I 138 -97.27 0.44 12.66
N LYS I 139 -96.25 -0.40 12.79
CA LYS I 139 -95.20 -0.20 13.77
C LYS I 139 -94.11 0.75 13.29
N SER I 140 -94.35 1.49 12.20
CA SER I 140 -93.40 2.51 11.75
C SER I 140 -94.12 3.75 11.25
N THR I 141 -95.33 4.02 11.73
CA THR I 141 -96.07 5.23 11.40
C THR I 141 -96.34 6.02 12.67
N SER I 142 -96.45 7.34 12.53
CA SER I 142 -96.77 8.20 13.65
C SER I 142 -97.32 9.52 13.13
N GLY I 143 -98.52 9.89 13.56
CA GLY I 143 -99.08 11.19 13.24
C GLY I 143 -99.18 11.48 11.75
N GLY I 144 -99.66 10.51 10.97
CA GLY I 144 -99.84 10.70 9.56
C GLY I 144 -98.62 10.48 8.70
N THR I 145 -97.44 10.28 9.30
CA THR I 145 -96.22 10.04 8.56
C THR I 145 -95.72 8.62 8.81
N ALA I 146 -95.08 8.06 7.79
CA ALA I 146 -94.55 6.69 7.86
C ALA I 146 -93.07 6.71 7.53
N ALA I 147 -92.34 5.76 8.10
CA ALA I 147 -90.92 5.60 7.85
C ALA I 147 -90.66 4.30 7.11
N LEU I 148 -89.70 4.35 6.19
CA LEU I 148 -89.26 3.17 5.46
C LEU I 148 -87.80 3.36 5.13
N GLY I 149 -87.16 2.31 4.63
CA GLY I 149 -85.75 2.43 4.36
C GLY I 149 -85.17 1.22 3.67
N CYS I 150 -83.84 1.21 3.61
CA CYS I 150 -83.05 0.15 2.98
C CYS I 150 -81.90 -0.22 3.88
N LEU I 151 -81.64 -1.52 4.01
CA LEU I 151 -80.54 -2.03 4.80
C LEU I 151 -79.43 -2.47 3.84
N VAL I 152 -78.38 -1.67 3.76
CA VAL I 152 -77.23 -1.98 2.91
C VAL I 152 -76.22 -2.72 3.78
N LYS I 153 -76.08 -4.03 3.56
CA LYS I 153 -75.47 -4.92 4.53
C LYS I 153 -74.37 -5.78 3.92
N ASP I 154 -73.29 -5.95 4.68
CA ASP I 154 -72.22 -6.92 4.42
C ASP I 154 -71.44 -6.57 3.15
N TYR I 155 -70.78 -5.42 3.20
CA TYR I 155 -69.95 -4.97 2.09
C TYR I 155 -68.60 -4.52 2.61
N PHE I 156 -67.65 -4.40 1.67
CA PHE I 156 -66.30 -3.97 1.97
C PHE I 156 -65.64 -3.61 0.65
N PRO I 157 -64.91 -2.49 0.57
CA PRO I 157 -64.75 -1.57 1.69
C PRO I 157 -65.75 -0.44 1.64
N GLU I 158 -65.56 0.57 2.48
CA GLU I 158 -66.27 1.82 2.29
C GLU I 158 -65.84 2.44 0.96
N PRO I 159 -66.69 3.30 0.38
CA PRO I 159 -68.01 3.71 0.86
C PRO I 159 -69.14 3.16 -0.01
N VAL I 160 -70.36 3.53 0.33
CA VAL I 160 -71.54 3.29 -0.49
C VAL I 160 -72.30 4.60 -0.58
N THR I 161 -72.99 4.79 -1.69
CA THR I 161 -73.85 5.95 -1.89
C THR I 161 -75.28 5.48 -1.99
N VAL I 162 -76.19 6.18 -1.30
CA VAL I 162 -77.61 5.85 -1.30
C VAL I 162 -78.39 7.12 -1.60
N SER I 163 -79.26 7.05 -2.61
CA SER I 163 -80.24 8.09 -2.88
C SER I 163 -81.61 7.44 -2.98
N TRP I 164 -82.64 8.27 -3.01
CA TRP I 164 -84.02 7.80 -3.06
C TRP I 164 -84.71 8.38 -4.29
N ASN I 165 -85.37 7.50 -5.05
CA ASN I 165 -86.10 7.86 -6.27
C ASN I 165 -85.20 8.63 -7.25
N SER I 166 -84.00 8.08 -7.46
CA SER I 166 -83.03 8.67 -8.39
C SER I 166 -82.69 10.11 -8.05
N GLY I 167 -82.75 10.46 -6.76
CA GLY I 167 -82.47 11.81 -6.33
C GLY I 167 -83.67 12.73 -6.25
N ALA I 168 -84.86 12.28 -6.67
CA ALA I 168 -86.05 13.11 -6.55
C ALA I 168 -86.50 13.27 -5.11
N LEU I 169 -86.13 12.34 -4.23
CA LEU I 169 -86.54 12.34 -2.83
C LEU I 169 -85.33 12.69 -1.98
N THR I 170 -85.38 13.85 -1.32
CA THR I 170 -84.28 14.26 -0.46
C THR I 170 -84.78 14.66 0.91
N SER I 171 -85.97 15.27 0.96
CA SER I 171 -86.54 15.71 2.22
C SER I 171 -86.84 14.52 3.13
N GLY I 172 -86.31 14.59 4.36
CA GLY I 172 -86.60 13.57 5.35
C GLY I 172 -85.76 12.32 5.25
N VAL I 173 -84.72 12.32 4.44
CA VAL I 173 -83.82 11.18 4.27
C VAL I 173 -82.73 11.25 5.35
N HIS I 174 -82.43 10.10 5.94
CA HIS I 174 -81.31 9.95 6.87
C HIS I 174 -80.54 8.71 6.47
N THR I 175 -79.34 8.90 5.91
CA THR I 175 -78.44 7.79 5.61
C THR I 175 -77.40 7.74 6.71
N PHE I 176 -77.52 6.74 7.57
CA PHE I 176 -76.65 6.64 8.74
C PHE I 176 -75.25 6.20 8.32
N PRO I 177 -74.23 6.55 9.11
CA PRO I 177 -72.88 6.06 8.82
C PRO I 177 -72.77 4.58 9.08
N ALA I 178 -71.91 3.93 8.29
CA ALA I 178 -71.75 2.49 8.37
C ALA I 178 -71.10 2.09 9.69
N VAL I 179 -71.44 0.88 10.14
CA VAL I 179 -70.80 0.27 11.30
C VAL I 179 -69.99 -0.92 10.81
N LEU I 180 -68.82 -1.13 11.42
CA LEU I 180 -67.98 -2.26 11.08
C LEU I 180 -68.45 -3.46 11.89
N GLN I 181 -69.02 -4.45 11.21
CA GLN I 181 -69.50 -5.65 11.86
C GLN I 181 -68.34 -6.57 12.24
N SER I 182 -68.62 -7.50 13.15
CA SER I 182 -67.58 -8.40 13.64
C SER I 182 -67.03 -9.31 12.54
N SER I 183 -67.73 -9.42 11.42
CA SER I 183 -67.27 -10.23 10.30
C SER I 183 -66.20 -9.53 9.47
N GLY I 184 -65.92 -8.26 9.74
CA GLY I 184 -65.03 -7.47 8.92
C GLY I 184 -65.70 -6.70 7.82
N LEU I 185 -66.99 -6.91 7.60
CA LEU I 185 -67.76 -6.22 6.58
C LEU I 185 -68.58 -5.09 7.19
N TYR I 186 -68.91 -4.11 6.37
CA TYR I 186 -69.69 -2.97 6.82
C TYR I 186 -71.18 -3.21 6.60
N SER I 187 -71.98 -2.42 7.31
CA SER I 187 -73.42 -2.47 7.18
C SER I 187 -73.98 -1.08 7.44
N LEU I 188 -74.89 -0.67 6.58
CA LEU I 188 -75.45 0.68 6.63
C LEU I 188 -76.95 0.59 6.41
N SER I 189 -77.66 1.59 6.91
CA SER I 189 -79.08 1.72 6.66
C SER I 189 -79.40 3.14 6.26
N SER I 190 -80.30 3.29 5.30
CA SER I 190 -80.85 4.59 4.93
C SER I 190 -82.36 4.54 5.10
N VAL I 191 -82.94 5.61 5.62
CA VAL I 191 -84.36 5.69 5.90
C VAL I 191 -84.89 7.03 5.44
N VAL I 192 -86.21 7.12 5.34
CA VAL I 192 -86.89 8.35 4.96
C VAL I 192 -88.29 8.31 5.57
N THR I 193 -88.79 9.48 5.95
CA THR I 193 -90.15 9.62 6.45
C THR I 193 -91.02 10.26 5.38
N VAL I 194 -92.17 9.66 5.13
CA VAL I 194 -93.09 10.11 4.10
C VAL I 194 -94.50 10.12 4.69
N PRO I 195 -95.41 10.91 4.13
CA PRO I 195 -96.79 10.87 4.61
C PRO I 195 -97.41 9.49 4.37
N SER I 196 -98.23 9.05 5.34
CA SER I 196 -98.78 7.71 5.29
C SER I 196 -99.65 7.50 4.04
N SER I 197 -100.38 8.54 3.63
CA SER I 197 -101.30 8.40 2.51
C SER I 197 -100.59 8.25 1.18
N SER I 198 -99.29 8.54 1.12
CA SER I 198 -98.55 8.36 -0.12
C SER I 198 -98.09 6.94 -0.34
N LEU I 199 -98.16 6.09 0.70
CA LEU I 199 -97.59 4.75 0.59
C LEU I 199 -98.27 3.92 -0.50
N GLY I 200 -99.54 4.18 -0.78
CA GLY I 200 -100.26 3.39 -1.75
C GLY I 200 -100.11 3.84 -3.19
N THR I 201 -99.93 5.14 -3.40
CA THR I 201 -99.93 5.71 -4.74
C THR I 201 -98.58 6.27 -5.16
N GLN I 202 -97.54 6.05 -4.36
CA GLN I 202 -96.20 6.52 -4.68
C GLN I 202 -95.20 5.42 -4.43
N THR I 203 -94.32 5.18 -5.40
CA THR I 203 -93.29 4.16 -5.27
C THR I 203 -92.01 4.78 -4.75
N TYR I 204 -91.29 4.01 -3.92
CA TYR I 204 -90.08 4.47 -3.27
C TYR I 204 -88.96 3.49 -3.56
N ILE I 205 -87.90 3.96 -4.20
CA ILE I 205 -86.77 3.13 -4.62
C ILE I 205 -85.50 3.73 -4.06
N CYS I 206 -84.72 2.93 -3.35
CA CYS I 206 -83.44 3.36 -2.83
C CYS I 206 -82.34 2.93 -3.80
N ASN I 207 -81.50 3.88 -4.19
CA ASN I 207 -80.49 3.65 -5.21
C ASN I 207 -79.14 3.47 -4.52
N VAL I 208 -78.65 2.22 -4.53
CA VAL I 208 -77.44 1.82 -3.82
C VAL I 208 -76.34 1.63 -4.84
N ASN I 209 -75.17 2.23 -4.58
CA ASN I 209 -74.02 2.11 -5.46
C ASN I 209 -72.79 1.83 -4.61
N HIS I 210 -72.10 0.73 -4.91
CA HIS I 210 -70.87 0.35 -4.24
C HIS I 210 -69.81 0.26 -5.34
N LYS I 211 -69.13 1.37 -5.59
CA LYS I 211 -68.17 1.41 -6.70
C LYS I 211 -67.03 0.42 -6.58
N PRO I 212 -66.46 0.13 -5.39
CA PRO I 212 -65.34 -0.83 -5.35
C PRO I 212 -65.69 -2.21 -5.89
N SER I 213 -66.93 -2.66 -5.74
CA SER I 213 -67.37 -3.94 -6.27
C SER I 213 -68.14 -3.81 -7.57
N ASN I 214 -68.31 -2.59 -8.09
CA ASN I 214 -69.14 -2.33 -9.27
C ASN I 214 -70.53 -2.93 -9.07
N THR I 215 -71.14 -2.60 -7.93
CA THR I 215 -72.44 -3.12 -7.55
C THR I 215 -73.42 -1.95 -7.46
N LYS I 216 -74.34 -1.87 -8.42
CA LYS I 216 -75.45 -0.95 -8.38
C LYS I 216 -76.74 -1.74 -8.19
N VAL I 217 -77.56 -1.32 -7.24
CA VAL I 217 -78.81 -2.00 -6.93
C VAL I 217 -79.89 -0.94 -6.67
N ASP I 218 -81.04 -1.09 -7.33
CA ASP I 218 -82.22 -0.28 -7.10
C ASP I 218 -83.28 -1.19 -6.45
N LYS I 219 -83.55 -0.97 -5.16
CA LYS I 219 -84.46 -1.80 -4.38
C LYS I 219 -85.74 -1.02 -4.09
N ARG I 220 -86.88 -1.56 -4.48
CA ARG I 220 -88.16 -0.95 -4.18
C ARG I 220 -88.66 -1.42 -2.82
N VAL I 221 -89.06 -0.48 -1.98
CA VAL I 221 -89.51 -0.76 -0.62
C VAL I 221 -91.03 -0.62 -0.61
N GLU I 222 -91.73 -1.75 -0.52
CA GLU I 222 -93.18 -1.82 -0.52
C GLU I 222 -93.70 -2.01 0.91
N PRO I 223 -94.90 -1.47 1.19
CA PRO I 223 -95.45 -1.59 2.54
C PRO I 223 -95.62 -3.04 2.97
N LYS I 224 -95.54 -3.25 4.28
CA LYS I 224 -95.73 -4.59 4.87
C LYS I 224 -97.03 -4.67 5.63
N ALA J 1 -42.38 15.59 23.67
CA ALA J 1 -43.36 16.02 22.68
C ALA J 1 -44.37 16.97 23.30
N ILE J 2 -44.66 18.09 22.62
CA ILE J 2 -45.61 19.05 23.14
C ILE J 2 -47.01 18.47 23.07
N ARG J 3 -47.73 18.53 24.17
CA ARG J 3 -49.10 18.03 24.25
C ARG J 3 -50.06 19.20 24.12
N MET J 4 -51.02 19.05 23.20
CA MET J 4 -52.06 20.06 22.98
C MET J 4 -53.39 19.52 23.49
N THR J 5 -54.04 20.28 24.37
CA THR J 5 -55.30 19.88 24.98
C THR J 5 -56.36 20.93 24.70
N GLN J 6 -57.41 20.54 24.00
CA GLN J 6 -58.52 21.43 23.69
C GLN J 6 -59.72 21.14 24.57
N SER J 7 -60.47 22.20 24.89
CA SER J 7 -61.63 22.10 25.76
C SER J 7 -62.64 23.17 25.36
N PRO J 8 -63.95 22.88 25.45
CA PRO J 8 -64.48 21.57 25.82
C PRO J 8 -64.41 20.59 24.66
N GLY J 9 -64.73 19.32 24.91
CA GLY J 9 -64.76 18.36 23.83
C GLY J 9 -65.91 18.59 22.86
N THR J 10 -67.01 19.17 23.36
CA THR J 10 -68.19 19.43 22.54
C THR J 10 -68.85 20.70 23.03
N LEU J 11 -69.28 21.54 22.09
CA LEU J 11 -69.90 22.82 22.41
C LEU J 11 -71.18 22.94 21.60
N SER J 12 -72.30 23.08 22.28
CA SER J 12 -73.63 23.15 21.65
C SER J 12 -74.18 24.54 21.88
N LEU J 13 -74.22 25.36 20.82
CA LEU J 13 -74.54 26.76 20.94
C LEU J 13 -75.66 27.14 19.98
N SER J 14 -76.46 28.13 20.39
CA SER J 14 -77.48 28.68 19.52
C SER J 14 -76.83 29.56 18.46
N PRO J 15 -77.38 29.59 17.24
CA PRO J 15 -76.83 30.47 16.21
C PRO J 15 -76.93 31.93 16.64
N GLY J 16 -75.88 32.68 16.33
CA GLY J 16 -75.78 34.06 16.76
C GLY J 16 -75.06 34.26 18.08
N GLU J 17 -74.93 33.22 18.89
CA GLU J 17 -74.17 33.32 20.12
C GLU J 17 -72.66 33.33 19.83
N ARG J 18 -71.88 33.65 20.84
CA ARG J 18 -70.43 33.66 20.72
C ARG J 18 -69.86 32.34 21.23
N ALA J 19 -69.03 31.71 20.39
CA ALA J 19 -68.33 30.49 20.74
C ALA J 19 -66.95 30.82 21.29
N THR J 20 -66.45 29.96 22.17
CA THR J 20 -65.16 30.16 22.81
C THR J 20 -64.47 28.82 22.97
N LEU J 21 -63.35 28.64 22.29
CA LEU J 21 -62.64 27.36 22.28
C LEU J 21 -61.23 27.55 22.83
N SER J 22 -60.78 26.58 23.63
CA SER J 22 -59.51 26.65 24.31
C SER J 22 -58.50 25.69 23.69
N CYS J 23 -57.26 26.13 23.60
CA CYS J 23 -56.14 25.29 23.17
C CYS J 23 -54.98 25.56 24.11
N ARG J 24 -54.46 24.53 24.76
CA ARG J 24 -53.40 24.67 25.74
C ARG J 24 -52.28 23.67 25.47
N ALA J 25 -51.04 24.16 25.51
CA ALA J 25 -49.87 23.36 25.26
C ALA J 25 -49.12 23.10 26.57
N SER J 26 -48.50 21.91 26.64
CA SER J 26 -47.70 21.56 27.82
C SER J 26 -46.47 22.45 27.99
N GLN J 27 -46.14 23.25 26.99
CA GLN J 27 -45.05 24.21 27.11
C GLN J 27 -45.32 25.37 26.15
N SER J 28 -44.58 26.45 26.35
CA SER J 28 -44.77 27.64 25.54
C SER J 28 -44.39 27.39 24.08
N VAL J 29 -45.32 27.66 23.16
CA VAL J 29 -45.05 27.58 21.74
C VAL J 29 -45.11 28.99 21.15
N ARG J 30 -44.30 29.21 20.13
CA ARG J 30 -44.26 30.52 19.49
C ARG J 30 -45.59 30.82 18.80
N SER J 31 -46.12 32.02 19.02
CA SER J 31 -47.45 32.35 18.52
C SER J 31 -47.53 32.24 17.00
N SER J 32 -46.43 32.55 16.30
CA SER J 32 -46.45 32.45 14.84
C SER J 32 -46.56 31.01 14.35
N TYR J 33 -46.34 30.03 15.23
CA TYR J 33 -46.41 28.63 14.86
C TYR J 33 -47.57 27.90 15.52
N LEU J 34 -48.65 28.61 15.84
CA LEU J 34 -49.90 27.98 16.27
C LEU J 34 -50.99 28.27 15.25
N ALA J 35 -51.62 27.21 14.74
CA ALA J 35 -52.64 27.31 13.72
C ALA J 35 -53.96 26.72 14.23
N TRP J 36 -55.06 27.26 13.71
CA TRP J 36 -56.38 26.71 13.94
C TRP J 36 -56.95 26.20 12.62
N TYR J 37 -57.61 25.05 12.67
CA TYR J 37 -58.23 24.46 11.49
C TYR J 37 -59.70 24.20 11.75
N GLN J 38 -60.46 24.11 10.66
CA GLN J 38 -61.88 23.79 10.69
C GLN J 38 -62.13 22.65 9.72
N GLN J 39 -62.69 21.55 10.24
CA GLN J 39 -63.01 20.40 9.40
C GLN J 39 -64.50 20.13 9.50
N LYS J 40 -65.21 20.35 8.41
CA LYS J 40 -66.63 20.13 8.31
C LYS J 40 -66.91 18.70 7.88
N PRO J 41 -68.12 18.19 8.12
CA PRO J 41 -68.43 16.80 7.76
C PRO J 41 -68.12 16.49 6.31
N GLY J 42 -67.36 15.41 6.10
CA GLY J 42 -67.01 14.98 4.77
C GLY J 42 -66.09 15.91 4.02
N GLN J 43 -65.30 16.72 4.72
CA GLN J 43 -64.40 17.66 4.07
C GLN J 43 -63.03 17.59 4.70
N ALA J 44 -62.03 18.02 3.93
CA ALA J 44 -60.68 18.15 4.44
C ALA J 44 -60.60 19.34 5.39
N PRO J 45 -59.61 19.35 6.29
CA PRO J 45 -59.44 20.51 7.17
C PRO J 45 -59.18 21.78 6.38
N ARG J 46 -59.62 22.90 6.93
CA ARG J 46 -59.41 24.21 6.33
C ARG J 46 -58.71 25.10 7.35
N LEU J 47 -57.66 25.78 6.90
CA LEU J 47 -56.92 26.70 7.76
C LEU J 47 -57.78 27.92 8.07
N LEU J 48 -58.00 28.18 9.36
CA LEU J 48 -58.75 29.34 9.82
C LEU J 48 -57.84 30.47 10.28
N ILE J 49 -57.04 30.21 11.31
CA ILE J 49 -56.19 31.19 11.95
C ILE J 49 -54.78 30.61 11.99
N TYR J 50 -53.80 31.41 11.58
CA TYR J 50 -52.40 31.07 11.78
C TYR J 50 -51.71 32.24 12.47
N GLY J 51 -50.51 31.98 12.98
CA GLY J 51 -49.86 33.00 13.78
C GLY J 51 -50.69 33.45 14.95
N ALA J 52 -51.46 32.53 15.54
CA ALA J 52 -52.30 32.77 16.72
C ALA J 52 -53.46 33.72 16.44
N SER J 53 -53.25 34.77 15.65
CA SER J 53 -54.29 35.79 15.52
C SER J 53 -54.44 36.34 14.10
N THR J 54 -53.93 35.65 13.09
CA THR J 54 -54.00 36.13 11.71
C THR J 54 -54.99 35.26 10.95
N ARG J 55 -56.11 35.86 10.53
CA ARG J 55 -57.10 35.13 9.76
C ARG J 55 -56.53 34.77 8.39
N ALA J 56 -56.72 33.52 7.99
CA ALA J 56 -56.29 33.08 6.68
C ALA J 56 -57.17 33.72 5.60
N THR J 57 -56.76 33.55 4.35
CA THR J 57 -57.49 34.13 3.23
C THR J 57 -58.88 33.50 3.11
N GLY J 58 -59.89 34.34 2.93
CA GLY J 58 -61.25 33.89 2.75
C GLY J 58 -62.01 33.60 4.04
N ILE J 59 -61.34 33.63 5.19
CA ILE J 59 -61.98 33.33 6.47
C ILE J 59 -62.77 34.54 6.93
N PRO J 60 -64.08 34.40 7.17
CA PRO J 60 -64.88 35.56 7.60
C PRO J 60 -64.33 36.20 8.87
N ASP J 61 -64.65 37.48 9.04
CA ASP J 61 -64.10 38.26 10.15
C ASP J 61 -64.71 37.89 11.49
N ARG J 62 -65.78 37.09 11.52
CA ARG J 62 -66.34 36.66 12.79
C ARG J 62 -65.48 35.63 13.50
N PHE J 63 -64.53 35.00 12.81
CA PHE J 63 -63.55 34.14 13.45
C PHE J 63 -62.40 34.98 13.97
N SER J 64 -61.94 34.67 15.18
CA SER J 64 -60.93 35.46 15.85
C SER J 64 -60.01 34.56 16.64
N GLY J 65 -58.70 34.81 16.54
CA GLY J 65 -57.71 34.06 17.26
C GLY J 65 -56.94 34.96 18.23
N SER J 66 -56.57 34.39 19.37
CA SER J 66 -55.87 35.14 20.41
C SER J 66 -55.12 34.17 21.31
N GLY J 67 -54.31 34.72 22.19
CA GLY J 67 -53.54 33.94 23.13
C GLY J 67 -52.05 33.99 22.82
N SER J 68 -51.28 33.39 23.73
CA SER J 68 -49.83 33.35 23.63
C SER J 68 -49.32 32.31 24.63
N GLY J 69 -48.04 31.96 24.48
CA GLY J 69 -47.39 31.05 25.40
C GLY J 69 -48.01 29.66 25.44
N THR J 70 -48.92 29.44 26.39
CA THR J 70 -49.51 28.13 26.59
C THR J 70 -51.03 28.12 26.52
N ASP J 71 -51.67 29.28 26.37
CA ASP J 71 -53.13 29.37 26.35
C ASP J 71 -53.56 30.20 25.14
N PHE J 72 -54.18 29.54 24.17
CA PHE J 72 -54.66 30.18 22.95
C PHE J 72 -56.18 30.02 22.86
N ILE J 73 -56.82 30.98 22.20
CA ILE J 73 -58.28 31.07 22.16
C ILE J 73 -58.74 31.26 20.73
N LEU J 74 -59.78 30.52 20.35
CA LEU J 74 -60.53 30.79 19.13
C LEU J 74 -61.91 31.30 19.53
N THR J 75 -62.32 32.43 18.93
CA THR J 75 -63.60 33.05 19.23
C THR J 75 -64.40 33.21 17.94
N ILE J 76 -65.67 32.80 17.99
CA ILE J 76 -66.61 32.96 16.89
C ILE J 76 -67.68 33.91 17.39
N ASN J 77 -67.62 35.18 16.95
CA ASN J 77 -68.42 36.23 17.58
C ASN J 77 -69.91 35.98 17.40
N ARG J 78 -70.36 35.85 16.16
CA ARG J 78 -71.74 35.48 15.87
C ARG J 78 -71.72 34.11 15.19
N LEU J 79 -72.23 33.11 15.88
CA LEU J 79 -72.21 31.77 15.33
C LEU J 79 -73.28 31.63 14.25
N GLU J 80 -72.89 31.09 13.12
CA GLU J 80 -73.84 30.81 12.06
C GLU J 80 -74.08 29.32 11.95
N PRO J 81 -75.23 28.88 11.45
CA PRO J 81 -75.47 27.44 11.32
C PRO J 81 -74.44 26.74 10.47
N GLU J 82 -73.82 27.44 9.52
CA GLU J 82 -72.82 26.81 8.66
C GLU J 82 -71.51 26.56 9.39
N ASP J 83 -71.32 27.16 10.56
CA ASP J 83 -70.07 27.01 11.30
C ASP J 83 -69.96 25.69 12.05
N LEU J 84 -70.89 24.76 11.85
CA LEU J 84 -70.79 23.48 12.54
C LEU J 84 -69.63 22.68 11.99
N ALA J 85 -68.74 22.25 12.87
CA ALA J 85 -67.57 21.48 12.48
C ALA J 85 -66.77 21.07 13.71
N VAL J 86 -65.68 20.34 13.50
CA VAL J 86 -64.68 20.09 14.53
C VAL J 86 -63.53 21.06 14.29
N TYR J 87 -63.12 21.75 15.35
CA TYR J 87 -62.07 22.75 15.28
C TYR J 87 -60.83 22.22 15.98
N TYR J 88 -59.74 22.14 15.24
CA TYR J 88 -58.46 21.67 15.75
C TYR J 88 -57.47 22.81 15.85
N CYS J 89 -56.61 22.75 16.85
CA CYS J 89 -55.42 23.59 16.92
C CYS J 89 -54.18 22.74 16.70
N GLN J 90 -53.13 23.36 16.19
CA GLN J 90 -51.88 22.65 15.94
C GLN J 90 -50.72 23.61 16.16
N GLN J 91 -49.69 23.12 16.83
CA GLN J 91 -48.41 23.82 16.91
C GLN J 91 -47.45 23.15 15.94
N PHE J 92 -46.77 23.97 15.13
CA PHE J 92 -45.86 23.44 14.11
C PHE J 92 -44.53 24.20 14.13
N GLY J 93 -44.09 24.58 15.33
CA GLY J 93 -42.80 25.21 15.49
C GLY J 93 -41.80 24.31 16.17
N SER J 94 -42.29 23.21 16.76
CA SER J 94 -41.45 22.23 17.44
C SER J 94 -41.92 20.84 17.06
N SER J 95 -41.01 20.06 16.46
CA SER J 95 -41.35 18.72 16.02
C SER J 95 -41.40 17.76 17.21
N PRO J 96 -42.39 16.86 17.29
CA PRO J 96 -43.48 16.66 16.32
C PRO J 96 -44.57 17.72 16.38
N TRP J 97 -45.15 18.03 15.22
CA TRP J 97 -46.17 19.08 15.09
C TRP J 97 -47.51 18.54 15.55
N THR J 98 -47.67 18.45 16.86
CA THR J 98 -48.81 17.76 17.45
C THR J 98 -50.10 18.56 17.28
N PHE J 99 -51.22 17.82 17.26
CA PHE J 99 -52.56 18.37 17.18
C PHE J 99 -53.26 18.26 18.53
N GLY J 100 -54.33 19.04 18.69
CA GLY J 100 -55.25 18.84 19.78
C GLY J 100 -56.34 17.85 19.39
N GLN J 101 -57.11 17.43 20.39
CA GLN J 101 -58.17 16.46 20.13
C GLN J 101 -59.39 17.10 19.47
N GLY J 102 -59.38 18.41 19.25
CA GLY J 102 -60.47 19.06 18.55
C GLY J 102 -61.67 19.37 19.41
N THR J 103 -62.44 20.37 19.03
CA THR J 103 -63.67 20.73 19.72
C THR J 103 -64.81 20.70 18.71
N LYS J 104 -65.85 19.93 19.00
CA LYS J 104 -66.99 19.77 18.11
C LYS J 104 -68.03 20.84 18.44
N VAL J 105 -68.48 21.56 17.43
CA VAL J 105 -69.43 22.64 17.60
C VAL J 105 -70.74 22.23 16.94
N ASP J 106 -71.78 22.04 17.75
CA ASP J 106 -73.13 21.77 17.30
C ASP J 106 -73.96 23.05 17.35
N ILE J 107 -75.05 23.06 16.58
CA ILE J 107 -75.96 24.19 16.53
C ILE J 107 -77.00 23.98 17.64
N LYS J 108 -77.16 24.97 18.50
CA LYS J 108 -78.10 24.89 19.64
C LYS J 108 -79.58 24.79 19.28
N ARG J 109 -80.51 24.08 20.13
CA ARG J 109 -81.98 24.06 20.11
C ARG J 109 -82.56 23.51 21.42
N THR J 110 -83.89 23.46 21.50
CA THR J 110 -84.58 22.94 22.69
C THR J 110 -84.59 21.43 22.66
N VAL J 111 -84.93 20.81 23.79
CA VAL J 111 -85.04 19.37 23.87
C VAL J 111 -86.12 18.88 22.90
N ALA J 112 -85.83 17.76 22.23
CA ALA J 112 -86.77 17.16 21.28
C ALA J 112 -86.77 15.65 21.46
N ALA J 113 -87.92 15.09 21.81
CA ALA J 113 -88.03 13.65 21.98
C ALA J 113 -87.95 12.95 20.63
N PRO J 114 -87.48 11.71 20.60
CA PRO J 114 -87.39 10.98 19.33
C PRO J 114 -88.73 10.37 18.93
N SER J 115 -88.82 10.05 17.65
CA SER J 115 -89.90 9.22 17.11
C SER J 115 -89.34 7.83 16.88
N VAL J 116 -89.94 6.83 17.52
CA VAL J 116 -89.40 5.48 17.54
C VAL J 116 -90.15 4.62 16.55
N PHE J 117 -89.42 3.93 15.68
CA PHE J 117 -89.98 3.03 14.69
C PHE J 117 -89.15 1.75 14.67
N ILE J 118 -89.82 0.62 14.51
CA ILE J 118 -89.16 -0.68 14.47
C ILE J 118 -89.48 -1.34 13.15
N PHE J 119 -88.52 -2.11 12.63
CA PHE J 119 -88.66 -2.78 11.34
C PHE J 119 -88.26 -4.24 11.48
N PRO J 120 -89.15 -5.19 11.21
CA PRO J 120 -88.78 -6.60 11.27
C PRO J 120 -87.87 -6.96 10.12
N PRO J 121 -87.17 -8.09 10.20
CA PRO J 121 -86.34 -8.52 9.06
C PRO J 121 -87.20 -8.89 7.87
N SER J 122 -86.67 -8.60 6.69
CA SER J 122 -87.38 -8.96 5.46
C SER J 122 -87.24 -10.45 5.19
N ASP J 123 -88.20 -10.98 4.43
CA ASP J 123 -88.17 -12.39 4.07
C ASP J 123 -86.97 -12.72 3.19
N GLU J 124 -86.55 -11.79 2.35
CA GLU J 124 -85.37 -12.01 1.52
C GLU J 124 -84.13 -12.24 2.38
N GLN J 125 -84.03 -11.51 3.49
CA GLN J 125 -82.90 -11.70 4.39
C GLN J 125 -83.01 -13.01 5.16
N LEU J 126 -84.22 -13.36 5.60
CA LEU J 126 -84.40 -14.62 6.33
C LEU J 126 -84.02 -15.82 5.46
N LYS J 127 -84.18 -15.70 4.14
CA LYS J 127 -83.68 -16.74 3.24
C LYS J 127 -82.17 -16.91 3.36
N SER J 128 -81.45 -15.83 3.68
CA SER J 128 -80.00 -15.91 3.78
C SER J 128 -79.53 -16.56 5.08
N GLY J 129 -80.44 -16.84 6.02
CA GLY J 129 -80.08 -17.46 7.27
C GLY J 129 -79.74 -16.49 8.39
N THR J 130 -79.99 -15.20 8.20
CA THR J 130 -79.73 -14.18 9.21
C THR J 130 -80.98 -13.32 9.34
N ALA J 131 -81.08 -12.62 10.46
CA ALA J 131 -82.21 -11.73 10.72
C ALA J 131 -81.69 -10.46 11.37
N SER J 132 -82.07 -9.32 10.81
CA SER J 132 -81.72 -8.02 11.36
C SER J 132 -83.00 -7.27 11.69
N VAL J 133 -83.14 -6.89 12.96
CA VAL J 133 -84.25 -6.06 13.42
C VAL J 133 -83.71 -4.67 13.68
N VAL J 134 -84.43 -3.66 13.21
CA VAL J 134 -83.93 -2.29 13.18
C VAL J 134 -84.86 -1.41 13.99
N CYS J 135 -84.29 -0.62 14.89
CA CYS J 135 -84.99 0.38 15.68
C CYS J 135 -84.52 1.76 15.23
N LEU J 136 -85.47 2.64 14.92
CA LEU J 136 -85.16 3.97 14.40
C LEU J 136 -85.62 5.01 15.39
N LEU J 137 -84.68 5.88 15.81
CA LEU J 137 -84.97 7.04 16.65
C LEU J 137 -84.76 8.27 15.79
N ASN J 138 -85.84 9.02 15.54
CA ASN J 138 -85.83 10.06 14.51
C ASN J 138 -85.98 11.44 15.12
N ASN J 139 -85.06 12.34 14.77
CA ASN J 139 -85.17 13.78 15.02
C ASN J 139 -85.33 14.08 16.51
N PHE J 140 -84.24 13.86 17.25
CA PHE J 140 -84.22 14.11 18.69
C PHE J 140 -83.02 14.98 19.05
N TYR J 141 -83.07 15.54 20.26
CA TYR J 141 -82.01 16.35 20.85
C TYR J 141 -82.25 16.40 22.34
N PRO J 142 -81.20 16.31 23.18
CA PRO J 142 -79.79 16.14 22.83
C PRO J 142 -79.47 14.75 22.28
N ARG J 143 -78.21 14.56 21.90
CA ARG J 143 -77.78 13.34 21.22
C ARG J 143 -77.83 12.11 22.13
N GLU J 144 -77.84 12.29 23.45
CA GLU J 144 -77.77 11.16 24.37
C GLU J 144 -79.11 10.44 24.39
N ALA J 145 -79.11 9.20 23.91
CA ALA J 145 -80.32 8.35 23.92
C ALA J 145 -79.91 6.92 24.18
N LYS J 146 -80.71 6.22 24.99
CA LYS J 146 -80.47 4.83 25.36
C LYS J 146 -81.46 3.94 24.63
N VAL J 147 -80.94 2.94 23.91
CA VAL J 147 -81.76 1.97 23.18
C VAL J 147 -81.47 0.59 23.75
N GLN J 148 -82.50 -0.07 24.27
CA GLN J 148 -82.37 -1.42 24.81
C GLN J 148 -83.30 -2.37 24.07
N TRP J 149 -82.76 -3.53 23.68
CA TRP J 149 -83.51 -4.55 22.98
C TRP J 149 -84.01 -5.62 23.94
N LYS J 150 -85.22 -6.11 23.70
CA LYS J 150 -85.79 -7.21 24.46
C LYS J 150 -86.40 -8.22 23.50
N VAL J 151 -86.08 -9.49 23.68
CA VAL J 151 -86.62 -10.57 22.88
C VAL J 151 -87.32 -11.53 23.83
N ASP J 152 -88.65 -11.55 23.79
CA ASP J 152 -89.46 -12.29 24.75
C ASP J 152 -89.07 -11.90 26.18
N ASN J 153 -88.94 -10.59 26.40
CA ASN J 153 -88.59 -10.01 27.69
C ASN J 153 -87.22 -10.45 28.19
N ALA J 154 -86.34 -10.88 27.29
CA ALA J 154 -84.94 -11.16 27.61
C ALA J 154 -84.08 -10.03 27.05
N LEU J 155 -83.37 -9.35 27.94
CA LEU J 155 -82.57 -8.20 27.52
C LEU J 155 -81.40 -8.65 26.65
N GLN J 156 -81.25 -8.01 25.50
CA GLN J 156 -80.16 -8.31 24.58
C GLN J 156 -78.99 -7.36 24.85
N SER J 157 -77.79 -7.91 24.86
CA SER J 157 -76.58 -7.11 25.03
C SER J 157 -75.44 -7.75 24.25
N GLY J 158 -74.75 -6.93 23.46
CA GLY J 158 -73.61 -7.39 22.71
C GLY J 158 -73.91 -7.91 21.32
N ASN J 159 -75.19 -7.92 20.92
CA ASN J 159 -75.57 -8.33 19.57
C ASN J 159 -76.31 -7.22 18.82
N SER J 160 -76.26 -6.00 19.33
CA SER J 160 -76.84 -4.85 18.67
C SER J 160 -75.76 -3.82 18.39
N GLN J 161 -75.93 -3.07 17.31
CA GLN J 161 -75.04 -1.98 16.95
C GLN J 161 -75.85 -0.74 16.63
N GLU J 162 -75.31 0.42 17.01
CA GLU J 162 -75.98 1.69 16.84
C GLU J 162 -75.18 2.57 15.88
N SER J 163 -75.89 3.53 15.28
CA SER J 163 -75.27 4.54 14.43
C SER J 163 -76.06 5.82 14.60
N VAL J 164 -75.37 6.96 14.60
CA VAL J 164 -75.99 8.26 14.78
CA VAL J 164 -75.99 8.26 14.78
C VAL J 164 -75.61 9.15 13.60
N THR J 165 -76.59 9.84 13.04
CA THR J 165 -76.31 10.79 11.98
C THR J 165 -75.60 12.01 12.55
N GLU J 166 -74.95 12.77 11.67
CA GLU J 166 -74.50 14.08 12.07
C GLU J 166 -75.70 14.98 12.33
N GLN J 167 -75.46 16.07 13.05
CA GLN J 167 -76.52 17.00 13.34
C GLN J 167 -77.10 17.56 12.05
N ASP J 168 -78.42 17.69 12.02
CA ASP J 168 -79.12 18.12 10.82
C ASP J 168 -78.95 19.62 10.63
N SER J 169 -78.70 20.03 9.38
CA SER J 169 -78.35 21.41 9.09
C SER J 169 -79.54 22.36 9.17
N LYS J 170 -80.77 21.84 9.24
CA LYS J 170 -81.95 22.69 9.28
C LYS J 170 -82.55 22.77 10.68
N ASP J 171 -82.87 21.62 11.29
CA ASP J 171 -83.53 21.60 12.59
C ASP J 171 -82.60 21.21 13.73
N SER J 172 -81.32 20.93 13.45
CA SER J 172 -80.30 20.71 14.47
C SER J 172 -80.60 19.49 15.35
N THR J 173 -81.32 18.51 14.83
CA THR J 173 -81.60 17.29 15.58
C THR J 173 -80.70 16.15 15.11
N TYR J 174 -80.74 15.06 15.86
CA TYR J 174 -80.02 13.83 15.56
C TYR J 174 -80.99 12.72 15.22
N SER J 175 -80.45 11.63 14.67
CA SER J 175 -81.23 10.43 14.41
C SER J 175 -80.32 9.22 14.59
N LEU J 176 -80.86 8.18 15.22
CA LEU J 176 -80.09 7.00 15.58
C LEU J 176 -80.72 5.76 14.96
N SER J 177 -79.87 4.78 14.63
CA SER J 177 -80.30 3.52 14.06
C SER J 177 -79.62 2.38 14.81
N SER J 178 -80.40 1.54 15.47
CA SER J 178 -79.90 0.37 16.18
C SER J 178 -80.31 -0.89 15.43
N THR J 179 -79.35 -1.78 15.19
CA THR J 179 -79.60 -3.01 14.45
C THR J 179 -79.32 -4.20 15.38
N LEU J 180 -80.35 -5.03 15.59
CA LEU J 180 -80.21 -6.27 16.33
C LEU J 180 -80.04 -7.41 15.33
N THR J 181 -78.97 -8.18 15.49
CA THR J 181 -78.63 -9.26 14.58
C THR J 181 -78.84 -10.60 15.26
N LEU J 182 -79.64 -11.46 14.66
CA LEU J 182 -79.90 -12.81 15.16
C LEU J 182 -79.83 -13.81 14.01
N SER J 183 -79.60 -15.06 14.35
CA SER J 183 -79.69 -16.10 13.34
C SER J 183 -81.14 -16.34 12.97
N LYS J 184 -81.35 -16.88 11.76
CA LYS J 184 -82.69 -17.25 11.35
C LYS J 184 -83.30 -18.27 12.31
N ALA J 185 -82.48 -19.19 12.81
CA ALA J 185 -82.96 -20.18 13.77
C ALA J 185 -83.42 -19.50 15.06
N ASP J 186 -82.56 -18.66 15.65
CA ASP J 186 -82.92 -17.99 16.90
C ASP J 186 -84.11 -17.06 16.70
N TYR J 187 -84.16 -16.37 15.56
CA TYR J 187 -85.26 -15.43 15.32
C TYR J 187 -86.60 -16.15 15.25
N GLU J 188 -86.64 -17.34 14.68
CA GLU J 188 -87.90 -18.07 14.55
C GLU J 188 -88.37 -18.69 15.86
N LYS J 189 -87.52 -18.77 16.88
CA LYS J 189 -87.90 -19.37 18.14
C LYS J 189 -88.69 -18.43 19.04
N HIS J 190 -88.65 -17.13 18.77
CA HIS J 190 -89.20 -16.13 19.68
C HIS J 190 -90.30 -15.33 18.98
N LYS J 191 -91.00 -14.51 19.77
CA LYS J 191 -92.18 -13.83 19.25
C LYS J 191 -92.09 -12.31 19.39
N VAL J 192 -91.94 -11.83 20.62
CA VAL J 192 -92.03 -10.39 20.90
C VAL J 192 -90.65 -9.76 20.80
N TYR J 193 -90.47 -8.88 19.82
CA TYR J 193 -89.23 -8.14 19.62
C TYR J 193 -89.49 -6.68 19.91
N ALA J 194 -88.73 -6.10 20.84
CA ALA J 194 -88.98 -4.74 21.30
C ALA J 194 -87.68 -3.98 21.48
N CYS J 195 -87.70 -2.70 21.12
CA CYS J 195 -86.65 -1.77 21.51
C CYS J 195 -87.23 -0.71 22.44
N GLU J 196 -86.61 -0.54 23.59
CA GLU J 196 -87.03 0.43 24.59
C GLU J 196 -86.09 1.62 24.54
N VAL J 197 -86.64 2.82 24.41
CA VAL J 197 -85.88 4.04 24.21
C VAL J 197 -86.02 4.91 25.44
N THR J 198 -84.88 5.37 25.98
CA THR J 198 -84.83 6.33 27.08
C THR J 198 -84.17 7.60 26.57
N HIS J 199 -84.82 8.74 26.83
CA HIS J 199 -84.30 10.01 26.33
C HIS J 199 -84.85 11.14 27.18
N GLN J 200 -84.12 12.25 27.21
CA GLN J 200 -84.51 13.39 28.03
C GLN J 200 -85.86 13.96 27.62
N GLY J 201 -86.22 13.82 26.34
CA GLY J 201 -87.48 14.37 25.86
C GLY J 201 -88.71 13.52 26.16
N LEU J 202 -88.52 12.33 26.71
CA LEU J 202 -89.61 11.42 27.03
C LEU J 202 -89.85 11.41 28.54
N SER J 203 -91.13 11.44 28.93
CA SER J 203 -91.47 11.38 30.35
C SER J 203 -91.09 10.03 30.94
N SER J 204 -91.28 8.96 30.19
CA SER J 204 -90.90 7.62 30.60
C SER J 204 -90.47 6.85 29.36
N PRO J 205 -89.67 5.79 29.53
CA PRO J 205 -89.16 5.08 28.36
C PRO J 205 -90.27 4.59 27.44
N VAL J 206 -90.03 4.71 26.13
CA VAL J 206 -90.99 4.33 25.10
C VAL J 206 -90.54 3.00 24.50
N THR J 207 -91.49 2.08 24.36
CA THR J 207 -91.24 0.76 23.79
C THR J 207 -92.01 0.61 22.49
N LYS J 208 -91.31 0.26 21.41
CA LYS J 208 -91.91 -0.14 20.15
C LYS J 208 -91.62 -1.62 19.92
N SER J 209 -92.67 -2.40 19.69
CA SER J 209 -92.53 -3.85 19.60
C SER J 209 -93.44 -4.40 18.51
N PHE J 210 -93.10 -5.60 18.05
CA PHE J 210 -93.92 -6.35 17.11
C PHE J 210 -93.89 -7.83 17.48
N ASN J 211 -94.88 -8.57 16.99
CA ASN J 211 -94.97 -10.01 17.19
C ASN J 211 -94.67 -10.72 15.88
N ARG J 212 -93.66 -11.58 15.89
CA ARG J 212 -93.23 -12.29 14.69
C ARG J 212 -94.36 -13.08 14.04
#